data_3B4T
#
_entry.id   3B4T
#
_cell.length_a   73.529
_cell.length_b   152.406
_cell.length_c   83.512
_cell.angle_alpha   90.00
_cell.angle_beta   109.46
_cell.angle_gamma   90.00
#
_symmetry.space_group_name_H-M   'P 1 21 1'
#
loop_
_entity.id
_entity.type
_entity.pdbx_description
1 polymer 'Ribonuclease PH'
2 non-polymer 'PHOSPHATE ION'
3 water water
#
_entity_poly.entity_id   1
_entity_poly.type   'polypeptide(L)'
_entity_poly.pdbx_seq_one_letter_code
;GSHVSKREDGRLDHELRPVIITRGFTENPAGSVLIEFGHTKVLCTASVTEGVPRWRKATGLGWLTAEYAMLPSATHSRSD
RESVRGRLSGRTQEISRLIGRSLRACIDLAALGENTIAIDCDVLQADGGTRTAAITGAYVALADAVTYLSAAGKLSDPRP
LSCAIAAVSVGVVDGRIRVDLPYEEDSRAEVDMNVVATDTGTLVEIQGTGEGATFARSTLDKLLDMALGACDTLFAAQRD
ALALPYPGVLPQGPPPPKAFGT
;
_entity_poly.pdbx_strand_id   A,B,C,D,E,F
#
# COMPACT_ATOMS: atom_id res chain seq x y z
N SER A 5 4.05 -37.37 -33.17
CA SER A 5 3.85 -36.68 -31.89
C SER A 5 5.15 -36.19 -31.32
N LYS A 6 5.51 -34.95 -31.64
CA LYS A 6 6.76 -34.37 -31.18
C LYS A 6 6.56 -33.45 -29.97
N ARG A 7 5.49 -33.70 -29.21
CA ARG A 7 5.20 -32.90 -28.03
C ARG A 7 5.70 -33.57 -26.76
N GLU A 8 6.19 -32.77 -25.83
CA GLU A 8 6.83 -33.26 -24.61
C GLU A 8 5.96 -34.23 -23.82
N ASP A 9 4.65 -34.07 -23.91
CA ASP A 9 3.73 -34.94 -23.16
C ASP A 9 3.05 -35.99 -24.04
N GLY A 10 3.53 -36.16 -25.26
CA GLY A 10 3.05 -37.21 -26.15
C GLY A 10 1.85 -36.86 -27.00
N ARG A 11 1.35 -35.63 -26.85
CA ARG A 11 0.15 -35.21 -27.58
C ARG A 11 0.39 -34.88 -29.05
N LEU A 12 -0.66 -35.00 -29.85
CA LEU A 12 -0.66 -34.48 -31.21
C LEU A 12 -0.94 -32.98 -31.12
N ASP A 13 -0.60 -32.24 -32.17
CA ASP A 13 -0.72 -30.79 -32.16
C ASP A 13 -2.13 -30.31 -31.78
N HIS A 14 -3.15 -31.04 -32.24
CA HIS A 14 -4.54 -30.60 -32.05
C HIS A 14 -5.18 -31.17 -30.78
N GLU A 15 -4.45 -31.98 -30.04
CA GLU A 15 -5.00 -32.64 -28.86
C GLU A 15 -4.95 -31.79 -27.59
N LEU A 16 -6.03 -31.84 -26.81
CA LEU A 16 -6.06 -31.26 -25.47
C LEU A 16 -5.37 -32.21 -24.49
N ARG A 17 -4.87 -31.65 -23.39
CA ARG A 17 -4.39 -32.48 -22.28
C ARG A 17 -5.61 -33.15 -21.64
N PRO A 18 -5.38 -34.21 -20.87
CA PRO A 18 -6.51 -34.83 -20.16
C PRO A 18 -7.21 -33.81 -19.26
N VAL A 19 -8.53 -33.72 -19.40
CA VAL A 19 -9.30 -32.77 -18.61
C VAL A 19 -10.06 -33.50 -17.50
N ILE A 20 -9.89 -33.02 -16.26
CA ILE A 20 -10.61 -33.58 -15.14
C ILE A 20 -11.41 -32.49 -14.44
N ILE A 21 -12.72 -32.72 -14.30
CA ILE A 21 -13.60 -31.77 -13.64
C ILE A 21 -14.24 -32.45 -12.42
N THR A 22 -13.99 -31.88 -11.24
CA THR A 22 -14.55 -32.42 -10.02
C THR A 22 -15.44 -31.38 -9.33
N ARG A 23 -16.74 -31.56 -9.42
CA ARG A 23 -17.68 -30.66 -8.78
C ARG A 23 -17.75 -30.91 -7.28
N GLY A 24 -18.22 -29.90 -6.53
CA GLY A 24 -18.35 -30.00 -5.10
C GLY A 24 -17.04 -30.32 -4.37
N PHE A 25 -15.93 -29.80 -4.87
CA PHE A 25 -14.64 -30.04 -4.23
C PHE A 25 -14.62 -29.54 -2.79
N THR A 26 -15.19 -28.36 -2.57
CA THR A 26 -15.49 -27.89 -1.23
C THR A 26 -16.99 -27.66 -1.13
N GLU A 27 -17.51 -27.61 0.08
CA GLU A 27 -18.95 -27.68 0.29
C GLU A 27 -19.62 -26.37 0.70
N ASN A 28 -18.80 -25.40 1.10
CA ASN A 28 -19.34 -24.10 1.54
C ASN A 28 -19.97 -23.27 0.41
N PRO A 29 -19.26 -23.15 -0.74
CA PRO A 29 -19.80 -22.36 -1.86
C PRO A 29 -20.92 -23.07 -2.61
N ALA A 30 -21.77 -22.30 -3.28
CA ALA A 30 -22.85 -22.85 -4.09
C ALA A 30 -22.28 -23.68 -5.24
N GLY A 31 -21.14 -23.26 -5.73
CA GLY A 31 -20.41 -23.99 -6.75
C GLY A 31 -18.95 -24.08 -6.35
N SER A 32 -18.36 -25.25 -6.54
CA SER A 32 -16.97 -25.46 -6.18
C SER A 32 -16.36 -26.55 -7.06
N VAL A 33 -15.57 -26.13 -8.03
CA VAL A 33 -15.06 -27.05 -9.04
C VAL A 33 -13.55 -27.05 -9.11
N LEU A 34 -12.95 -28.22 -8.93
CA LEU A 34 -11.53 -28.37 -9.21
C LEU A 34 -11.39 -28.85 -10.64
N ILE A 35 -10.76 -28.03 -11.48
CA ILE A 35 -10.56 -28.40 -12.87
C ILE A 35 -9.08 -28.61 -13.16
N GLU A 36 -8.79 -29.61 -13.99
CA GLU A 36 -7.41 -29.94 -14.31
C GLU A 36 -7.20 -30.06 -15.82
N PHE A 37 -6.24 -29.30 -16.34
CA PHE A 37 -5.79 -29.45 -17.72
C PHE A 37 -4.42 -30.10 -17.64
N GLY A 38 -4.36 -31.41 -17.78
CA GLY A 38 -3.12 -32.11 -17.50
C GLY A 38 -2.67 -31.76 -16.09
N HIS A 39 -1.45 -31.25 -15.97
CA HIS A 39 -0.86 -30.96 -14.65
C HIS A 39 -1.31 -29.62 -14.05
N THR A 40 -1.96 -28.79 -14.86
CA THR A 40 -2.49 -27.53 -14.35
C THR A 40 -3.73 -27.78 -13.51
N LYS A 41 -3.79 -27.16 -12.34
CA LYS A 41 -4.90 -27.38 -11.42
C LYS A 41 -5.43 -26.07 -10.86
N VAL A 42 -6.73 -25.84 -11.02
CA VAL A 42 -7.35 -24.61 -10.56
C VAL A 42 -8.65 -24.90 -9.82
N LEU A 43 -8.81 -24.31 -8.63
CA LEU A 43 -10.05 -24.43 -7.87
C LEU A 43 -10.94 -23.24 -8.19
N CYS A 44 -12.09 -23.52 -8.83
CA CYS A 44 -13.00 -22.47 -9.24
C CYS A 44 -14.29 -22.51 -8.42
N THR A 45 -14.51 -21.50 -7.60
CA THR A 45 -15.70 -21.46 -6.76
C THR A 45 -16.65 -20.35 -7.16
N ALA A 46 -17.92 -20.50 -6.78
CA ALA A 46 -18.93 -19.51 -7.04
C ALA A 46 -19.73 -19.31 -5.76
N SER A 47 -19.53 -18.17 -5.12
CA SER A 47 -20.22 -17.86 -3.87
C SER A 47 -21.39 -16.93 -4.13
N VAL A 48 -22.55 -17.28 -3.58
CA VAL A 48 -23.76 -16.50 -3.78
C VAL A 48 -24.04 -15.57 -2.61
N THR A 49 -24.47 -14.36 -2.92
CA THR A 49 -24.82 -13.37 -1.91
C THR A 49 -26.20 -12.79 -2.20
N GLU A 50 -26.87 -12.30 -1.16
CA GLU A 50 -28.19 -11.71 -1.33
C GLU A 50 -28.10 -10.23 -1.66
N GLY A 51 -28.62 -9.84 -2.82
CA GLY A 51 -28.58 -8.46 -3.27
C GLY A 51 -27.41 -8.16 -4.19
N VAL A 52 -27.18 -6.88 -4.46
CA VAL A 52 -26.11 -6.44 -5.37
C VAL A 52 -25.50 -5.11 -4.87
N PRO A 53 -24.21 -4.88 -5.17
CA PRO A 53 -23.58 -3.59 -4.91
C PRO A 53 -23.59 -2.85 -6.21
N ALA A 58 -28.38 -1.65 -8.60
CA ALA A 58 -29.39 -0.82 -7.96
C ALA A 58 -30.64 -0.72 -8.83
N THR A 59 -30.58 -1.36 -10.00
CA THR A 59 -31.64 -1.25 -10.98
C THR A 59 -32.61 -2.42 -10.83
N GLY A 60 -32.05 -3.62 -10.69
CA GLY A 60 -32.86 -4.81 -10.48
C GLY A 60 -32.22 -6.01 -11.13
N LEU A 61 -30.96 -5.85 -11.53
CA LEU A 61 -30.23 -6.91 -12.20
C LEU A 61 -29.07 -7.37 -11.31
N GLY A 62 -28.88 -8.68 -11.22
CA GLY A 62 -27.82 -9.24 -10.41
C GLY A 62 -26.45 -8.84 -10.92
N TRP A 63 -25.41 -9.34 -10.27
CA TRP A 63 -24.05 -9.04 -10.71
C TRP A 63 -23.12 -10.23 -10.50
N LEU A 64 -22.11 -10.33 -11.36
CA LEU A 64 -21.10 -11.36 -11.23
C LEU A 64 -19.72 -10.73 -11.27
N THR A 65 -18.91 -11.02 -10.26
CA THR A 65 -17.53 -10.55 -10.22
C THR A 65 -16.59 -11.75 -10.28
N ALA A 66 -15.36 -11.52 -10.73
CA ALA A 66 -14.39 -12.60 -10.82
C ALA A 66 -13.02 -12.18 -10.31
N GLU A 67 -12.36 -13.09 -9.60
CA GLU A 67 -11.00 -12.86 -9.14
C GLU A 67 -10.16 -14.11 -9.37
N TYR A 68 -8.94 -13.90 -9.85
CA TYR A 68 -8.02 -14.98 -10.12
C TYR A 68 -6.74 -14.78 -9.31
N ALA A 69 -6.23 -15.86 -8.73
CA ALA A 69 -4.98 -15.80 -7.99
C ALA A 69 -4.19 -17.10 -8.10
N MET A 70 -2.89 -17.01 -7.90
CA MET A 70 -2.02 -18.18 -7.93
C MET A 70 -1.42 -18.41 -6.55
N LEU A 71 -1.59 -19.61 -6.01
CA LEU A 71 -0.92 -19.98 -4.77
C LEU A 71 0.58 -19.87 -5.02
N PRO A 72 1.33 -19.43 -4.00
CA PRO A 72 2.78 -19.21 -4.12
C PRO A 72 3.49 -20.44 -4.68
N SER A 73 3.09 -21.63 -4.25
CA SER A 73 3.77 -22.85 -4.63
C SER A 73 3.25 -23.44 -5.95
N ALA A 74 2.30 -22.74 -6.58
CA ALA A 74 1.73 -23.22 -7.82
C ALA A 74 2.76 -23.22 -8.94
N THR A 75 3.59 -22.17 -8.98
CA THR A 75 4.62 -22.06 -10.01
C THR A 75 5.79 -23.01 -9.76
N HIS A 76 6.58 -23.25 -10.79
CA HIS A 76 7.73 -24.15 -10.68
C HIS A 76 8.64 -23.69 -9.56
N SER A 77 8.98 -22.41 -9.56
CA SER A 77 9.69 -21.80 -8.44
C SER A 77 8.71 -20.92 -7.68
N ARG A 78 8.65 -21.10 -6.37
CA ARG A 78 7.70 -20.36 -5.54
C ARG A 78 7.67 -18.88 -5.86
N SER A 79 6.47 -18.34 -6.02
CA SER A 79 6.29 -16.90 -6.17
C SER A 79 5.76 -16.31 -4.86
N ASP A 80 5.95 -15.00 -4.68
CA ASP A 80 5.50 -14.35 -3.46
C ASP A 80 4.02 -14.02 -3.51
N ARG A 81 3.36 -14.07 -2.36
CA ARG A 81 1.96 -13.70 -2.26
C ARG A 81 1.77 -12.23 -2.58
N GLU A 82 0.69 -11.91 -3.30
CA GLU A 82 0.38 -10.53 -3.65
C GLU A 82 -0.05 -9.76 -2.41
N SER A 83 -0.62 -10.47 -1.45
CA SER A 83 -1.03 -9.86 -0.18
C SER A 83 0.20 -9.43 0.62
N VAL A 84 1.29 -10.18 0.48
CA VAL A 84 2.52 -9.89 1.20
C VAL A 84 3.26 -8.72 0.54
N ARG A 85 3.32 -8.75 -0.79
CA ARG A 85 3.87 -7.63 -1.55
C ARG A 85 3.04 -6.36 -1.37
N GLY A 86 1.75 -6.55 -1.10
CA GLY A 86 0.84 -5.43 -0.90
C GLY A 86 0.41 -4.78 -2.21
N ARG A 87 0.19 -5.61 -3.23
CA ARG A 87 -0.09 -5.12 -4.57
C ARG A 87 -0.53 -6.26 -5.48
N LEU A 88 -1.58 -6.02 -6.28
CA LEU A 88 -2.02 -6.96 -7.29
C LEU A 88 -1.18 -6.82 -8.55
N SER A 89 -0.74 -7.94 -9.11
CA SER A 89 0.01 -7.91 -10.37
C SER A 89 -0.92 -7.56 -11.52
N GLY A 90 -0.36 -6.94 -12.56
CA GLY A 90 -1.12 -6.61 -13.74
C GLY A 90 -1.70 -7.86 -14.38
N ARG A 91 -0.92 -8.93 -14.35
CA ARG A 91 -1.38 -10.22 -14.89
C ARG A 91 -2.66 -10.67 -14.18
N THR A 92 -2.66 -10.56 -12.86
CA THR A 92 -3.81 -10.96 -12.06
C THR A 92 -5.07 -10.17 -12.41
N GLN A 93 -4.95 -8.84 -12.44
CA GLN A 93 -6.10 -8.00 -12.77
C GLN A 93 -6.58 -8.25 -14.19
N GLU A 94 -5.64 -8.46 -15.10
CA GLU A 94 -5.96 -8.73 -16.49
C GLU A 94 -6.84 -9.99 -16.61
N ILE A 95 -6.40 -11.08 -15.99
CA ILE A 95 -7.15 -12.33 -16.02
C ILE A 95 -8.47 -12.24 -15.25
N SER A 96 -8.44 -11.59 -14.09
CA SER A 96 -9.63 -11.44 -13.27
C SER A 96 -10.76 -10.76 -14.06
N ARG A 97 -10.40 -9.71 -14.80
CA ARG A 97 -11.38 -8.95 -15.57
C ARG A 97 -11.93 -9.76 -16.75
N LEU A 98 -11.04 -10.49 -17.43
CA LEU A 98 -11.45 -11.33 -18.55
C LEU A 98 -12.41 -12.44 -18.12
N ILE A 99 -12.12 -13.08 -17.00
CA ILE A 99 -12.98 -14.15 -16.50
C ILE A 99 -14.39 -13.66 -16.23
N GLY A 100 -14.52 -12.51 -15.56
CA GLY A 100 -15.81 -11.96 -15.23
C GLY A 100 -16.56 -11.55 -16.48
N ARG A 101 -15.85 -10.92 -17.41
CA ARG A 101 -16.42 -10.51 -18.68
C ARG A 101 -16.89 -11.71 -19.50
N SER A 102 -16.11 -12.79 -19.48
CA SER A 102 -16.46 -13.99 -20.23
C SER A 102 -17.72 -14.66 -19.70
N LEU A 103 -17.83 -14.78 -18.39
CA LEU A 103 -18.99 -15.44 -17.79
C LEU A 103 -20.27 -14.63 -17.90
N ARG A 104 -20.14 -13.30 -17.83
CA ARG A 104 -21.32 -12.43 -17.91
C ARG A 104 -21.96 -12.46 -19.29
N ALA A 105 -21.19 -12.88 -20.29
CA ALA A 105 -21.67 -12.94 -21.66
C ALA A 105 -22.72 -14.03 -21.89
N CYS A 106 -22.83 -14.96 -20.95
CA CYS A 106 -23.75 -16.09 -21.09
C CYS A 106 -24.76 -16.16 -19.96
N ILE A 107 -24.82 -15.10 -19.15
CA ILE A 107 -25.75 -15.07 -18.02
C ILE A 107 -26.69 -13.87 -18.11
N ASP A 108 -27.99 -14.12 -17.97
CA ASP A 108 -28.98 -13.05 -17.96
C ASP A 108 -29.13 -12.54 -16.53
N LEU A 109 -28.48 -11.43 -16.24
CA LEU A 109 -28.40 -10.91 -14.87
C LEU A 109 -29.75 -10.41 -14.36
N ALA A 110 -30.61 -10.00 -15.29
CA ALA A 110 -31.98 -9.60 -14.94
C ALA A 110 -32.79 -10.83 -14.55
N ALA A 111 -32.78 -11.84 -15.41
CA ALA A 111 -33.46 -13.09 -15.13
C ALA A 111 -32.85 -13.81 -13.93
N LEU A 112 -31.69 -13.32 -13.51
CA LEU A 112 -31.02 -13.86 -12.32
C LEU A 112 -31.64 -13.29 -11.05
N GLY A 113 -32.19 -12.09 -11.17
CA GLY A 113 -32.71 -11.39 -10.01
C GLY A 113 -31.58 -10.63 -9.32
N GLU A 114 -31.90 -9.91 -8.26
CA GLU A 114 -30.88 -9.13 -7.55
C GLU A 114 -30.03 -10.00 -6.62
N ASN A 115 -29.25 -10.88 -7.22
CA ASN A 115 -28.29 -11.70 -6.51
C ASN A 115 -26.91 -11.47 -7.10
N THR A 116 -25.87 -11.52 -6.26
CA THR A 116 -24.51 -11.38 -6.76
C THR A 116 -23.72 -12.67 -6.62
N ILE A 117 -23.04 -13.06 -7.71
CA ILE A 117 -22.24 -14.26 -7.72
C ILE A 117 -20.77 -13.89 -7.79
N ALA A 118 -20.00 -14.36 -6.81
CA ALA A 118 -18.56 -14.08 -6.79
C ALA A 118 -17.78 -15.29 -7.25
N ILE A 119 -17.07 -15.14 -8.37
CA ILE A 119 -16.25 -16.20 -8.91
C ILE A 119 -14.81 -16.06 -8.41
N ASP A 120 -14.28 -17.14 -7.84
CA ASP A 120 -12.90 -17.15 -7.36
C ASP A 120 -12.13 -18.30 -8.00
N CYS A 121 -11.06 -17.96 -8.72
CA CYS A 121 -10.24 -18.96 -9.39
C CYS A 121 -8.84 -18.97 -8.82
N ASP A 122 -8.55 -19.98 -8.00
CA ASP A 122 -7.24 -20.07 -7.38
C ASP A 122 -6.42 -21.23 -7.93
N VAL A 123 -5.30 -20.90 -8.55
CA VAL A 123 -4.41 -21.90 -9.14
C VAL A 123 -3.64 -22.66 -8.06
N LEU A 124 -3.83 -23.98 -8.03
CA LEU A 124 -3.11 -24.82 -7.07
C LEU A 124 -1.79 -25.29 -7.67
N GLN A 125 -1.80 -25.53 -8.98
CA GLN A 125 -0.59 -25.92 -9.71
C GLN A 125 -0.63 -25.30 -11.10
N ALA A 126 0.50 -24.72 -11.52
CA ALA A 126 0.56 -24.00 -12.79
C ALA A 126 1.50 -24.65 -13.80
N ASP A 127 0.94 -25.12 -14.89
CA ASP A 127 1.72 -25.72 -15.96
C ASP A 127 1.16 -25.27 -17.30
N GLY A 128 0.91 -23.97 -17.42
CA GLY A 128 0.36 -23.40 -18.63
C GLY A 128 -1.15 -23.56 -18.72
N GLY A 129 -1.81 -22.63 -19.39
CA GLY A 129 -3.24 -22.69 -19.61
C GLY A 129 -4.07 -22.49 -18.36
N THR A 130 -3.51 -21.80 -17.37
CA THR A 130 -4.20 -21.64 -16.09
C THR A 130 -5.42 -20.72 -16.17
N ARG A 131 -5.36 -19.71 -17.04
CA ARG A 131 -6.48 -18.78 -17.14
C ARG A 131 -7.58 -19.35 -18.02
N THR A 132 -7.20 -20.16 -19.01
CA THR A 132 -8.20 -20.85 -19.83
C THR A 132 -8.87 -21.96 -19.01
N ALA A 133 -8.09 -22.65 -18.19
CA ALA A 133 -8.63 -23.65 -17.28
C ALA A 133 -9.56 -22.98 -16.27
N ALA A 134 -9.13 -21.84 -15.74
CA ALA A 134 -9.92 -21.09 -14.79
C ALA A 134 -11.30 -20.72 -15.35
N ILE A 135 -11.31 -20.21 -16.57
CA ILE A 135 -12.55 -19.83 -17.23
C ILE A 135 -13.45 -21.05 -17.46
N THR A 136 -12.85 -22.12 -18.00
CA THR A 136 -13.59 -23.35 -18.27
C THR A 136 -14.20 -23.93 -16.99
N GLY A 137 -13.45 -23.88 -15.90
CA GLY A 137 -13.94 -24.40 -14.62
C GLY A 137 -14.93 -23.47 -13.94
N ALA A 138 -14.72 -22.17 -14.10
CA ALA A 138 -15.60 -21.17 -13.49
C ALA A 138 -17.02 -21.29 -14.04
N TYR A 139 -17.16 -21.62 -15.31
CA TYR A 139 -18.49 -21.78 -15.88
C TYR A 139 -19.25 -22.92 -15.20
N VAL A 140 -18.56 -24.02 -14.94
CA VAL A 140 -19.20 -25.16 -14.27
C VAL A 140 -19.63 -24.76 -12.86
N ALA A 141 -18.75 -24.04 -12.17
CA ALA A 141 -19.06 -23.53 -10.83
C ALA A 141 -20.26 -22.59 -10.89
N LEU A 142 -20.28 -21.74 -11.92
CA LEU A 142 -21.38 -20.81 -12.14
C LEU A 142 -22.69 -21.57 -12.37
N ALA A 143 -22.63 -22.60 -13.19
CA ALA A 143 -23.79 -23.46 -13.45
C ALA A 143 -24.31 -24.09 -12.16
N ASP A 144 -23.40 -24.52 -11.30
CA ASP A 144 -23.80 -25.10 -10.02
C ASP A 144 -24.41 -24.04 -9.09
N ALA A 145 -23.84 -22.85 -9.10
CA ALA A 145 -24.41 -21.74 -8.32
C ALA A 145 -25.81 -21.42 -8.79
N VAL A 146 -26.04 -21.50 -10.10
CA VAL A 146 -27.36 -21.26 -10.66
C VAL A 146 -28.35 -22.36 -10.24
N THR A 147 -27.88 -23.59 -10.24
CA THR A 147 -28.69 -24.71 -9.78
C THR A 147 -29.09 -24.49 -8.32
N TYR A 148 -28.15 -24.01 -7.52
CA TYR A 148 -28.40 -23.71 -6.11
C TYR A 148 -29.47 -22.64 -5.94
N LEU A 149 -29.28 -21.52 -6.62
CA LEU A 149 -30.22 -20.39 -6.54
C LEU A 149 -31.61 -20.79 -7.02
N SER A 150 -31.65 -21.62 -8.06
CA SER A 150 -32.90 -22.09 -8.62
C SER A 150 -33.69 -22.87 -7.58
N ALA A 151 -33.01 -23.77 -6.89
CA ALA A 151 -33.64 -24.62 -5.88
C ALA A 151 -34.13 -23.79 -4.69
N ALA A 152 -33.37 -22.77 -4.34
CA ALA A 152 -33.72 -21.90 -3.22
C ALA A 152 -34.81 -20.91 -3.61
N GLY A 153 -35.19 -20.94 -4.89
CA GLY A 153 -36.24 -20.07 -5.39
C GLY A 153 -35.88 -18.59 -5.33
N LYS A 154 -34.63 -18.28 -5.62
CA LYS A 154 -34.15 -16.90 -5.58
C LYS A 154 -33.96 -16.32 -6.97
N LEU A 155 -34.51 -17.01 -7.98
CA LEU A 155 -34.35 -16.60 -9.36
C LEU A 155 -35.62 -15.98 -9.94
N SER A 156 -35.45 -14.87 -10.66
CA SER A 156 -36.57 -14.23 -11.34
C SER A 156 -36.98 -15.06 -12.55
N ASP A 157 -36.04 -15.86 -13.05
CA ASP A 157 -36.29 -16.79 -14.14
C ASP A 157 -35.47 -18.08 -13.96
N PRO A 158 -36.10 -19.23 -14.25
CA PRO A 158 -35.54 -20.56 -14.04
C PRO A 158 -34.25 -20.84 -14.80
N ARG A 159 -33.99 -20.10 -15.88
CA ARG A 159 -32.82 -20.37 -16.72
C ARG A 159 -32.10 -19.13 -17.23
N PRO A 160 -31.28 -18.53 -16.36
CA PRO A 160 -30.51 -17.32 -16.67
C PRO A 160 -29.36 -17.59 -17.64
N LEU A 161 -28.94 -18.84 -17.75
CA LEU A 161 -27.80 -19.20 -18.59
C LEU A 161 -28.23 -19.43 -20.04
N SER A 162 -27.69 -18.61 -20.94
CA SER A 162 -28.06 -18.66 -22.35
C SER A 162 -27.07 -19.47 -23.19
N CYS A 163 -25.89 -19.70 -22.64
CA CYS A 163 -24.89 -20.51 -23.32
C CYS A 163 -23.81 -21.00 -22.36
N ALA A 164 -22.90 -21.83 -22.87
CA ALA A 164 -21.79 -22.32 -22.07
C ALA A 164 -20.51 -21.61 -22.49
N ILE A 165 -19.64 -21.34 -21.53
CA ILE A 165 -18.38 -20.68 -21.81
C ILE A 165 -17.19 -21.61 -21.58
N ALA A 166 -16.29 -21.66 -22.55
CA ALA A 166 -15.04 -22.40 -22.38
C ALA A 166 -13.90 -21.63 -23.04
N ALA A 167 -12.68 -22.02 -22.74
CA ALA A 167 -11.52 -21.34 -23.31
C ALA A 167 -10.33 -22.27 -23.40
N VAL A 168 -9.48 -22.03 -24.38
CA VAL A 168 -8.25 -22.79 -24.54
C VAL A 168 -7.17 -21.90 -25.11
N SER A 169 -5.92 -22.20 -24.78
CA SER A 169 -4.79 -21.48 -25.35
C SER A 169 -4.40 -22.12 -26.66
N VAL A 170 -3.90 -21.30 -27.58
CA VAL A 170 -3.49 -21.78 -28.89
C VAL A 170 -2.35 -20.91 -29.36
N GLY A 171 -1.46 -21.46 -30.17
CA GLY A 171 -0.36 -20.67 -30.70
C GLY A 171 0.54 -21.40 -31.66
N VAL A 172 1.60 -20.71 -32.08
CA VAL A 172 2.61 -21.29 -32.95
C VAL A 172 3.83 -21.66 -32.14
N VAL A 173 4.03 -22.96 -31.93
CA VAL A 173 5.18 -23.46 -31.19
C VAL A 173 5.99 -24.39 -32.07
N ASP A 174 7.30 -24.16 -32.12
CA ASP A 174 8.18 -24.98 -32.95
C ASP A 174 7.68 -24.98 -34.40
N GLY A 175 7.14 -23.84 -34.83
CA GLY A 175 6.67 -23.67 -36.20
C GLY A 175 5.38 -24.41 -36.50
N ARG A 176 4.70 -24.90 -35.47
CA ARG A 176 3.46 -25.62 -35.66
C ARG A 176 2.34 -25.01 -34.83
N ILE A 177 1.12 -25.01 -35.37
CA ILE A 177 -0.04 -24.56 -34.63
C ILE A 177 -0.49 -25.64 -33.66
N ARG A 178 -0.51 -25.30 -32.38
CA ARG A 178 -0.81 -26.25 -31.32
C ARG A 178 -1.79 -25.67 -30.31
N VAL A 179 -2.57 -26.54 -29.67
CA VAL A 179 -3.58 -26.10 -28.72
C VAL A 179 -3.24 -26.56 -27.29
N ASP A 180 -3.63 -25.75 -26.30
CA ASP A 180 -3.48 -26.11 -24.89
C ASP A 180 -2.00 -26.30 -24.52
N LEU A 181 -1.27 -25.19 -24.48
CA LEU A 181 0.18 -25.21 -24.30
C LEU A 181 0.57 -25.31 -22.83
N PRO A 182 1.45 -26.27 -22.49
CA PRO A 182 2.00 -26.35 -21.13
C PRO A 182 3.03 -25.24 -20.89
N TYR A 183 3.57 -25.18 -19.68
CA TYR A 183 4.53 -24.13 -19.32
C TYR A 183 5.63 -23.97 -20.36
N GLU A 184 6.31 -25.07 -20.67
CA GLU A 184 7.48 -25.02 -21.54
C GLU A 184 7.15 -24.57 -22.97
N GLU A 185 6.04 -25.06 -23.51
CA GLU A 185 5.64 -24.68 -24.86
C GLU A 185 5.28 -23.21 -24.92
N ASP A 186 4.55 -22.74 -23.91
CA ASP A 186 4.14 -21.35 -23.84
C ASP A 186 5.34 -20.41 -23.80
N SER A 187 6.37 -20.78 -23.04
CA SER A 187 7.51 -19.90 -22.83
C SER A 187 8.38 -19.73 -24.08
N ARG A 188 8.16 -20.54 -25.10
CA ARG A 188 8.96 -20.45 -26.32
C ARG A 188 8.13 -20.23 -27.58
N ALA A 189 6.82 -20.07 -27.43
CA ALA A 189 5.93 -19.89 -28.57
C ALA A 189 6.18 -18.58 -29.30
N GLU A 190 6.26 -18.64 -30.63
CA GLU A 190 6.36 -17.44 -31.46
C GLU A 190 5.16 -16.56 -31.20
N VAL A 191 3.98 -17.15 -31.33
CA VAL A 191 2.71 -16.46 -31.14
C VAL A 191 1.83 -17.32 -30.26
N ASP A 192 1.12 -16.70 -29.32
CA ASP A 192 0.15 -17.44 -28.53
C ASP A 192 -0.96 -16.53 -28.03
N MET A 193 -2.12 -17.12 -27.77
CA MET A 193 -3.28 -16.36 -27.35
C MET A 193 -4.30 -17.28 -26.70
N ASN A 194 -5.20 -16.70 -25.93
CA ASN A 194 -6.27 -17.45 -25.31
C ASN A 194 -7.61 -17.16 -26.00
N VAL A 195 -8.22 -18.21 -26.53
CA VAL A 195 -9.50 -18.07 -27.22
C VAL A 195 -10.65 -18.43 -26.29
N VAL A 196 -11.55 -17.48 -26.07
CA VAL A 196 -12.73 -17.71 -25.25
C VAL A 196 -13.93 -17.80 -26.19
N ALA A 197 -14.69 -18.89 -26.09
CA ALA A 197 -15.83 -19.09 -26.97
C ALA A 197 -17.07 -19.54 -26.23
N THR A 198 -18.20 -19.54 -26.92
CA THR A 198 -19.43 -20.08 -26.39
C THR A 198 -19.73 -21.39 -27.09
N ASP A 199 -20.72 -22.13 -26.59
CA ASP A 199 -21.13 -23.38 -27.23
C ASP A 199 -22.25 -23.12 -28.25
N THR A 200 -22.42 -21.86 -28.64
CA THR A 200 -23.37 -21.52 -29.69
C THR A 200 -22.63 -21.02 -30.94
N GLY A 201 -21.39 -21.47 -31.09
CA GLY A 201 -20.58 -21.14 -32.26
C GLY A 201 -20.19 -19.68 -32.38
N THR A 202 -20.06 -18.99 -31.25
CA THR A 202 -19.65 -17.59 -31.26
C THR A 202 -18.40 -17.38 -30.41
N LEU A 203 -17.68 -16.29 -30.70
CA LEU A 203 -16.49 -15.94 -29.96
C LEU A 203 -16.77 -14.89 -28.89
N VAL A 204 -16.09 -15.00 -27.76
CA VAL A 204 -16.23 -14.04 -26.68
C VAL A 204 -15.04 -13.09 -26.68
N GLU A 205 -13.84 -13.65 -26.77
CA GLU A 205 -12.62 -12.86 -26.81
C GLU A 205 -11.41 -13.65 -27.27
N ILE A 206 -10.46 -12.94 -27.89
CA ILE A 206 -9.17 -13.53 -28.28
C ILE A 206 -8.08 -12.78 -27.53
N GLN A 207 -7.71 -13.29 -26.36
CA GLN A 207 -6.77 -12.60 -25.49
C GLN A 207 -5.31 -12.85 -25.87
N GLY A 208 -4.63 -11.79 -26.28
CA GLY A 208 -3.22 -11.87 -26.58
C GLY A 208 -2.40 -12.10 -25.32
N THR A 209 -1.43 -12.99 -25.39
CA THR A 209 -0.56 -13.26 -24.26
C THR A 209 0.91 -13.26 -24.68
N GLY A 210 1.80 -13.27 -23.70
CA GLY A 210 3.22 -13.31 -23.98
C GLY A 210 3.87 -11.95 -24.15
N GLU A 211 5.04 -11.94 -24.77
CA GLU A 211 5.84 -10.75 -24.91
C GLU A 211 5.30 -9.80 -25.98
N GLY A 212 4.66 -10.39 -26.99
CA GLY A 212 4.11 -9.62 -28.09
C GLY A 212 4.66 -10.08 -29.43
N ALA A 213 3.78 -10.32 -30.38
CA ALA A 213 4.19 -10.80 -31.69
C ALA A 213 3.18 -10.43 -32.78
N THR A 214 3.61 -10.54 -34.03
CA THR A 214 2.72 -10.31 -35.16
C THR A 214 2.37 -11.64 -35.82
N PHE A 215 1.22 -11.69 -36.47
CA PHE A 215 0.80 -12.90 -37.16
C PHE A 215 -0.10 -12.55 -38.34
N ALA A 216 0.04 -13.31 -39.43
CA ALA A 216 -0.80 -13.11 -40.60
C ALA A 216 -2.24 -13.42 -40.26
N ARG A 217 -3.15 -12.84 -41.03
CA ARG A 217 -4.58 -13.05 -40.83
C ARG A 217 -4.94 -14.51 -41.11
N SER A 218 -4.24 -15.12 -42.06
CA SER A 218 -4.46 -16.51 -42.41
C SER A 218 -4.06 -17.42 -41.25
N THR A 219 -3.03 -17.00 -40.50
CA THR A 219 -2.59 -17.74 -39.32
C THR A 219 -3.64 -17.64 -38.22
N LEU A 220 -4.20 -16.45 -38.03
CA LEU A 220 -5.26 -16.26 -37.05
C LEU A 220 -6.43 -17.20 -37.33
N ASP A 221 -6.82 -17.30 -38.60
CA ASP A 221 -7.92 -18.17 -38.98
C ASP A 221 -7.63 -19.63 -38.63
N LYS A 222 -6.38 -20.04 -38.79
CA LYS A 222 -5.97 -21.40 -38.44
C LYS A 222 -5.97 -21.58 -36.93
N LEU A 223 -5.53 -20.55 -36.22
CA LEU A 223 -5.48 -20.60 -34.76
C LEU A 223 -6.90 -20.74 -34.20
N LEU A 224 -7.83 -19.97 -34.76
CA LEU A 224 -9.21 -20.02 -34.33
C LEU A 224 -9.85 -21.37 -34.65
N ASP A 225 -9.57 -21.89 -35.85
CA ASP A 225 -10.07 -23.20 -36.26
C ASP A 225 -9.74 -24.27 -35.23
N MET A 226 -8.46 -24.39 -34.89
CA MET A 226 -8.02 -25.44 -33.96
C MET A 226 -8.49 -25.16 -32.53
N ALA A 227 -8.47 -23.90 -32.12
CA ALA A 227 -8.92 -23.54 -30.77
C ALA A 227 -10.40 -23.87 -30.59
N LEU A 228 -11.22 -23.48 -31.56
CA LEU A 228 -12.65 -23.73 -31.47
C LEU A 228 -12.96 -25.22 -31.53
N GLY A 229 -12.16 -25.98 -32.26
CA GLY A 229 -12.31 -27.41 -32.32
C GLY A 229 -12.00 -28.04 -30.98
N ALA A 230 -11.04 -27.47 -30.26
CA ALA A 230 -10.67 -27.98 -28.95
C ALA A 230 -11.72 -27.59 -27.91
N CYS A 231 -12.33 -26.42 -28.08
CA CYS A 231 -13.38 -25.96 -27.17
C CYS A 231 -14.60 -26.88 -27.18
N ASP A 232 -14.87 -27.52 -28.32
CA ASP A 232 -15.98 -28.47 -28.42
C ASP A 232 -15.78 -29.62 -27.44
N THR A 233 -14.56 -30.13 -27.39
CA THR A 233 -14.20 -31.15 -26.41
C THR A 233 -14.43 -30.63 -24.99
N LEU A 234 -14.02 -29.38 -24.73
CA LEU A 234 -14.20 -28.78 -23.41
C LEU A 234 -15.69 -28.69 -23.04
N PHE A 235 -16.50 -28.28 -24.00
CA PHE A 235 -17.94 -28.16 -23.77
C PHE A 235 -18.56 -29.51 -23.42
N ALA A 236 -18.06 -30.57 -24.07
CA ALA A 236 -18.54 -31.92 -23.77
C ALA A 236 -18.11 -32.36 -22.37
N ALA A 237 -16.88 -32.01 -22.00
CA ALA A 237 -16.37 -32.34 -20.67
C ALA A 237 -17.18 -31.66 -19.59
N GLN A 238 -17.56 -30.40 -19.83
CA GLN A 238 -18.42 -29.66 -18.92
C GLN A 238 -19.79 -30.31 -18.81
N ARG A 239 -20.39 -30.64 -19.96
CA ARG A 239 -21.67 -31.32 -19.99
C ARG A 239 -21.63 -32.63 -19.20
N ASP A 240 -20.65 -33.47 -19.49
CA ASP A 240 -20.53 -34.76 -18.81
C ASP A 240 -20.41 -34.62 -17.30
N ALA A 241 -19.74 -33.58 -16.84
CA ALA A 241 -19.59 -33.34 -15.41
C ALA A 241 -20.89 -32.84 -14.79
N LEU A 242 -21.59 -31.97 -15.52
CA LEU A 242 -22.83 -31.39 -15.02
C LEU A 242 -23.99 -32.38 -15.09
N ALA A 243 -23.80 -33.46 -15.84
CA ALA A 243 -24.81 -34.50 -15.95
C ALA A 243 -24.91 -35.30 -14.66
N LEU A 244 -23.85 -35.24 -13.85
CA LEU A 244 -23.82 -35.90 -12.56
C LEU A 244 -24.75 -35.17 -11.58
N PRO A 245 -25.13 -35.84 -10.49
CA PRO A 245 -25.97 -35.22 -9.46
C PRO A 245 -25.27 -34.03 -8.80
N TYR A 246 -26.04 -33.03 -8.41
CA TYR A 246 -25.48 -31.90 -7.66
C TYR A 246 -24.88 -32.42 -6.36
N PRO A 247 -23.58 -32.16 -6.15
CA PRO A 247 -22.80 -32.65 -5.02
C PRO A 247 -23.28 -32.14 -3.65
N GLY A 248 -24.15 -31.13 -3.64
CA GLY A 248 -24.65 -30.57 -2.39
C GLY A 248 -26.13 -30.83 -2.17
N VAL A 249 -26.69 -30.24 -1.12
CA VAL A 249 -28.10 -30.42 -0.80
C VAL A 249 -28.94 -29.17 -1.06
N LEU A 250 -29.40 -29.02 -2.29
CA LEU A 250 -30.22 -27.88 -2.68
C LEU A 250 -31.30 -27.59 -1.65
N PRO A 251 -31.43 -26.31 -1.26
CA PRO A 251 -32.45 -25.89 -0.27
C PRO A 251 -33.85 -26.39 -0.62
N LYS B 6 -25.62 9.94 -41.61
CA LYS B 6 -24.31 10.28 -41.04
C LYS B 6 -24.31 10.21 -39.52
N ARG B 7 -23.13 9.99 -38.95
CA ARG B 7 -22.99 9.90 -37.50
C ARG B 7 -23.28 11.24 -36.82
N GLU B 8 -22.99 11.31 -35.53
CA GLU B 8 -23.22 12.54 -34.77
C GLU B 8 -22.17 13.59 -35.09
N ASP B 9 -20.95 13.14 -35.37
CA ASP B 9 -19.86 14.05 -35.70
C ASP B 9 -19.77 14.30 -37.20
N GLY B 10 -20.84 13.96 -37.91
CA GLY B 10 -20.89 14.15 -39.35
C GLY B 10 -20.05 13.16 -40.15
N ARG B 11 -19.36 12.26 -39.45
CA ARG B 11 -18.50 11.29 -40.12
C ARG B 11 -19.30 10.21 -40.83
N LEU B 12 -18.69 9.63 -41.85
CA LEU B 12 -19.20 8.42 -42.48
C LEU B 12 -18.79 7.22 -41.62
N ASP B 13 -19.39 6.07 -41.88
CA ASP B 13 -19.14 4.88 -41.06
C ASP B 13 -17.68 4.44 -41.09
N HIS B 14 -17.01 4.60 -42.22
CA HIS B 14 -15.64 4.14 -42.37
C HIS B 14 -14.62 5.22 -42.08
N GLU B 15 -15.07 6.37 -41.60
CA GLU B 15 -14.18 7.50 -41.43
C GLU B 15 -13.59 7.63 -40.04
N LEU B 16 -12.28 7.86 -39.99
CA LEU B 16 -11.59 8.19 -38.76
C LEU B 16 -11.90 9.64 -38.38
N ARG B 17 -11.87 9.93 -37.09
CA ARG B 17 -11.91 11.31 -36.64
C ARG B 17 -10.64 12.01 -37.12
N PRO B 18 -10.63 13.35 -37.10
CA PRO B 18 -9.39 14.07 -37.44
C PRO B 18 -8.24 13.61 -36.56
N VAL B 19 -7.14 13.18 -37.18
CA VAL B 19 -5.96 12.74 -36.43
C VAL B 19 -4.87 13.81 -36.49
N ILE B 20 -4.42 14.24 -35.32
CA ILE B 20 -3.34 15.23 -35.25
C ILE B 20 -2.17 14.65 -34.46
N ILE B 21 -1.01 14.59 -35.10
CA ILE B 21 0.20 14.06 -34.47
C ILE B 21 1.27 15.14 -34.33
N THR B 22 1.59 15.50 -33.09
CA THR B 22 2.58 16.55 -32.83
C THR B 22 3.82 16.01 -32.13
N ARG B 23 4.89 15.82 -32.88
CA ARG B 23 6.14 15.37 -32.30
C ARG B 23 6.80 16.47 -31.48
N GLY B 24 7.67 16.08 -30.56
CA GLY B 24 8.40 17.01 -29.72
C GLY B 24 7.53 17.93 -28.88
N PHE B 25 6.38 17.44 -28.43
CA PHE B 25 5.49 18.23 -27.60
C PHE B 25 6.18 18.65 -26.30
N THR B 26 7.04 17.77 -25.78
CA THR B 26 7.93 18.10 -24.70
C THR B 26 9.36 17.75 -25.14
N GLU B 27 10.36 18.28 -24.44
CA GLU B 27 11.73 18.18 -24.92
C GLU B 27 12.61 17.16 -24.19
N ASN B 28 12.28 16.88 -22.93
CA ASN B 28 13.10 15.97 -22.13
C ASN B 28 13.15 14.53 -22.64
N PRO B 29 11.98 13.95 -22.96
CA PRO B 29 11.98 12.58 -23.46
C PRO B 29 12.55 12.50 -24.88
N ALA B 30 13.21 11.40 -25.21
CA ALA B 30 13.72 11.18 -26.55
C ALA B 30 12.57 11.22 -27.57
N GLY B 31 11.42 10.72 -27.14
CA GLY B 31 10.22 10.78 -27.95
C GLY B 31 9.09 11.40 -27.15
N SER B 32 8.37 12.33 -27.77
CA SER B 32 7.27 13.02 -27.09
C SER B 32 6.22 13.42 -28.12
N VAL B 33 5.10 12.71 -28.11
CA VAL B 33 4.08 12.91 -29.15
C VAL B 33 2.71 13.14 -28.56
N LEU B 34 2.12 14.28 -28.88
CA LEU B 34 0.73 14.54 -28.52
C LEU B 34 -0.15 14.12 -29.69
N ILE B 35 -0.92 13.05 -29.50
CA ILE B 35 -1.80 12.57 -30.56
C ILE B 35 -3.25 12.82 -30.20
N GLU B 36 -4.04 13.20 -31.20
CA GLU B 36 -5.45 13.49 -30.99
C GLU B 36 -6.32 12.73 -31.98
N PHE B 37 -7.24 11.92 -31.47
CA PHE B 37 -8.30 11.32 -32.27
C PHE B 37 -9.56 12.10 -31.97
N GLY B 38 -9.82 13.15 -32.74
CA GLY B 38 -10.92 14.05 -32.42
C GLY B 38 -10.67 14.70 -31.08
N HIS B 39 -11.65 14.65 -30.18
CA HIS B 39 -11.50 15.27 -28.86
C HIS B 39 -10.63 14.44 -27.91
N THR B 40 -10.36 13.20 -28.28
CA THR B 40 -9.45 12.37 -27.49
C THR B 40 -8.01 12.83 -27.67
N LYS B 41 -7.36 13.16 -26.55
CA LYS B 41 -5.98 13.65 -26.56
C LYS B 41 -5.13 12.82 -25.63
N VAL B 42 -4.01 12.30 -26.14
CA VAL B 42 -3.11 11.50 -25.34
C VAL B 42 -1.67 11.93 -25.59
N LEU B 43 -0.92 12.15 -24.51
CA LEU B 43 0.50 12.46 -24.63
C LEU B 43 1.33 11.19 -24.47
N CYS B 44 2.02 10.81 -25.53
CA CYS B 44 2.80 9.58 -25.55
C CYS B 44 4.29 9.88 -25.59
N THR B 45 5.01 9.46 -24.56
CA THR B 45 6.44 9.72 -24.48
C THR B 45 7.26 8.43 -24.44
N ALA B 46 8.44 8.49 -25.03
CA ALA B 46 9.37 7.37 -24.99
C ALA B 46 10.68 7.81 -24.33
N SER B 47 10.90 7.32 -23.11
CA SER B 47 12.09 7.69 -22.35
C SER B 47 13.15 6.60 -22.44
N VAL B 48 14.38 7.00 -22.74
CA VAL B 48 15.48 6.06 -22.89
C VAL B 48 16.39 6.05 -21.66
N THR B 49 16.87 4.86 -21.29
CA THR B 49 17.83 4.72 -20.21
C THR B 49 18.91 3.72 -20.59
N GLU B 50 20.03 3.74 -19.88
CA GLU B 50 21.11 2.80 -20.14
C GLU B 50 21.04 1.64 -19.16
N GLY B 51 20.88 0.43 -19.68
CA GLY B 51 20.88 -0.76 -18.85
C GLY B 51 19.51 -1.39 -18.66
N VAL B 52 19.37 -2.62 -19.14
CA VAL B 52 18.15 -3.40 -18.94
C VAL B 52 18.07 -3.81 -17.48
N PRO B 53 16.85 -4.05 -16.96
CA PRO B 53 16.72 -4.49 -15.58
C PRO B 53 17.12 -5.96 -15.41
N LEU B 61 20.18 -8.18 -24.89
CA LEU B 61 18.77 -7.93 -25.20
C LEU B 61 18.22 -6.77 -24.39
N GLY B 62 17.69 -5.76 -25.08
CA GLY B 62 17.11 -4.61 -24.43
C GLY B 62 15.69 -4.89 -23.98
N TRP B 63 15.04 -3.85 -23.45
CA TRP B 63 13.67 -4.01 -22.94
C TRP B 63 12.81 -2.80 -23.25
N LEU B 64 11.50 -3.01 -23.24
CA LEU B 64 10.54 -1.92 -23.42
C LEU B 64 9.37 -2.11 -22.47
N THR B 65 9.13 -1.12 -21.63
CA THR B 65 7.99 -1.13 -20.73
C THR B 65 6.96 -0.13 -21.22
N ALA B 66 5.70 -0.31 -20.81
CA ALA B 66 4.64 0.60 -21.23
C ALA B 66 3.66 0.85 -20.09
N GLU B 67 3.41 2.13 -19.80
CA GLU B 67 2.46 2.50 -18.78
C GLU B 67 1.41 3.46 -19.33
N TYR B 68 0.15 3.17 -19.03
CA TYR B 68 -0.97 3.97 -19.46
C TYR B 68 -1.67 4.56 -18.25
N ALA B 69 -2.14 5.79 -18.37
CA ALA B 69 -2.85 6.43 -17.27
C ALA B 69 -3.72 7.56 -17.79
N MET B 70 -4.75 7.89 -17.02
CA MET B 70 -5.64 8.99 -17.37
C MET B 70 -5.57 10.07 -16.30
N LEU B 71 -5.46 11.32 -16.72
CA LEU B 71 -5.56 12.44 -15.78
C LEU B 71 -6.95 12.41 -15.16
N PRO B 72 -7.06 12.81 -13.89
CA PRO B 72 -8.35 12.79 -13.18
C PRO B 72 -9.46 13.49 -13.94
N SER B 73 -9.13 14.55 -14.68
CA SER B 73 -10.13 15.37 -15.35
C SER B 73 -10.42 14.91 -16.78
N ALA B 74 -9.69 13.92 -17.26
CA ALA B 74 -9.81 13.46 -18.63
C ALA B 74 -11.22 12.95 -18.95
N THR B 75 -11.86 12.33 -17.97
CA THR B 75 -13.19 11.77 -18.14
C THR B 75 -14.27 12.82 -17.88
N HIS B 76 -15.50 12.54 -18.30
CA HIS B 76 -16.59 13.49 -18.14
C HIS B 76 -16.72 13.92 -16.69
N SER B 77 -16.74 12.93 -15.79
CA SER B 77 -16.69 13.19 -14.37
C SER B 77 -15.28 12.87 -13.86
N ARG B 78 -14.76 13.70 -12.98
CA ARG B 78 -13.41 13.50 -12.47
C ARG B 78 -13.30 12.16 -11.74
N SER B 79 -12.22 11.44 -12.02
CA SER B 79 -11.93 10.21 -11.31
C SER B 79 -10.81 10.41 -10.30
N ASP B 80 -10.77 9.57 -9.28
CA ASP B 80 -9.76 9.65 -8.24
C ASP B 80 -8.37 9.32 -8.81
N ARG B 81 -7.37 10.09 -8.40
CA ARG B 81 -6.00 9.79 -8.80
C ARG B 81 -5.59 8.45 -8.19
N GLU B 82 -4.98 7.60 -8.99
CA GLU B 82 -4.60 6.26 -8.53
C GLU B 82 -3.52 6.31 -7.46
N SER B 83 -2.65 7.31 -7.53
CA SER B 83 -1.61 7.49 -6.53
C SER B 83 -2.24 7.83 -5.18
N VAL B 84 -3.28 8.65 -5.22
CA VAL B 84 -3.99 9.05 -4.01
C VAL B 84 -4.81 7.88 -3.47
N ARG B 85 -5.47 7.18 -4.36
CA ARG B 85 -6.26 6.01 -4.00
C ARG B 85 -5.35 4.93 -3.43
N GLY B 86 -4.12 4.86 -3.92
CA GLY B 86 -3.14 3.93 -3.40
C GLY B 86 -2.99 2.64 -4.19
N ARG B 87 -3.56 2.59 -5.39
CA ARG B 87 -3.46 1.40 -6.23
C ARG B 87 -3.90 1.68 -7.67
N LEU B 88 -3.35 0.89 -8.61
CA LEU B 88 -3.72 0.97 -10.01
C LEU B 88 -5.08 0.31 -10.23
N SER B 89 -5.88 0.89 -11.11
CA SER B 89 -7.15 0.27 -11.47
C SER B 89 -6.89 -0.92 -12.40
N GLY B 90 -7.83 -1.86 -12.44
CA GLY B 90 -7.70 -3.02 -13.30
C GLY B 90 -7.61 -2.64 -14.76
N ARG B 91 -8.45 -1.69 -15.18
CA ARG B 91 -8.43 -1.18 -16.55
C ARG B 91 -7.05 -0.64 -16.91
N THR B 92 -6.47 0.16 -16.02
CA THR B 92 -5.15 0.72 -16.23
C THR B 92 -4.12 -0.37 -16.54
N GLN B 93 -4.11 -1.41 -15.70
CA GLN B 93 -3.20 -2.54 -15.89
C GLN B 93 -3.46 -3.25 -17.20
N GLU B 94 -4.74 -3.48 -17.51
CA GLU B 94 -5.13 -4.10 -18.76
C GLU B 94 -4.57 -3.35 -19.96
N ILE B 95 -4.80 -2.05 -20.02
CA ILE B 95 -4.35 -1.25 -21.15
C ILE B 95 -2.83 -1.16 -21.23
N SER B 96 -2.18 -0.91 -20.10
CA SER B 96 -0.73 -0.82 -20.05
C SER B 96 -0.08 -2.05 -20.68
N ARG B 97 -0.58 -3.22 -20.33
CA ARG B 97 -0.02 -4.48 -20.83
C ARG B 97 -0.27 -4.66 -22.33
N LEU B 98 -1.46 -4.25 -22.78
CA LEU B 98 -1.76 -4.25 -24.21
C LEU B 98 -0.76 -3.40 -24.99
N ILE B 99 -0.51 -2.19 -24.50
CA ILE B 99 0.42 -1.29 -25.17
C ILE B 99 1.82 -1.88 -25.22
N GLY B 100 2.27 -2.43 -24.09
CA GLY B 100 3.56 -3.08 -24.02
C GLY B 100 3.70 -4.22 -25.03
N ARG B 101 2.68 -5.06 -25.14
CA ARG B 101 2.69 -6.14 -26.12
C ARG B 101 2.73 -5.58 -27.53
N SER B 102 1.88 -4.59 -27.80
CA SER B 102 1.76 -4.03 -29.14
C SER B 102 3.08 -3.45 -29.66
N LEU B 103 3.78 -2.70 -28.82
CA LEU B 103 5.01 -2.04 -29.26
C LEU B 103 6.19 -3.00 -29.42
N ARG B 104 6.28 -3.99 -28.53
CA ARG B 104 7.38 -4.95 -28.59
C ARG B 104 7.31 -5.83 -29.85
N ALA B 105 6.12 -5.96 -30.41
CA ALA B 105 5.90 -6.82 -31.58
C ALA B 105 6.67 -6.34 -32.80
N CYS B 106 6.96 -5.05 -32.87
CA CYS B 106 7.60 -4.49 -34.07
C CYS B 106 9.00 -3.93 -33.83
N ILE B 107 9.57 -4.25 -32.66
CA ILE B 107 10.93 -3.81 -32.38
C ILE B 107 11.83 -5.00 -32.03
N ASP B 108 13.00 -5.05 -32.67
CA ASP B 108 13.98 -6.09 -32.40
C ASP B 108 14.83 -5.70 -31.20
N LEU B 109 14.49 -6.23 -30.04
CA LEU B 109 15.14 -5.85 -28.79
C LEU B 109 16.63 -6.22 -28.75
N ALA B 110 17.06 -7.05 -29.70
CA ALA B 110 18.46 -7.42 -29.80
C ALA B 110 19.24 -6.35 -30.55
N ALA B 111 18.57 -5.69 -31.50
CA ALA B 111 19.18 -4.62 -32.26
C ALA B 111 19.23 -3.34 -31.43
N LEU B 112 18.47 -3.32 -30.34
CA LEU B 112 18.39 -2.15 -29.47
C LEU B 112 19.56 -2.12 -28.50
N GLY B 113 20.25 -3.26 -28.37
CA GLY B 113 21.32 -3.38 -27.39
C GLY B 113 20.75 -3.46 -26.00
N GLU B 114 21.59 -3.37 -24.98
CA GLU B 114 21.12 -3.44 -23.60
C GLU B 114 20.54 -2.12 -23.13
N ASN B 115 19.57 -1.61 -23.87
CA ASN B 115 18.89 -0.37 -23.53
C ASN B 115 17.48 -0.62 -23.02
N THR B 116 16.90 0.37 -22.36
CA THR B 116 15.52 0.29 -21.91
C THR B 116 14.72 1.49 -22.39
N ILE B 117 13.58 1.21 -23.01
CA ILE B 117 12.69 2.28 -23.46
C ILE B 117 11.38 2.22 -22.68
N ALA B 118 11.12 3.27 -21.91
CA ALA B 118 9.89 3.34 -21.10
C ALA B 118 8.83 4.19 -21.82
N ILE B 119 7.74 3.53 -22.20
CA ILE B 119 6.65 4.20 -22.89
C ILE B 119 5.60 4.67 -21.90
N ASP B 120 5.25 5.95 -21.97
CA ASP B 120 4.23 6.53 -21.10
C ASP B 120 3.11 7.14 -21.91
N CYS B 121 1.88 6.70 -21.66
CA CYS B 121 0.72 7.26 -22.35
C CYS B 121 -0.25 7.84 -21.33
N ASP B 122 -0.30 9.17 -21.30
CA ASP B 122 -1.16 9.86 -20.35
C ASP B 122 -2.30 10.57 -21.06
N VAL B 123 -3.52 10.11 -20.81
CA VAL B 123 -4.69 10.66 -21.46
C VAL B 123 -5.07 12.00 -20.86
N LEU B 124 -5.06 13.04 -21.70
CA LEU B 124 -5.42 14.38 -21.25
C LEU B 124 -6.91 14.58 -21.37
N GLN B 125 -7.51 13.99 -22.39
CA GLN B 125 -8.96 14.02 -22.58
C GLN B 125 -9.44 12.72 -23.20
N ALA B 126 -10.51 12.16 -22.63
CA ALA B 126 -11.01 10.86 -23.08
C ALA B 126 -12.39 10.99 -23.71
N ASP B 127 -12.47 10.71 -25.01
CA ASP B 127 -13.73 10.71 -25.71
C ASP B 127 -13.83 9.45 -26.58
N GLY B 128 -13.39 8.33 -26.02
CA GLY B 128 -13.40 7.06 -26.73
C GLY B 128 -12.13 6.82 -27.53
N GLY B 129 -11.72 5.56 -27.62
CA GLY B 129 -10.56 5.19 -28.41
C GLY B 129 -9.23 5.68 -27.83
N THR B 130 -9.17 5.84 -26.52
CA THR B 130 -7.95 6.35 -25.89
C THR B 130 -6.80 5.36 -25.96
N ARG B 131 -7.09 4.07 -25.84
CA ARG B 131 -6.03 3.07 -25.87
C ARG B 131 -5.48 2.85 -27.28
N THR B 132 -6.34 2.99 -28.29
CA THR B 132 -5.88 2.84 -29.67
C THR B 132 -5.13 4.09 -30.14
N ALA B 133 -5.63 5.26 -29.74
CA ALA B 133 -4.91 6.50 -30.01
C ALA B 133 -3.53 6.44 -29.34
N ALA B 134 -3.51 5.97 -28.09
CA ALA B 134 -2.28 5.85 -27.33
C ALA B 134 -1.25 4.96 -28.03
N ILE B 135 -1.69 3.81 -28.53
CA ILE B 135 -0.79 2.91 -29.24
C ILE B 135 -0.26 3.55 -30.51
N THR B 136 -1.15 4.19 -31.26
CA THR B 136 -0.78 4.84 -32.51
C THR B 136 0.26 5.94 -32.29
N GLY B 137 0.08 6.73 -31.24
CA GLY B 137 0.99 7.80 -30.93
C GLY B 137 2.27 7.31 -30.27
N ALA B 138 2.13 6.26 -29.46
CA ALA B 138 3.29 5.67 -28.79
C ALA B 138 4.30 5.15 -29.80
N TYR B 139 3.84 4.65 -30.94
CA TYR B 139 4.76 4.14 -31.95
C TYR B 139 5.63 5.25 -32.52
N VAL B 140 5.02 6.40 -32.79
CA VAL B 140 5.76 7.55 -33.29
C VAL B 140 6.81 7.99 -32.28
N ALA B 141 6.42 8.03 -31.01
CA ALA B 141 7.33 8.35 -29.93
C ALA B 141 8.48 7.34 -29.89
N LEU B 142 8.15 6.07 -30.11
CA LEU B 142 9.15 5.02 -30.12
C LEU B 142 10.12 5.21 -31.28
N ALA B 143 9.60 5.64 -32.43
CA ALA B 143 10.43 5.89 -33.59
C ALA B 143 11.43 7.00 -33.31
N ASP B 144 10.96 8.07 -32.66
CA ASP B 144 11.82 9.19 -32.30
C ASP B 144 12.89 8.78 -31.29
N ALA B 145 12.51 7.98 -30.31
CA ALA B 145 13.46 7.47 -29.32
C ALA B 145 14.56 6.66 -30.00
N VAL B 146 14.17 5.85 -30.98
CA VAL B 146 15.12 5.05 -31.74
C VAL B 146 16.03 5.95 -32.57
N THR B 147 15.46 6.95 -33.21
CA THR B 147 16.23 7.95 -33.94
C THR B 147 17.25 8.60 -33.00
N TYR B 148 16.82 8.88 -31.78
CA TYR B 148 17.67 9.49 -30.77
C TYR B 148 18.83 8.57 -30.38
N LEU B 149 18.51 7.32 -30.06
CA LEU B 149 19.52 6.33 -29.71
C LEU B 149 20.51 6.13 -30.85
N SER B 150 20.01 6.21 -32.08
CA SER B 150 20.85 6.04 -33.26
C SER B 150 21.89 7.15 -33.34
N ALA B 151 21.44 8.39 -33.18
CA ALA B 151 22.33 9.54 -33.20
C ALA B 151 23.41 9.41 -32.13
N ALA B 152 23.01 8.97 -30.95
CA ALA B 152 23.94 8.80 -29.84
C ALA B 152 24.75 7.52 -29.99
N GLY B 153 24.56 6.83 -31.10
CA GLY B 153 25.28 5.60 -31.38
C GLY B 153 25.23 4.61 -30.22
N LYS B 154 24.03 4.18 -29.87
CA LYS B 154 23.85 3.21 -28.80
C LYS B 154 23.09 1.97 -29.26
N LEU B 155 22.73 1.96 -30.55
CA LEU B 155 22.00 0.83 -31.12
C LEU B 155 22.96 -0.25 -31.63
N SER B 156 22.67 -1.50 -31.28
CA SER B 156 23.44 -2.62 -31.80
C SER B 156 23.27 -2.72 -33.30
N ASP B 157 22.09 -2.34 -33.78
CA ASP B 157 21.79 -2.32 -35.21
C ASP B 157 21.04 -1.04 -35.56
N PRO B 158 21.35 -0.45 -36.73
CA PRO B 158 20.79 0.84 -37.13
C PRO B 158 19.27 0.83 -37.35
N ARG B 159 18.67 -0.34 -37.48
CA ARG B 159 17.23 -0.43 -37.72
C ARG B 159 16.54 -1.48 -36.86
N PRO B 160 16.32 -1.17 -35.56
CA PRO B 160 15.63 -2.05 -34.63
C PRO B 160 14.14 -2.22 -34.96
N LEU B 161 13.54 -1.21 -35.59
CA LEU B 161 12.12 -1.28 -35.93
C LEU B 161 11.91 -2.06 -37.22
N SER B 162 11.12 -3.13 -37.14
CA SER B 162 10.88 -3.98 -38.30
C SER B 162 9.53 -3.69 -38.95
N CYS B 163 8.69 -2.91 -38.28
CA CYS B 163 7.39 -2.52 -38.81
C CYS B 163 6.76 -1.41 -37.99
N ALA B 164 5.74 -0.76 -38.57
CA ALA B 164 5.03 0.30 -37.88
C ALA B 164 3.76 -0.25 -37.22
N ILE B 165 3.41 0.31 -36.07
CA ILE B 165 2.25 -0.15 -35.32
C ILE B 165 1.16 0.92 -35.25
N ALA B 166 -0.07 0.52 -35.52
CA ALA B 166 -1.22 1.41 -35.37
C ALA B 166 -2.40 0.62 -34.84
N ALA B 167 -3.40 1.33 -34.34
CA ALA B 167 -4.55 0.68 -33.74
C ALA B 167 -5.78 1.55 -33.79
N VAL B 168 -6.95 0.93 -33.86
CA VAL B 168 -8.19 1.67 -33.92
C VAL B 168 -9.35 0.86 -33.34
N SER B 169 -10.31 1.56 -32.75
CA SER B 169 -11.51 0.90 -32.25
C SER B 169 -12.48 0.66 -33.40
N VAL B 170 -13.30 -0.38 -33.26
CA VAL B 170 -14.28 -0.72 -34.29
C VAL B 170 -15.43 -1.47 -33.64
N GLY B 171 -16.63 -1.31 -34.18
CA GLY B 171 -17.78 -2.01 -33.62
C GLY B 171 -19.08 -1.82 -34.37
N VAL B 172 -20.10 -2.54 -33.92
CA VAL B 172 -21.44 -2.40 -34.49
C VAL B 172 -22.23 -1.40 -33.64
N VAL B 173 -22.58 -0.28 -34.26
CA VAL B 173 -23.35 0.76 -33.58
C VAL B 173 -24.56 1.13 -34.44
N ASP B 174 -25.73 1.16 -33.83
CA ASP B 174 -26.96 1.44 -34.56
C ASP B 174 -27.12 0.48 -35.75
N GLY B 175 -26.74 -0.77 -35.55
CA GLY B 175 -26.90 -1.79 -36.57
C GLY B 175 -25.91 -1.73 -37.71
N ARG B 176 -24.90 -0.88 -37.57
CA ARG B 176 -23.90 -0.69 -38.62
C ARG B 176 -22.48 -0.81 -38.07
N ILE B 177 -21.57 -1.35 -38.89
CA ILE B 177 -20.17 -1.40 -38.52
C ILE B 177 -19.51 -0.03 -38.70
N ARG B 178 -18.93 0.48 -37.62
CA ARG B 178 -18.29 1.79 -37.65
C ARG B 178 -16.89 1.75 -37.03
N VAL B 179 -16.05 2.71 -37.41
CA VAL B 179 -14.66 2.72 -36.96
C VAL B 179 -14.32 3.99 -36.17
N ASP B 180 -13.48 3.82 -35.14
CA ASP B 180 -13.05 4.91 -34.28
C ASP B 180 -14.23 5.52 -33.52
N LEU B 181 -14.72 4.80 -32.52
CA LEU B 181 -15.91 5.20 -31.80
C LEU B 181 -15.62 6.21 -30.70
N PRO B 182 -16.32 7.35 -30.70
CA PRO B 182 -16.27 8.29 -29.59
C PRO B 182 -17.03 7.73 -28.41
N TYR B 183 -17.03 8.45 -27.29
CA TYR B 183 -17.68 7.96 -26.08
C TYR B 183 -19.12 7.51 -26.30
N GLU B 184 -19.93 8.37 -26.91
CA GLU B 184 -21.36 8.11 -27.07
C GLU B 184 -21.67 6.87 -27.90
N GLU B 185 -20.92 6.66 -28.97
CA GLU B 185 -21.10 5.47 -29.80
C GLU B 185 -20.68 4.21 -29.06
N ASP B 186 -19.55 4.29 -28.37
CA ASP B 186 -19.04 3.14 -27.62
C ASP B 186 -20.05 2.62 -26.60
N SER B 187 -20.61 3.53 -25.83
CA SER B 187 -21.57 3.15 -24.79
C SER B 187 -22.85 2.58 -25.39
N ARG B 188 -22.97 2.69 -26.71
CA ARG B 188 -24.19 2.31 -27.42
C ARG B 188 -23.95 1.06 -28.27
N ALA B 189 -22.69 0.69 -28.45
CA ALA B 189 -22.30 -0.40 -29.32
C ALA B 189 -22.82 -1.75 -28.87
N GLU B 190 -23.36 -2.53 -29.79
CA GLU B 190 -23.81 -3.88 -29.46
C GLU B 190 -22.60 -4.82 -29.41
N VAL B 191 -21.58 -4.49 -30.20
CA VAL B 191 -20.30 -5.19 -30.17
C VAL B 191 -19.20 -4.20 -30.50
N ASP B 192 -18.11 -4.21 -29.74
CA ASP B 192 -16.99 -3.31 -30.03
C ASP B 192 -15.65 -3.94 -29.70
N MET B 193 -14.59 -3.38 -30.27
CA MET B 193 -13.32 -4.09 -30.31
C MET B 193 -12.18 -3.13 -30.58
N ASN B 194 -10.98 -3.51 -30.16
CA ASN B 194 -9.77 -2.75 -30.47
C ASN B 194 -8.81 -3.59 -31.30
N VAL B 195 -8.44 -3.08 -32.47
CA VAL B 195 -7.57 -3.81 -33.39
C VAL B 195 -6.19 -3.18 -33.51
N VAL B 196 -5.15 -3.98 -33.29
CA VAL B 196 -3.77 -3.55 -33.45
C VAL B 196 -3.17 -4.24 -34.66
N ALA B 197 -2.58 -3.47 -35.57
CA ALA B 197 -2.06 -4.02 -36.81
C ALA B 197 -0.73 -3.39 -37.21
N THR B 198 -0.05 -4.02 -38.17
CA THR B 198 1.20 -3.49 -38.69
C THR B 198 1.02 -3.01 -40.12
N ASP B 199 1.98 -2.22 -40.61
CA ASP B 199 1.95 -1.75 -41.99
C ASP B 199 2.53 -2.80 -42.93
N THR B 200 2.99 -3.91 -42.36
CA THR B 200 3.58 -5.00 -43.15
C THR B 200 2.59 -6.14 -43.35
N GLY B 201 1.30 -5.83 -43.30
CA GLY B 201 0.26 -6.78 -43.60
C GLY B 201 0.05 -7.89 -42.58
N THR B 202 0.22 -7.56 -41.30
CA THR B 202 -0.03 -8.53 -40.23
C THR B 202 -0.79 -7.93 -39.06
N LEU B 203 -1.28 -8.80 -38.19
CA LEU B 203 -2.02 -8.37 -37.01
C LEU B 203 -1.13 -8.51 -35.78
N VAL B 204 -1.41 -7.71 -34.76
CA VAL B 204 -0.68 -7.80 -33.51
C VAL B 204 -1.60 -8.25 -32.40
N GLU B 205 -2.80 -7.68 -32.36
CA GLU B 205 -3.77 -8.06 -31.35
C GLU B 205 -5.17 -7.53 -31.62
N ILE B 206 -6.16 -8.30 -31.19
CA ILE B 206 -7.55 -7.88 -31.18
C ILE B 206 -7.96 -7.90 -29.72
N GLN B 207 -8.46 -6.78 -29.21
CA GLN B 207 -8.57 -6.66 -27.76
C GLN B 207 -9.84 -6.02 -27.23
N GLY B 208 -10.26 -6.47 -26.06
CA GLY B 208 -11.27 -5.81 -25.26
C GLY B 208 -12.66 -5.75 -25.87
N THR B 209 -13.28 -6.91 -26.04
CA THR B 209 -14.65 -6.94 -26.53
C THR B 209 -15.57 -6.22 -25.55
N GLY B 210 -16.58 -5.53 -26.07
CA GLY B 210 -17.53 -4.82 -25.24
C GLY B 210 -18.29 -5.73 -24.30
N GLU B 211 -18.62 -5.20 -23.12
CA GLU B 211 -19.32 -5.96 -22.09
C GLU B 211 -20.62 -6.59 -22.59
N GLY B 212 -20.68 -7.92 -22.55
CA GLY B 212 -21.91 -8.65 -22.81
C GLY B 212 -22.15 -9.06 -24.25
N ALA B 213 -21.15 -8.94 -25.09
CA ALA B 213 -21.30 -9.24 -26.51
C ALA B 213 -20.50 -10.45 -26.95
N THR B 214 -21.10 -11.28 -27.81
CA THR B 214 -20.40 -12.39 -28.45
C THR B 214 -20.60 -12.27 -29.96
N PHE B 215 -19.55 -12.55 -30.72
CA PHE B 215 -19.61 -12.31 -32.16
C PHE B 215 -19.34 -13.56 -33.00
N ALA B 216 -19.87 -13.55 -34.21
CA ALA B 216 -19.63 -14.63 -35.16
C ALA B 216 -18.37 -14.36 -35.95
N ARG B 217 -17.85 -15.41 -36.60
CA ARG B 217 -16.66 -15.30 -37.43
C ARG B 217 -16.84 -14.29 -38.54
N SER B 218 -18.01 -14.31 -39.17
CA SER B 218 -18.31 -13.39 -40.27
C SER B 218 -18.25 -11.95 -39.77
N THR B 219 -18.83 -11.71 -38.60
CA THR B 219 -18.80 -10.37 -38.00
C THR B 219 -17.36 -9.95 -37.71
N LEU B 220 -16.56 -10.87 -37.19
CA LEU B 220 -15.16 -10.57 -36.88
C LEU B 220 -14.43 -10.14 -38.15
N ASP B 221 -14.64 -10.89 -39.23
CA ASP B 221 -13.97 -10.60 -40.49
C ASP B 221 -14.34 -9.22 -41.01
N LYS B 222 -15.61 -8.85 -40.90
CA LYS B 222 -16.05 -7.53 -41.34
C LYS B 222 -15.47 -6.42 -40.47
N LEU B 223 -15.46 -6.63 -39.16
CA LEU B 223 -14.87 -5.68 -38.22
C LEU B 223 -13.38 -5.48 -38.53
N LEU B 224 -12.69 -6.58 -38.84
CA LEU B 224 -11.28 -6.52 -39.18
C LEU B 224 -11.07 -5.77 -40.50
N ASP B 225 -11.76 -6.09 -41.54
CA ASP B 225 -11.78 -5.37 -42.80
C ASP B 225 -11.93 -3.86 -42.56
N MET B 226 -12.83 -3.40 -41.78
CA MET B 226 -13.00 -1.99 -41.47
C MET B 226 -11.79 -1.42 -40.76
N ALA B 227 -11.38 -2.05 -39.66
CA ALA B 227 -10.26 -1.57 -38.86
C ALA B 227 -8.97 -1.46 -39.67
N LEU B 228 -8.72 -2.46 -40.53
CA LEU B 228 -7.50 -2.48 -41.31
C LEU B 228 -7.47 -1.37 -42.36
N GLY B 229 -8.64 -1.05 -42.90
CA GLY B 229 -8.76 0.06 -43.81
C GLY B 229 -8.35 1.36 -43.13
N ALA B 230 -8.91 1.57 -41.94
CA ALA B 230 -8.63 2.79 -41.17
C ALA B 230 -7.17 2.86 -40.71
N CYS B 231 -6.59 1.72 -40.34
CA CYS B 231 -5.21 1.69 -39.90
C CYS B 231 -4.27 2.20 -41.00
N ASP B 232 -4.58 1.86 -42.25
CA ASP B 232 -3.81 2.35 -43.38
C ASP B 232 -3.71 3.86 -43.37
N THR B 233 -4.82 4.51 -43.02
CA THR B 233 -4.86 5.96 -42.89
C THR B 233 -3.97 6.43 -41.74
N LEU B 234 -3.90 5.62 -40.68
CA LEU B 234 -3.07 5.96 -39.53
C LEU B 234 -1.60 5.87 -39.86
N PHE B 235 -1.21 4.82 -40.58
CA PHE B 235 0.19 4.64 -40.97
C PHE B 235 0.66 5.83 -41.80
N ALA B 236 -0.23 6.36 -42.64
CA ALA B 236 0.10 7.49 -43.50
C ALA B 236 0.30 8.73 -42.65
N ALA B 237 -0.59 8.94 -41.69
CA ALA B 237 -0.46 10.07 -40.78
C ALA B 237 0.85 9.99 -40.00
N GLN B 238 1.21 8.77 -39.59
CA GLN B 238 2.46 8.55 -38.88
C GLN B 238 3.65 8.88 -39.76
N ARG B 239 3.60 8.41 -41.01
CA ARG B 239 4.68 8.65 -41.95
C ARG B 239 4.86 10.14 -42.22
N ASP B 240 3.74 10.85 -42.37
CA ASP B 240 3.79 12.29 -42.61
C ASP B 240 4.47 13.03 -41.46
N ALA B 241 4.09 12.69 -40.23
CA ALA B 241 4.65 13.35 -39.05
C ALA B 241 6.12 13.01 -38.88
N LEU B 242 6.48 11.77 -39.19
CA LEU B 242 7.85 11.31 -39.03
C LEU B 242 8.77 11.80 -40.15
N ALA B 243 8.18 12.23 -41.25
CA ALA B 243 8.94 12.76 -42.38
C ALA B 243 9.58 14.12 -42.04
N LEU B 244 9.00 14.79 -41.06
CA LEU B 244 9.51 16.08 -40.61
C LEU B 244 10.82 15.89 -39.85
N PRO B 245 11.58 16.98 -39.67
CA PRO B 245 12.84 16.92 -38.93
C PRO B 245 12.59 16.63 -37.45
N TYR B 246 13.53 15.94 -36.81
CA TYR B 246 13.47 15.66 -35.38
C TYR B 246 13.34 16.97 -34.60
N PRO B 247 12.28 17.09 -33.80
CA PRO B 247 11.98 18.31 -33.04
C PRO B 247 12.85 18.44 -31.79
N GLY B 248 14.16 18.63 -31.98
CA GLY B 248 15.06 18.79 -30.85
C GLY B 248 16.52 18.80 -31.25
N VAL B 249 17.39 18.46 -30.30
CA VAL B 249 18.82 18.44 -30.55
C VAL B 249 19.37 17.01 -30.50
N LEU B 250 19.75 16.49 -31.66
CA LEU B 250 20.31 15.15 -31.75
C LEU B 250 21.64 15.06 -31.01
N PRO B 251 21.86 13.95 -30.29
CA PRO B 251 23.11 13.68 -29.57
C PRO B 251 24.30 13.57 -30.51
N LYS C 6 -23.38 -36.50 24.06
CA LYS C 6 -22.93 -36.46 22.67
C LYS C 6 -23.00 -35.05 22.07
N ARG C 7 -22.04 -34.75 21.21
CA ARG C 7 -21.95 -33.44 20.56
C ARG C 7 -22.79 -33.42 19.28
N GLU C 8 -23.09 -32.23 18.77
CA GLU C 8 -23.84 -32.10 17.53
C GLU C 8 -23.11 -32.79 16.38
N ASP C 9 -21.87 -33.17 16.64
CA ASP C 9 -21.02 -33.80 15.65
C ASP C 9 -21.31 -35.29 15.55
N GLY C 10 -21.72 -35.88 16.68
CA GLY C 10 -21.83 -37.32 16.79
C GLY C 10 -20.62 -37.85 17.52
N ARG C 11 -19.74 -36.94 17.92
CA ARG C 11 -18.48 -37.29 18.57
C ARG C 11 -18.57 -37.30 20.10
N LEU C 12 -17.63 -38.00 20.72
CA LEU C 12 -17.42 -37.90 22.15
C LEU C 12 -16.48 -36.72 22.41
N ASP C 13 -16.38 -36.31 23.67
CA ASP C 13 -15.62 -35.11 24.01
C ASP C 13 -14.12 -35.23 23.66
N HIS C 14 -13.59 -36.44 23.65
CA HIS C 14 -12.17 -36.65 23.41
C HIS C 14 -11.87 -37.06 21.97
N GLU C 15 -12.92 -37.15 21.15
CA GLU C 15 -12.75 -37.61 19.77
C GLU C 15 -12.40 -36.52 18.79
N LEU C 16 -11.41 -36.79 17.94
CA LEU C 16 -11.07 -35.92 16.82
C LEU C 16 -12.02 -36.20 15.67
N ARG C 17 -12.26 -35.19 14.84
CA ARG C 17 -12.99 -35.41 13.60
C ARG C 17 -12.14 -36.32 12.72
N PRO C 18 -12.76 -36.97 11.72
CA PRO C 18 -12.03 -37.84 10.80
C PRO C 18 -10.83 -37.11 10.20
N VAL C 19 -9.64 -37.70 10.34
CA VAL C 19 -8.43 -37.08 9.80
C VAL C 19 -8.00 -37.73 8.50
N ILE C 20 -7.78 -36.91 7.47
CA ILE C 20 -7.30 -37.40 6.19
C ILE C 20 -6.07 -36.64 5.74
N ILE C 21 -4.99 -37.37 5.47
CA ILE C 21 -3.76 -36.77 4.98
C ILE C 21 -3.42 -37.31 3.60
N THR C 22 -3.31 -36.41 2.63
CA THR C 22 -2.97 -36.81 1.25
C THR C 22 -1.68 -36.14 0.80
N ARG C 23 -0.61 -36.92 0.72
CA ARG C 23 0.68 -36.41 0.28
C ARG C 23 0.72 -36.27 -1.23
N GLY C 24 1.60 -35.39 -1.72
CA GLY C 24 1.75 -35.16 -3.14
C GLY C 24 0.48 -34.71 -3.84
N PHE C 25 -0.30 -33.85 -3.18
CA PHE C 25 -1.51 -33.32 -3.80
C PHE C 25 -1.16 -32.51 -5.05
N THR C 26 -0.15 -31.67 -4.95
CA THR C 26 0.44 -31.03 -6.13
C THR C 26 1.86 -31.54 -6.31
N GLU C 27 2.42 -31.33 -7.50
CA GLU C 27 3.69 -31.95 -7.86
C GLU C 27 4.88 -31.00 -7.81
N ASN C 28 4.63 -29.70 -7.98
CA ASN C 28 5.71 -28.71 -8.01
C ASN C 28 6.50 -28.55 -6.70
N PRO C 29 5.79 -28.46 -5.57
CA PRO C 29 6.50 -28.29 -4.29
C PRO C 29 7.15 -29.58 -3.83
N ALA C 30 8.31 -29.48 -3.19
CA ALA C 30 8.98 -30.66 -2.63
C ALA C 30 8.03 -31.41 -1.71
N GLY C 31 7.24 -30.67 -0.96
CA GLY C 31 6.21 -31.24 -0.12
C GLY C 31 4.86 -30.61 -0.42
N SER C 32 3.82 -31.43 -0.50
CA SER C 32 2.49 -30.92 -0.81
C SER C 32 1.42 -31.84 -0.23
N VAL C 33 0.79 -31.40 0.84
CA VAL C 33 -0.13 -32.24 1.58
C VAL C 33 -1.48 -31.57 1.76
N LEU C 34 -2.54 -32.24 1.31
CA LEU C 34 -3.88 -31.82 1.64
C LEU C 34 -4.30 -32.54 2.92
N ILE C 35 -4.61 -31.78 3.96
CA ILE C 35 -5.04 -32.37 5.22
C ILE C 35 -6.45 -31.92 5.55
N GLU C 36 -7.23 -32.81 6.16
CA GLU C 36 -8.61 -32.54 6.49
C GLU C 36 -8.95 -32.94 7.91
N PHE C 37 -9.38 -31.97 8.71
CA PHE C 37 -9.97 -32.25 10.02
C PHE C 37 -11.49 -32.11 9.84
N GLY C 38 -12.15 -33.22 9.57
CA GLY C 38 -13.56 -33.16 9.22
C GLY C 38 -13.73 -32.32 7.96
N HIS C 39 -14.58 -31.28 8.05
CA HIS C 39 -14.85 -30.44 6.90
C HIS C 39 -13.79 -29.38 6.65
N THR C 40 -12.89 -29.19 7.62
CA THR C 40 -11.77 -28.27 7.44
C THR C 40 -10.73 -28.88 6.51
N LYS C 41 -10.42 -28.17 5.43
CA LYS C 41 -9.43 -28.63 4.46
C LYS C 41 -8.35 -27.58 4.29
N VAL C 42 -7.09 -28.00 4.38
CA VAL C 42 -5.97 -27.08 4.21
C VAL C 42 -4.88 -27.68 3.36
N LEU C 43 -4.44 -26.95 2.35
CA LEU C 43 -3.32 -27.39 1.52
C LEU C 43 -2.01 -26.85 2.09
N CYS C 44 -1.14 -27.77 2.49
CA CYS C 44 0.12 -27.40 3.13
C CYS C 44 1.30 -27.80 2.25
N THR C 45 2.02 -26.81 1.76
CA THR C 45 3.12 -27.06 0.84
C THR C 45 4.47 -26.67 1.44
N ALA C 46 5.52 -27.34 0.98
CA ALA C 46 6.88 -27.06 1.42
C ALA C 46 7.77 -26.85 0.21
N SER C 47 8.16 -25.60 -0.04
CA SER C 47 8.96 -25.27 -1.21
C SER C 47 10.42 -25.08 -0.83
N VAL C 48 11.30 -25.81 -1.52
CA VAL C 48 12.72 -25.74 -1.23
C VAL C 48 13.42 -24.67 -2.04
N THR C 49 14.22 -23.85 -1.37
CA THR C 49 15.01 -22.81 -2.01
C THR C 49 16.46 -22.92 -1.54
N GLU C 50 17.40 -22.67 -2.43
CA GLU C 50 18.81 -22.71 -2.07
C GLU C 50 19.24 -21.33 -1.56
N GLY C 51 20.05 -21.32 -0.51
CA GLY C 51 20.52 -20.07 0.06
C GLY C 51 19.74 -19.61 1.28
N VAL C 52 19.89 -18.33 1.63
CA VAL C 52 19.24 -17.80 2.82
C VAL C 52 18.97 -16.30 2.68
N PRO C 53 17.89 -15.84 3.34
CA PRO C 53 17.38 -14.47 3.30
C PRO C 53 18.35 -13.33 3.67
N ARG C 54 18.73 -13.22 4.90
CA ARG C 54 19.59 -12.15 5.41
C ARG C 54 20.72 -12.72 6.26
N TRP C 55 20.42 -14.01 6.60
CA TRP C 55 21.31 -14.77 7.43
C TRP C 55 22.75 -14.32 7.28
N LEU C 61 23.76 -21.80 8.63
CA LEU C 61 22.50 -22.40 9.05
C LEU C 61 21.38 -22.03 8.06
N GLY C 62 20.47 -22.97 7.81
CA GLY C 62 19.36 -22.71 6.92
C GLY C 62 18.18 -22.05 7.61
N TRP C 63 17.10 -21.83 6.86
CA TRP C 63 15.95 -21.12 7.40
C TRP C 63 14.62 -21.74 6.95
N LEU C 64 13.58 -21.51 7.73
CA LEU C 64 12.24 -21.94 7.36
C LEU C 64 11.26 -20.81 7.63
N THR C 65 10.46 -20.49 6.62
CA THR C 65 9.42 -19.47 6.75
C THR C 65 8.06 -20.11 6.62
N ALA C 66 7.04 -19.48 7.20
CA ALA C 66 5.69 -20.00 7.11
C ALA C 66 4.68 -18.89 6.82
N GLU C 67 3.73 -19.20 5.96
CA GLU C 67 2.66 -18.26 5.63
C GLU C 67 1.34 -18.98 5.59
N TYR C 68 0.33 -18.37 6.20
CA TYR C 68 -1.01 -18.95 6.26
C TYR C 68 -1.98 -17.98 5.59
N ALA C 69 -2.98 -18.54 4.91
CA ALA C 69 -3.97 -17.72 4.21
C ALA C 69 -5.22 -18.54 3.98
N MET C 70 -6.34 -17.86 3.81
CA MET C 70 -7.61 -18.51 3.53
C MET C 70 -8.16 -18.06 2.19
N LEU C 71 -8.55 -19.02 1.36
CA LEU C 71 -9.25 -18.68 0.13
C LEU C 71 -10.55 -17.96 0.52
N PRO C 72 -10.93 -16.96 -0.27
CA PRO C 72 -12.13 -16.15 0.03
C PRO C 72 -13.36 -16.98 0.33
N SER C 73 -13.54 -18.10 -0.37
CA SER C 73 -14.74 -18.91 -0.22
C SER C 73 -14.58 -20.00 0.85
N ALA C 74 -13.45 -20.01 1.56
CA ALA C 74 -13.20 -21.01 2.58
C ALA C 74 -14.18 -20.88 3.75
N THR C 75 -14.59 -19.65 4.01
CA THR C 75 -15.48 -19.37 5.14
C THR C 75 -16.95 -19.49 4.72
N HIS C 76 -17.85 -19.56 5.69
CA HIS C 76 -19.27 -19.70 5.40
C HIS C 76 -19.75 -18.56 4.51
N SER C 77 -19.46 -17.34 4.92
CA SER C 77 -19.70 -16.16 4.09
C SER C 77 -18.38 -15.76 3.45
N ARG C 78 -18.39 -15.57 2.13
CA ARG C 78 -17.16 -15.22 1.42
C ARG C 78 -16.50 -14.01 2.06
N SER C 79 -15.20 -14.11 2.30
CA SER C 79 -14.44 -12.99 2.86
C SER C 79 -13.58 -12.34 1.80
N ASP C 80 -13.21 -11.09 2.04
CA ASP C 80 -12.43 -10.32 1.06
C ASP C 80 -11.00 -10.84 0.93
N ARG C 81 -10.53 -10.91 -0.31
CA ARG C 81 -9.15 -11.31 -0.60
C ARG C 81 -8.20 -10.25 -0.07
N GLU C 82 -7.20 -10.67 0.71
CA GLU C 82 -6.27 -9.73 1.34
C GLU C 82 -5.48 -8.90 0.32
N SER C 83 -5.10 -9.53 -0.79
CA SER C 83 -4.38 -8.83 -1.84
C SER C 83 -5.22 -7.70 -2.42
N VAL C 84 -6.54 -7.88 -2.40
CA VAL C 84 -7.48 -6.89 -2.91
C VAL C 84 -7.72 -5.80 -1.87
N ARG C 85 -7.79 -6.22 -0.60
CA ARG C 85 -7.88 -5.27 0.51
C ARG C 85 -6.69 -4.32 0.50
N GLY C 86 -5.51 -4.86 0.25
CA GLY C 86 -4.29 -4.07 0.26
C GLY C 86 -3.45 -4.28 1.51
N ARG C 87 -3.81 -5.28 2.31
CA ARG C 87 -3.07 -5.56 3.53
C ARG C 87 -3.41 -6.93 4.13
N LEU C 88 -2.45 -7.49 4.86
CA LEU C 88 -2.69 -8.72 5.60
C LEU C 88 -3.53 -8.42 6.84
N SER C 89 -4.35 -9.38 7.24
CA SER C 89 -5.11 -9.25 8.47
C SER C 89 -4.24 -9.70 9.64
N GLY C 90 -4.50 -9.14 10.82
CA GLY C 90 -3.75 -9.49 12.01
C GLY C 90 -3.82 -10.97 12.31
N ARG C 91 -4.99 -11.57 12.10
CA ARG C 91 -5.17 -13.00 12.29
C ARG C 91 -4.19 -13.79 11.44
N THR C 92 -4.03 -13.36 10.19
CA THR C 92 -3.17 -14.06 9.25
C THR C 92 -1.72 -14.06 9.73
N GLN C 93 -1.22 -12.89 10.11
CA GLN C 93 0.18 -12.78 10.56
C GLN C 93 0.39 -13.52 11.87
N GLU C 94 -0.60 -13.44 12.76
CA GLU C 94 -0.55 -14.20 14.01
C GLU C 94 -0.37 -15.70 13.75
N ILE C 95 -1.22 -16.25 12.89
CA ILE C 95 -1.17 -17.68 12.59
C ILE C 95 0.09 -18.07 11.81
N SER C 96 0.49 -17.22 10.85
CA SER C 96 1.69 -17.46 10.07
C SER C 96 2.92 -17.62 10.97
N ARG C 97 3.03 -16.76 11.98
CA ARG C 97 4.18 -16.78 12.88
C ARG C 97 4.14 -18.01 13.80
N LEU C 98 2.95 -18.36 14.28
CA LEU C 98 2.77 -19.55 15.11
C LEU C 98 3.26 -20.80 14.37
N ILE C 99 2.91 -20.89 13.09
CA ILE C 99 3.29 -22.04 12.28
C ILE C 99 4.81 -22.12 12.12
N GLY C 100 5.43 -20.97 11.89
CA GLY C 100 6.87 -20.90 11.72
C GLY C 100 7.65 -21.34 12.95
N ARG C 101 7.25 -20.84 14.11
CA ARG C 101 7.88 -21.21 15.38
C ARG C 101 7.74 -22.71 15.63
N SER C 102 6.55 -23.23 15.35
CA SER C 102 6.24 -24.63 15.65
C SER C 102 7.12 -25.59 14.87
N LEU C 103 7.29 -25.32 13.58
CA LEU C 103 8.04 -26.22 12.70
C LEU C 103 9.54 -26.13 12.93
N ARG C 104 10.03 -24.93 13.23
CA ARG C 104 11.45 -24.74 13.47
C ARG C 104 11.90 -25.41 14.77
N ALA C 105 10.96 -25.63 15.68
CA ALA C 105 11.26 -26.23 16.97
C ALA C 105 11.75 -27.67 16.85
N CYS C 106 11.35 -28.36 15.80
CA CYS C 106 11.72 -29.76 15.63
C CYS C 106 12.65 -30.00 14.44
N ILE C 107 13.33 -28.95 13.99
CA ILE C 107 14.29 -29.11 12.89
C ILE C 107 15.62 -28.44 13.22
N ASP C 108 16.70 -29.15 12.93
CA ASP C 108 18.05 -28.62 13.10
C ASP C 108 18.46 -27.90 11.81
N LEU C 109 18.37 -26.57 11.82
CA LEU C 109 18.66 -25.77 10.64
C LEU C 109 20.15 -25.83 10.26
N ALA C 110 20.98 -26.26 11.21
CA ALA C 110 22.39 -26.49 10.92
C ALA C 110 22.54 -27.74 10.07
N ALA C 111 21.83 -28.79 10.47
CA ALA C 111 21.84 -30.06 9.76
C ALA C 111 21.16 -29.94 8.41
N LEU C 112 20.51 -28.79 8.18
CA LEU C 112 19.77 -28.58 6.94
C LEU C 112 20.64 -27.92 5.87
N GLY C 113 21.80 -27.40 6.28
CA GLY C 113 22.68 -26.69 5.38
C GLY C 113 22.15 -25.28 5.15
N GLU C 114 22.68 -24.61 4.14
CA GLU C 114 22.25 -23.24 3.85
C GLU C 114 21.11 -23.21 2.84
N ASN C 115 20.07 -24.00 3.11
CA ASN C 115 18.90 -24.04 2.26
C ASN C 115 17.66 -23.49 2.98
N THR C 116 16.72 -22.94 2.22
CA THR C 116 15.52 -22.34 2.79
C THR C 116 14.25 -23.12 2.44
N ILE C 117 13.47 -23.47 3.46
CA ILE C 117 12.20 -24.15 3.24
C ILE C 117 11.04 -23.21 3.53
N ALA C 118 10.26 -22.90 2.50
CA ALA C 118 9.11 -22.03 2.63
C ALA C 118 7.82 -22.83 2.76
N ILE C 119 7.14 -22.68 3.89
CA ILE C 119 5.90 -23.40 4.16
C ILE C 119 4.69 -22.53 3.82
N ASP C 120 3.74 -23.08 3.07
CA ASP C 120 2.52 -22.36 2.72
C ASP C 120 1.30 -23.18 3.10
N CYS C 121 0.43 -22.59 3.91
CA CYS C 121 -0.80 -23.26 4.33
C CYS C 121 -2.01 -22.45 3.89
N ASP C 122 -2.68 -22.95 2.85
CA ASP C 122 -3.82 -22.26 2.29
C ASP C 122 -5.12 -23.02 2.57
N VAL C 123 -5.97 -22.42 3.39
CA VAL C 123 -7.24 -23.04 3.79
C VAL C 123 -8.23 -23.06 2.63
N LEU C 124 -8.65 -24.25 2.22
CA LEU C 124 -9.61 -24.39 1.13
C LEU C 124 -11.04 -24.33 1.69
N GLN C 125 -11.22 -24.88 2.88
CA GLN C 125 -12.51 -24.85 3.56
C GLN C 125 -12.30 -24.76 5.06
N ALA C 126 -13.00 -23.81 5.69
CA ALA C 126 -12.82 -23.55 7.11
C ALA C 126 -14.04 -23.95 7.93
N ASP C 127 -13.83 -24.83 8.90
CA ASP C 127 -14.87 -25.22 9.83
C ASP C 127 -14.26 -25.45 11.21
N GLY C 128 -13.42 -24.52 11.63
CA GLY C 128 -12.74 -24.61 12.92
C GLY C 128 -11.45 -25.40 12.83
N GLY C 129 -10.49 -25.07 13.70
CA GLY C 129 -9.25 -25.80 13.81
C GLY C 129 -8.37 -25.78 12.57
N THR C 130 -8.50 -24.71 11.77
CA THR C 130 -7.71 -24.59 10.54
C THR C 130 -6.22 -24.39 10.80
N ARG C 131 -5.86 -23.62 11.83
CA ARG C 131 -4.45 -23.38 12.08
C ARG C 131 -3.78 -24.62 12.65
N THR C 132 -4.52 -25.39 13.44
CA THR C 132 -3.98 -26.62 14.00
C THR C 132 -3.86 -27.69 12.92
N ALA C 133 -4.86 -27.76 12.04
CA ALA C 133 -4.78 -28.63 10.88
C ALA C 133 -3.59 -28.23 10.02
N ALA C 134 -3.41 -26.92 9.86
CA ALA C 134 -2.32 -26.39 9.05
C ALA C 134 -0.97 -26.84 9.58
N ILE C 135 -0.77 -26.73 10.88
CA ILE C 135 0.49 -27.13 11.51
C ILE C 135 0.72 -28.63 11.34
N THR C 136 -0.33 -29.41 11.57
CA THR C 136 -0.24 -30.86 11.46
C THR C 136 0.11 -31.32 10.05
N GLY C 137 -0.49 -30.65 9.07
CA GLY C 137 -0.24 -30.97 7.67
C GLY C 137 1.08 -30.41 7.20
N ALA C 138 1.46 -29.25 7.72
CA ALA C 138 2.72 -28.62 7.35
C ALA C 138 3.91 -29.51 7.73
N TYR C 139 3.86 -30.14 8.89
CA TYR C 139 4.94 -31.05 9.28
C TYR C 139 5.14 -32.17 8.27
N VAL C 140 4.03 -32.76 7.82
CA VAL C 140 4.10 -33.84 6.85
C VAL C 140 4.75 -33.35 5.57
N ALA C 141 4.40 -32.12 5.15
CA ALA C 141 5.00 -31.51 3.97
C ALA C 141 6.47 -31.23 4.22
N LEU C 142 6.79 -30.79 5.43
CA LEU C 142 8.18 -30.53 5.80
C LEU C 142 9.01 -31.81 5.70
N ALA C 143 8.44 -32.92 6.16
CA ALA C 143 9.11 -34.21 6.09
C ALA C 143 9.40 -34.58 4.63
N ASP C 144 8.41 -34.40 3.77
CA ASP C 144 8.58 -34.71 2.35
C ASP C 144 9.65 -33.81 1.73
N ALA C 145 9.72 -32.56 2.18
CA ALA C 145 10.73 -31.63 1.71
C ALA C 145 12.13 -32.09 2.14
N VAL C 146 12.22 -32.59 3.38
CA VAL C 146 13.48 -33.11 3.90
C VAL C 146 13.90 -34.35 3.12
N THR C 147 12.92 -35.21 2.82
CA THR C 147 13.16 -36.39 2.00
C THR C 147 13.71 -35.99 0.63
N TYR C 148 13.12 -34.96 0.04
CA TYR C 148 13.56 -34.46 -1.25
C TYR C 148 15.01 -34.00 -1.19
N LEU C 149 15.31 -33.13 -0.23
CA LEU C 149 16.67 -32.59 -0.07
C LEU C 149 17.69 -33.70 0.14
N SER C 150 17.31 -34.73 0.88
CA SER C 150 18.19 -35.87 1.14
C SER C 150 18.51 -36.59 -0.17
N ALA C 151 17.47 -36.95 -0.91
CA ALA C 151 17.63 -37.65 -2.18
C ALA C 151 18.48 -36.83 -3.16
N ALA C 152 18.50 -35.52 -2.96
CA ALA C 152 19.29 -34.63 -3.81
C ALA C 152 20.71 -34.50 -3.28
N GLY C 153 20.88 -34.76 -1.99
CA GLY C 153 22.20 -34.76 -1.36
C GLY C 153 22.58 -33.43 -0.75
N LYS C 154 21.71 -32.43 -0.91
CA LYS C 154 22.00 -31.08 -0.44
C LYS C 154 21.78 -30.91 1.07
N LEU C 155 21.99 -31.98 1.82
CA LEU C 155 21.83 -31.94 3.28
C LEU C 155 23.17 -32.15 3.99
N SER C 156 23.42 -31.32 5.00
CA SER C 156 24.64 -31.44 5.80
C SER C 156 24.56 -32.65 6.72
N ASP C 157 23.37 -32.90 7.25
CA ASP C 157 23.12 -34.07 8.08
C ASP C 157 21.86 -34.77 7.59
N PRO C 158 21.91 -36.12 7.52
CA PRO C 158 20.83 -36.94 6.96
C PRO C 158 19.52 -36.87 7.75
N ARG C 159 19.56 -36.36 8.98
CA ARG C 159 18.39 -36.35 9.84
C ARG C 159 18.20 -35.03 10.59
N PRO C 160 17.83 -33.97 9.86
CA PRO C 160 17.63 -32.64 10.45
C PRO C 160 16.38 -32.56 11.32
N LEU C 161 15.45 -33.49 11.13
CA LEU C 161 14.23 -33.51 11.94
C LEU C 161 14.46 -34.23 13.25
N SER C 162 14.30 -33.51 14.36
CA SER C 162 14.57 -34.05 15.69
C SER C 162 13.31 -34.60 16.36
N CYS C 163 12.15 -34.26 15.80
CA CYS C 163 10.89 -34.76 16.30
C CYS C 163 9.74 -34.47 15.33
N ALA C 164 8.57 -35.02 15.63
CA ALA C 164 7.39 -34.78 14.83
C ALA C 164 6.46 -33.79 15.52
N ILE C 165 5.84 -32.92 14.73
CA ILE C 165 5.00 -31.86 15.27
C ILE C 165 3.53 -32.08 14.90
N ALA C 166 2.65 -31.85 15.86
CA ALA C 166 1.21 -31.91 15.61
C ALA C 166 0.51 -30.94 16.54
N ALA C 167 -0.68 -30.51 16.14
CA ALA C 167 -1.42 -29.51 16.90
C ALA C 167 -2.92 -29.77 16.84
N VAL C 168 -3.63 -29.36 17.88
CA VAL C 168 -5.06 -29.57 17.96
C VAL C 168 -5.69 -28.46 18.79
N SER C 169 -6.95 -28.15 18.51
CA SER C 169 -7.68 -27.17 19.31
C SER C 169 -8.37 -27.85 20.48
N VAL C 170 -8.59 -27.12 21.56
CA VAL C 170 -9.22 -27.67 22.76
C VAL C 170 -9.83 -26.54 23.56
N GLY C 171 -10.90 -26.83 24.29
CA GLY C 171 -11.55 -25.81 25.10
C GLY C 171 -12.69 -26.34 25.93
N VAL C 172 -13.36 -25.43 26.63
CA VAL C 172 -14.52 -25.78 27.43
C VAL C 172 -15.81 -25.32 26.75
N VAL C 173 -16.58 -26.28 26.27
CA VAL C 173 -17.84 -26.01 25.62
C VAL C 173 -19.00 -26.61 26.40
N ASP C 174 -19.96 -25.77 26.75
CA ASP C 174 -21.11 -26.20 27.54
C ASP C 174 -20.68 -26.87 28.85
N GLY C 175 -19.60 -26.35 29.43
CA GLY C 175 -19.11 -26.84 30.71
C GLY C 175 -18.27 -28.10 30.62
N ARG C 176 -18.00 -28.55 29.40
CA ARG C 176 -17.21 -29.76 29.19
C ARG C 176 -15.97 -29.49 28.35
N ILE C 177 -14.92 -30.28 28.58
CA ILE C 177 -13.66 -30.14 27.86
C ILE C 177 -13.64 -31.02 26.61
N ARG C 178 -13.34 -30.41 25.47
CA ARG C 178 -13.41 -31.12 24.19
C ARG C 178 -12.24 -30.75 23.28
N VAL C 179 -11.89 -31.66 22.37
CA VAL C 179 -10.82 -31.41 21.42
C VAL C 179 -11.37 -31.24 20.01
N ASP C 180 -10.63 -30.49 19.19
CA ASP C 180 -10.97 -30.32 17.77
C ASP C 180 -12.36 -29.72 17.60
N LEU C 181 -12.50 -28.45 17.98
CA LEU C 181 -13.78 -27.75 17.92
C LEU C 181 -14.12 -27.28 16.51
N PRO C 182 -15.32 -27.64 16.03
CA PRO C 182 -15.81 -27.10 14.77
C PRO C 182 -16.23 -25.65 14.95
N TYR C 183 -16.55 -24.96 13.86
CA TYR C 183 -17.00 -23.58 13.93
C TYR C 183 -18.10 -23.41 14.97
N GLU C 184 -19.05 -24.34 14.94
CA GLU C 184 -20.18 -24.34 15.88
C GLU C 184 -19.71 -24.19 17.33
N GLU C 185 -19.03 -25.21 17.83
CA GLU C 185 -18.56 -25.22 19.21
C GLU C 185 -17.60 -24.08 19.47
N ASP C 186 -16.80 -23.73 18.48
CA ASP C 186 -15.81 -22.67 18.60
C ASP C 186 -16.45 -21.37 19.09
N SER C 187 -17.67 -21.10 18.63
CA SER C 187 -18.34 -19.84 18.95
C SER C 187 -19.04 -19.87 20.30
N ARG C 188 -19.24 -21.06 20.85
CA ARG C 188 -19.92 -21.23 22.13
C ARG C 188 -18.93 -21.51 23.27
N ALA C 189 -17.64 -21.54 22.94
CA ALA C 189 -16.62 -21.93 23.90
C ALA C 189 -16.39 -20.90 25.00
N GLU C 190 -16.58 -21.32 26.25
CA GLU C 190 -16.21 -20.49 27.39
C GLU C 190 -14.75 -20.10 27.24
N VAL C 191 -13.93 -21.10 26.98
CA VAL C 191 -12.51 -20.90 26.69
C VAL C 191 -12.06 -21.95 25.70
N ASP C 192 -11.12 -21.57 24.84
CA ASP C 192 -10.53 -22.52 23.90
C ASP C 192 -9.18 -22.00 23.45
N MET C 193 -8.33 -22.91 22.96
CA MET C 193 -6.98 -22.55 22.58
C MET C 193 -6.37 -23.60 21.65
N ASN C 194 -5.17 -23.32 21.18
CA ASN C 194 -4.47 -24.24 20.29
C ASN C 194 -3.18 -24.76 20.91
N VAL C 195 -3.03 -26.08 20.92
CA VAL C 195 -1.87 -26.71 21.54
C VAL C 195 -1.00 -27.41 20.50
N VAL C 196 0.26 -27.00 20.44
CA VAL C 196 1.23 -27.65 19.56
C VAL C 196 2.17 -28.52 20.40
N ALA C 197 2.33 -29.78 20.01
CA ALA C 197 3.13 -30.72 20.79
C ALA C 197 4.02 -31.60 19.89
N THR C 198 4.95 -32.30 20.52
CA THR C 198 5.84 -33.23 19.81
C THR C 198 5.43 -34.66 20.13
N ASP C 199 5.93 -35.61 19.34
CA ASP C 199 5.64 -37.02 19.57
C ASP C 199 6.48 -37.57 20.72
N THR C 200 7.28 -36.69 21.33
CA THR C 200 8.07 -37.04 22.50
C THR C 200 7.25 -36.85 23.77
N GLY C 201 6.20 -36.05 23.68
CA GLY C 201 5.36 -35.75 24.82
C GLY C 201 5.69 -34.39 25.41
N THR C 202 6.52 -33.63 24.70
CA THR C 202 6.86 -32.28 25.13
C THR C 202 5.99 -31.27 24.40
N LEU C 203 5.96 -30.04 24.90
CA LEU C 203 5.12 -29.00 24.32
C LEU C 203 5.93 -28.07 23.42
N VAL C 204 5.25 -27.45 22.46
CA VAL C 204 5.89 -26.49 21.57
C VAL C 204 5.30 -25.11 21.77
N GLU C 205 3.97 -25.04 21.87
CA GLU C 205 3.29 -23.78 22.13
C GLU C 205 1.81 -23.95 22.48
N ILE C 206 1.32 -23.07 23.35
CA ILE C 206 -0.09 -22.97 23.69
C ILE C 206 -0.52 -21.55 23.36
N GLN C 207 -1.58 -21.38 22.57
CA GLN C 207 -1.94 -20.02 22.16
C GLN C 207 -3.37 -19.84 21.67
N GLY C 208 -3.78 -18.57 21.59
CA GLY C 208 -5.03 -18.19 20.98
C GLY C 208 -6.26 -18.45 21.83
N THR C 209 -6.20 -18.04 23.09
CA THR C 209 -7.34 -18.19 23.99
C THR C 209 -8.55 -17.45 23.44
N GLY C 210 -9.72 -18.06 23.57
CA GLY C 210 -10.96 -17.49 23.06
C GLY C 210 -11.24 -16.10 23.60
N GLU C 211 -11.81 -15.25 22.75
CA GLU C 211 -12.10 -13.86 23.12
C GLU C 211 -12.83 -13.74 24.45
N GLY C 212 -12.24 -13.00 25.38
CA GLY C 212 -12.87 -12.68 26.65
C GLY C 212 -12.80 -13.79 27.68
N ALA C 213 -11.89 -14.73 27.49
CA ALA C 213 -11.81 -15.89 28.38
C ALA C 213 -10.55 -15.91 29.23
N THR C 214 -10.69 -16.39 30.46
CA THR C 214 -9.56 -16.66 31.35
C THR C 214 -9.72 -18.06 31.92
N PHE C 215 -8.65 -18.62 32.45
CA PHE C 215 -8.68 -20.00 32.94
C PHE C 215 -7.73 -20.22 34.11
N ALA C 216 -8.13 -21.13 35.00
CA ALA C 216 -7.27 -21.52 36.12
C ALA C 216 -6.25 -22.54 35.66
N ARG C 217 -5.13 -22.64 36.36
CA ARG C 217 -4.10 -23.61 35.99
C ARG C 217 -4.64 -25.04 35.96
N SER C 218 -5.62 -25.34 36.80
CA SER C 218 -6.19 -26.67 36.85
C SER C 218 -6.97 -26.98 35.57
N THR C 219 -7.59 -25.94 35.02
CA THR C 219 -8.29 -26.06 33.75
C THR C 219 -7.27 -26.22 32.61
N LEU C 220 -6.22 -25.41 32.64
CA LEU C 220 -5.16 -25.51 31.66
C LEU C 220 -4.59 -26.93 31.62
N ASP C 221 -4.37 -27.50 32.80
CA ASP C 221 -3.83 -28.85 32.89
C ASP C 221 -4.80 -29.88 32.30
N LYS C 222 -6.09 -29.69 32.54
CA LYS C 222 -7.11 -30.55 31.96
C LYS C 222 -7.12 -30.42 30.43
N LEU C 223 -6.98 -29.19 29.96
CA LEU C 223 -6.97 -28.92 28.52
C LEU C 223 -5.75 -29.56 27.85
N LEU C 224 -4.58 -29.42 28.48
CA LEU C 224 -3.35 -29.98 27.95
C LEU C 224 -3.36 -31.51 27.91
N ASP C 225 -3.88 -32.13 28.96
CA ASP C 225 -3.96 -33.59 29.03
C ASP C 225 -4.83 -34.10 27.88
N MET C 226 -5.97 -33.45 27.70
CA MET C 226 -6.89 -33.78 26.62
C MET C 226 -6.21 -33.59 25.26
N ALA C 227 -5.57 -32.44 25.09
CA ALA C 227 -4.89 -32.13 23.83
C ALA C 227 -3.81 -33.14 23.48
N LEU C 228 -3.00 -33.51 24.46
CA LEU C 228 -1.91 -34.47 24.24
C LEU C 228 -2.44 -35.82 23.78
N GLY C 229 -3.52 -36.28 24.40
CA GLY C 229 -4.16 -37.51 23.98
C GLY C 229 -4.53 -37.46 22.51
N ALA C 230 -5.15 -36.36 22.09
CA ALA C 230 -5.59 -36.23 20.72
C ALA C 230 -4.42 -36.22 19.74
N CYS C 231 -3.33 -35.56 20.13
CA CYS C 231 -2.14 -35.50 19.30
C CYS C 231 -1.52 -36.89 19.04
N ASP C 232 -1.66 -37.79 20.02
CA ASP C 232 -1.23 -39.17 19.83
C ASP C 232 -1.85 -39.72 18.54
N THR C 233 -3.17 -39.55 18.42
CA THR C 233 -3.90 -39.96 17.24
C THR C 233 -3.37 -39.29 15.98
N LEU C 234 -3.09 -38.00 16.06
CA LEU C 234 -2.57 -37.26 14.91
C LEU C 234 -1.20 -37.77 14.48
N PHE C 235 -0.33 -38.04 15.44
CA PHE C 235 1.01 -38.55 15.13
C PHE C 235 0.93 -39.87 14.39
N ALA C 236 0.01 -40.73 14.82
CA ALA C 236 -0.21 -42.00 14.15
C ALA C 236 -0.61 -41.78 12.70
N ALA C 237 -1.54 -40.85 12.49
CA ALA C 237 -1.98 -40.51 11.15
C ALA C 237 -0.81 -40.05 10.28
N GLN C 238 0.07 -39.23 10.85
CA GLN C 238 1.23 -38.72 10.12
C GLN C 238 2.15 -39.86 9.70
N ARG C 239 2.48 -40.73 10.65
CA ARG C 239 3.34 -41.88 10.38
C ARG C 239 2.73 -42.76 9.28
N ASP C 240 1.44 -43.03 9.39
CA ASP C 240 0.75 -43.85 8.39
C ASP C 240 0.91 -43.27 7.00
N ALA C 241 0.74 -41.95 6.87
CA ALA C 241 0.85 -41.29 5.58
C ALA C 241 2.28 -41.27 5.08
N LEU C 242 3.22 -41.03 5.98
CA LEU C 242 4.64 -40.95 5.63
C LEU C 242 5.26 -42.33 5.40
N ALA C 243 4.52 -43.38 5.73
CA ALA C 243 4.99 -44.74 5.52
C ALA C 243 4.86 -45.13 4.06
N LEU C 244 3.96 -44.47 3.35
CA LEU C 244 3.80 -44.68 1.92
C LEU C 244 5.01 -44.10 1.19
N PRO C 245 5.31 -44.61 0.00
CA PRO C 245 6.44 -44.12 -0.79
C PRO C 245 6.26 -42.65 -1.15
N TYR C 246 7.37 -41.95 -1.39
CA TYR C 246 7.30 -40.57 -1.85
C TYR C 246 6.50 -40.52 -3.14
N PRO C 247 5.41 -39.74 -3.15
CA PRO C 247 4.45 -39.75 -4.26
C PRO C 247 4.94 -38.97 -5.47
N GLY C 248 5.97 -38.14 -5.28
CA GLY C 248 6.50 -37.35 -6.38
C GLY C 248 7.53 -38.11 -7.19
N VAL C 249 8.49 -37.37 -7.75
CA VAL C 249 9.56 -37.97 -8.54
C VAL C 249 10.91 -37.51 -8.01
N LEU C 250 11.45 -38.26 -7.05
CA LEU C 250 12.71 -37.91 -6.41
C LEU C 250 13.80 -37.52 -7.41
N PRO C 251 14.62 -36.53 -7.04
CA PRO C 251 15.71 -36.02 -7.90
C PRO C 251 16.65 -37.14 -8.32
N LYS D 6 25.37 -16.84 36.19
CA LYS D 6 24.96 -15.61 36.84
C LYS D 6 24.43 -14.61 35.82
N ARG D 7 23.49 -13.77 36.25
CA ARG D 7 22.90 -12.78 35.34
C ARG D 7 23.71 -11.48 35.30
N GLU D 8 23.70 -10.83 34.13
CA GLU D 8 24.53 -9.65 33.89
C GLU D 8 24.26 -8.51 34.85
N ASP D 9 22.99 -8.10 34.95
CA ASP D 9 22.63 -6.95 35.78
C ASP D 9 22.70 -7.25 37.28
N GLY D 10 23.24 -8.41 37.62
CA GLY D 10 23.42 -8.79 39.02
C GLY D 10 22.17 -9.38 39.65
N ARG D 11 21.15 -9.63 38.84
CA ARG D 11 19.90 -10.19 39.34
C ARG D 11 19.99 -11.69 39.58
N LEU D 12 19.26 -12.17 40.57
CA LEU D 12 19.07 -13.61 40.76
C LEU D 12 18.27 -14.11 39.56
N ASP D 13 17.77 -15.33 39.64
CA ASP D 13 17.03 -15.88 38.51
C ASP D 13 15.55 -15.50 38.52
N HIS D 14 15.00 -15.27 39.72
CA HIS D 14 13.56 -15.14 39.89
C HIS D 14 13.06 -13.72 40.14
N GLU D 15 13.96 -12.75 40.16
CA GLU D 15 13.55 -11.38 40.48
C GLU D 15 13.44 -10.49 39.25
N LEU D 16 12.53 -9.53 39.32
CA LEU D 16 12.27 -8.60 38.23
C LEU D 16 13.34 -7.52 38.20
N ARG D 17 13.47 -6.84 37.06
CA ARG D 17 14.23 -5.61 36.99
C ARG D 17 13.43 -4.56 37.74
N PRO D 18 14.09 -3.45 38.12
CA PRO D 18 13.35 -2.39 38.80
C PRO D 18 12.16 -1.94 37.96
N VAL D 19 10.99 -1.81 38.59
CA VAL D 19 9.78 -1.40 37.90
C VAL D 19 9.36 0.00 38.32
N ILE D 20 9.14 0.87 37.34
CA ILE D 20 8.67 2.23 37.61
C ILE D 20 7.39 2.50 36.83
N ILE D 21 6.36 2.96 37.53
CA ILE D 21 5.08 3.27 36.90
C ILE D 21 4.70 4.73 37.15
N THR D 22 4.58 5.49 36.07
CA THR D 22 4.31 6.92 36.16
C THR D 22 2.99 7.27 35.47
N ARG D 23 1.95 7.50 36.26
CA ARG D 23 0.64 7.84 35.73
C ARG D 23 0.59 9.31 35.32
N GLY D 24 -0.30 9.61 34.37
CA GLY D 24 -0.46 10.96 33.85
C GLY D 24 0.79 11.52 33.20
N PHE D 25 1.56 10.68 32.54
CA PHE D 25 2.77 11.13 31.85
C PHE D 25 2.44 12.18 30.79
N THR D 26 1.32 11.97 30.10
CA THR D 26 0.74 13.00 29.24
C THR D 26 -0.68 13.26 29.73
N GLU D 27 -1.27 14.39 29.35
CA GLU D 27 -2.57 14.79 29.92
C GLU D 27 -3.78 14.55 29.02
N ASN D 28 -3.59 14.68 27.70
CA ASN D 28 -4.71 14.53 26.77
C ASN D 28 -5.54 13.25 26.91
N PRO D 29 -4.87 12.09 27.03
CA PRO D 29 -5.62 10.83 27.16
C PRO D 29 -6.20 10.65 28.56
N ALA D 30 -7.27 9.87 28.67
CA ALA D 30 -7.88 9.59 29.96
C ALA D 30 -6.92 8.82 30.86
N GLY D 31 -6.15 7.92 30.25
CA GLY D 31 -5.12 7.18 30.96
C GLY D 31 -3.81 7.28 30.22
N SER D 32 -2.74 7.63 30.95
CA SER D 32 -1.44 7.81 30.32
C SER D 32 -0.33 7.39 31.28
N VAL D 33 0.28 6.25 30.99
CA VAL D 33 1.22 5.64 31.92
C VAL D 33 2.56 5.32 31.28
N LEU D 34 3.63 5.89 31.82
CA LEU D 34 4.97 5.50 31.41
C LEU D 34 5.45 4.39 32.34
N ILE D 35 5.61 3.19 31.79
CA ILE D 35 6.08 2.08 32.58
C ILE D 35 7.49 1.68 32.16
N GLU D 36 8.29 1.26 33.13
CA GLU D 36 9.68 0.89 32.86
C GLU D 36 10.01 -0.44 33.53
N PHE D 37 10.50 -1.38 32.72
CA PHE D 37 11.07 -2.63 33.21
C PHE D 37 12.56 -2.54 32.98
N GLY D 38 13.30 -2.10 34.00
CA GLY D 38 14.70 -1.83 33.81
C GLY D 38 14.86 -0.72 32.80
N HIS D 39 15.59 -0.98 31.72
CA HIS D 39 15.81 0.04 30.69
C HIS D 39 14.74 0.03 29.59
N THR D 40 13.78 -0.89 29.70
CA THR D 40 12.65 -0.88 28.77
C THR D 40 11.64 0.17 29.20
N LYS D 41 11.29 1.06 28.27
CA LYS D 41 10.32 2.12 28.56
C LYS D 41 9.19 2.08 27.54
N VAL D 42 7.96 2.00 28.03
CA VAL D 42 6.79 1.95 27.16
C VAL D 42 5.74 2.94 27.62
N LEU D 43 5.29 3.79 26.70
CA LEU D 43 4.22 4.73 27.01
C LEU D 43 2.87 4.10 26.66
N CYS D 44 2.04 3.89 27.68
CA CYS D 44 0.77 3.20 27.52
C CYS D 44 -0.39 4.13 27.82
N THR D 45 -1.15 4.46 26.78
CA THR D 45 -2.26 5.40 26.94
C THR D 45 -3.61 4.73 26.68
N ALA D 46 -4.67 5.31 27.23
CA ALA D 46 -6.03 4.84 27.02
C ALA D 46 -6.93 6.01 26.63
N SER D 47 -7.31 6.06 25.35
CA SER D 47 -8.13 7.15 24.83
C SER D 47 -9.59 6.74 24.70
N VAL D 48 -10.49 7.65 25.08
CA VAL D 48 -11.92 7.38 25.03
C VAL D 48 -12.53 7.88 23.72
N THR D 49 -13.72 7.40 23.40
CA THR D 49 -14.43 7.83 22.19
C THR D 49 -15.94 7.73 22.36
N GLU D 50 -16.68 8.29 21.40
CA GLU D 50 -18.13 8.38 21.50
C GLU D 50 -18.80 7.24 20.76
N GLY D 51 -18.55 6.01 21.16
CA GLY D 51 -19.18 4.86 20.54
C GLY D 51 -18.30 3.63 20.44
N VAL D 52 -18.61 2.77 19.47
CA VAL D 52 -17.86 1.54 19.24
C VAL D 52 -17.81 1.24 17.74
N PRO D 53 -17.27 0.07 17.36
CA PRO D 53 -17.35 -0.28 15.94
C PRO D 53 -18.67 -0.96 15.59
N LEU D 61 -23.14 -2.74 24.94
CA LEU D 61 -21.79 -3.26 24.78
C LEU D 61 -20.83 -2.21 24.24
N GLY D 62 -19.77 -1.94 25.00
CA GLY D 62 -18.71 -1.07 24.54
C GLY D 62 -17.63 -1.90 23.87
N TRP D 63 -16.53 -1.28 23.49
CA TRP D 63 -15.43 -2.00 22.85
C TRP D 63 -14.07 -1.46 23.27
N LEU D 64 -13.07 -2.34 23.24
CA LEU D 64 -11.70 -1.96 23.55
C LEU D 64 -10.76 -2.49 22.47
N THR D 65 -9.92 -1.62 21.93
CA THR D 65 -8.96 -2.01 20.92
C THR D 65 -7.56 -1.58 21.35
N ALA D 66 -6.55 -2.29 20.88
CA ALA D 66 -5.17 -2.01 21.31
C ALA D 66 -4.19 -2.00 20.14
N GLU D 67 -3.24 -1.07 20.18
CA GLU D 67 -2.20 -1.01 19.19
C GLU D 67 -0.84 -0.85 19.85
N TYR D 68 0.11 -1.68 19.42
CA TYR D 68 1.46 -1.64 19.92
C TYR D 68 2.38 -1.25 18.78
N ALA D 69 3.36 -0.41 19.07
CA ALA D 69 4.33 0.01 18.07
C ALA D 69 5.64 0.41 18.76
N MET D 70 6.73 0.34 18.00
CA MET D 70 8.03 0.71 18.52
C MET D 70 8.57 1.91 17.76
N LEU D 71 8.98 2.94 18.49
CA LEU D 71 9.66 4.06 17.85
C LEU D 71 10.88 3.49 17.14
N PRO D 72 11.25 4.09 16.00
CA PRO D 72 12.41 3.63 15.23
C PRO D 72 13.67 3.46 16.07
N SER D 73 13.93 4.41 16.98
CA SER D 73 15.16 4.39 17.77
C SER D 73 15.03 3.56 19.05
N ALA D 74 13.89 2.93 19.26
CA ALA D 74 13.68 2.14 20.46
C ALA D 74 14.65 0.96 20.54
N THR D 75 14.98 0.40 19.38
CA THR D 75 15.86 -0.76 19.31
C THR D 75 17.33 -0.36 19.22
N HIS D 76 18.22 -1.30 19.53
CA HIS D 76 19.65 -1.04 19.50
C HIS D 76 20.06 -0.40 18.17
N SER D 77 19.59 -0.99 17.08
CA SER D 77 19.80 -0.42 15.75
C SER D 77 18.46 0.05 15.23
N ARG D 78 18.39 1.31 14.80
CA ARG D 78 17.15 1.90 14.37
C ARG D 78 16.36 0.99 13.45
N SER D 79 15.07 0.86 13.72
CA SER D 79 14.18 0.09 12.86
C SER D 79 13.39 1.00 11.94
N ASP D 80 13.02 0.49 10.77
CA ASP D 80 12.24 1.27 9.81
C ASP D 80 10.85 1.57 10.37
N ARG D 81 10.39 2.79 10.16
CA ARG D 81 9.05 3.19 10.55
C ARG D 81 8.05 2.42 9.69
N GLU D 82 7.03 1.84 10.33
CA GLU D 82 6.07 1.01 9.62
C GLU D 82 5.19 1.80 8.65
N SER D 83 4.86 3.03 9.03
CA SER D 83 4.07 3.90 8.17
C SER D 83 4.84 4.20 6.89
N VAL D 84 6.16 4.25 6.99
CA VAL D 84 7.00 4.51 5.84
C VAL D 84 7.15 3.26 4.97
N ARG D 85 7.37 2.11 5.60
CA ARG D 85 7.43 0.85 4.87
C ARG D 85 6.11 0.61 4.14
N GLY D 86 5.02 1.03 4.77
CA GLY D 86 3.70 0.89 4.18
C GLY D 86 2.95 -0.34 4.66
N ARG D 87 3.44 -0.96 5.73
CA ARG D 87 2.79 -2.15 6.28
C ARG D 87 3.23 -2.47 7.71
N LEU D 88 2.30 -3.05 8.47
CA LEU D 88 2.59 -3.51 9.82
C LEU D 88 3.41 -4.79 9.77
N SER D 89 4.36 -4.92 10.68
CA SER D 89 5.08 -6.18 10.82
C SER D 89 4.17 -7.21 11.49
N GLY D 90 4.50 -8.49 11.32
CA GLY D 90 3.74 -9.54 11.96
C GLY D 90 3.83 -9.45 13.47
N ARG D 91 5.03 -9.15 13.97
CA ARG D 91 5.26 -8.96 15.39
C ARG D 91 4.29 -7.94 15.96
N THR D 92 4.19 -6.80 15.31
CA THR D 92 3.33 -5.71 15.75
C THR D 92 1.87 -6.16 15.89
N GLN D 93 1.37 -6.85 14.87
CA GLN D 93 -0.02 -7.30 14.88
C GLN D 93 -0.24 -8.40 15.92
N GLU D 94 0.74 -9.29 16.04
CA GLU D 94 0.73 -10.34 17.05
C GLU D 94 0.55 -9.76 18.45
N ILE D 95 1.36 -8.77 18.79
CA ILE D 95 1.32 -8.17 20.12
C ILE D 95 0.08 -7.29 20.32
N SER D 96 -0.28 -6.53 19.30
CA SER D 96 -1.46 -5.68 19.38
C SER D 96 -2.68 -6.51 19.75
N ARG D 97 -2.86 -7.63 19.07
CA ARG D 97 -4.00 -8.51 19.30
C ARG D 97 -3.97 -9.10 20.72
N LEU D 98 -2.79 -9.53 21.15
CA LEU D 98 -2.62 -10.07 22.49
C LEU D 98 -3.02 -9.06 23.57
N ILE D 99 -2.57 -7.82 23.41
CA ILE D 99 -2.84 -6.78 24.40
C ILE D 99 -4.33 -6.49 24.53
N GLY D 100 -5.02 -6.39 23.39
CA GLY D 100 -6.43 -6.10 23.39
C GLY D 100 -7.24 -7.23 23.99
N ARG D 101 -6.83 -8.45 23.70
CA ARG D 101 -7.50 -9.64 24.20
C ARG D 101 -7.32 -9.77 25.72
N SER D 102 -6.11 -9.46 26.20
CA SER D 102 -5.80 -9.54 27.63
C SER D 102 -6.64 -8.56 28.45
N LEU D 103 -6.67 -7.30 28.02
CA LEU D 103 -7.39 -6.26 28.75
C LEU D 103 -8.89 -6.49 28.72
N ARG D 104 -9.40 -7.00 27.62
CA ARG D 104 -10.81 -7.34 27.48
C ARG D 104 -11.24 -8.46 28.43
N ALA D 105 -10.29 -9.31 28.81
CA ALA D 105 -10.58 -10.44 29.68
C ALA D 105 -11.01 -9.98 31.08
N CYS D 106 -10.62 -8.77 31.47
CA CYS D 106 -10.88 -8.29 32.82
C CYS D 106 -11.78 -7.05 32.87
N ILE D 107 -12.51 -6.80 31.79
CA ILE D 107 -13.45 -5.68 31.77
C ILE D 107 -14.77 -6.08 31.13
N ASP D 108 -15.88 -5.76 31.81
CA ASP D 108 -17.20 -6.01 31.28
C ASP D 108 -17.56 -4.89 30.31
N LEU D 109 -17.42 -5.17 29.02
CA LEU D 109 -17.66 -4.16 27.99
C LEU D 109 -19.11 -3.68 28.01
N ALA D 110 -20.01 -4.53 28.48
CA ALA D 110 -21.40 -4.15 28.66
C ALA D 110 -21.52 -3.20 29.85
N ALA D 111 -20.76 -3.47 30.89
CA ALA D 111 -20.69 -2.60 32.05
C ALA D 111 -20.12 -1.25 31.63
N LEU D 112 -19.18 -1.28 30.70
CA LEU D 112 -18.66 -0.07 30.09
C LEU D 112 -19.82 0.63 29.39
N GLY D 113 -19.59 1.86 28.94
CA GLY D 113 -20.63 2.58 28.23
C GLY D 113 -20.76 2.08 26.80
N GLU D 114 -21.53 2.82 26.00
CA GLU D 114 -21.62 2.56 24.57
C GLU D 114 -20.39 3.19 23.92
N ASN D 115 -19.25 3.03 24.57
CA ASN D 115 -18.03 3.73 24.21
C ASN D 115 -16.87 2.80 23.92
N THR D 116 -15.82 3.33 23.28
CA THR D 116 -14.61 2.56 23.02
C THR D 116 -13.43 3.10 23.82
N ILE D 117 -12.52 2.19 24.16
CA ILE D 117 -11.28 2.58 24.81
C ILE D 117 -10.12 2.13 23.92
N ALA D 118 -9.48 3.07 23.27
CA ALA D 118 -8.34 2.77 22.40
C ALA D 118 -7.05 2.72 23.20
N ILE D 119 -6.47 1.53 23.30
CA ILE D 119 -5.21 1.34 24.00
C ILE D 119 -4.04 1.49 23.04
N ASP D 120 -3.10 2.36 23.39
CA ASP D 120 -1.91 2.58 22.60
C ASP D 120 -0.65 2.32 23.42
N CYS D 121 0.17 1.40 22.95
CA CYS D 121 1.42 1.08 23.62
C CYS D 121 2.58 1.35 22.68
N ASP D 122 3.33 2.41 22.97
CA ASP D 122 4.43 2.81 22.11
C ASP D 122 5.75 2.71 22.88
N VAL D 123 6.64 1.85 22.39
CA VAL D 123 7.90 1.58 23.06
C VAL D 123 8.93 2.67 22.80
N LEU D 124 9.31 3.39 23.86
CA LEU D 124 10.32 4.44 23.74
C LEU D 124 11.73 3.84 23.74
N GLN D 125 11.91 2.77 24.50
CA GLN D 125 13.18 2.05 24.53
C GLN D 125 12.96 0.56 24.74
N ALA D 126 13.62 -0.27 23.92
CA ALA D 126 13.46 -1.71 23.99
C ALA D 126 14.72 -2.41 24.52
N ASP D 127 14.59 -3.01 25.70
CA ASP D 127 15.67 -3.80 26.28
C ASP D 127 15.10 -5.14 26.77
N GLY D 128 14.18 -5.71 25.98
CA GLY D 128 13.54 -6.96 26.34
C GLY D 128 12.29 -6.74 27.18
N GLY D 129 11.33 -7.63 27.03
CA GLY D 129 10.10 -7.57 27.80
C GLY D 129 9.26 -6.32 27.52
N THR D 130 9.30 -5.83 26.28
CA THR D 130 8.48 -4.68 25.91
C THR D 130 6.99 -5.01 25.90
N ARG D 131 6.62 -6.18 25.38
CA ARG D 131 5.19 -6.51 25.28
C ARG D 131 4.58 -6.85 26.65
N THR D 132 5.35 -7.47 27.53
CA THR D 132 4.88 -7.73 28.89
C THR D 132 4.81 -6.43 29.68
N ALA D 133 5.74 -5.53 29.42
CA ALA D 133 5.70 -4.20 30.00
C ALA D 133 4.49 -3.45 29.48
N ALA D 134 4.27 -3.53 28.17
CA ALA D 134 3.15 -2.86 27.53
C ALA D 134 1.83 -3.26 28.16
N ILE D 135 1.62 -4.56 28.32
CA ILE D 135 0.40 -5.08 28.92
C ILE D 135 0.26 -4.59 30.36
N THR D 136 1.33 -4.73 31.13
CA THR D 136 1.32 -4.36 32.55
C THR D 136 1.01 -2.87 32.72
N GLY D 137 1.54 -2.04 31.84
CA GLY D 137 1.26 -0.61 31.87
C GLY D 137 -0.10 -0.27 31.32
N ALA D 138 -0.51 -0.98 30.27
CA ALA D 138 -1.78 -0.71 29.61
C ALA D 138 -2.95 -0.86 30.57
N TYR D 139 -2.84 -1.80 31.51
CA TYR D 139 -3.92 -2.02 32.47
C TYR D 139 -4.08 -0.81 33.39
N VAL D 140 -2.97 -0.30 33.90
CA VAL D 140 -3.01 0.88 34.75
C VAL D 140 -3.68 2.04 34.00
N ALA D 141 -3.32 2.19 32.73
CA ALA D 141 -3.93 3.21 31.89
C ALA D 141 -5.43 2.96 31.77
N LEU D 142 -5.80 1.71 31.50
CA LEU D 142 -7.20 1.32 31.41
C LEU D 142 -7.93 1.69 32.70
N ALA D 143 -7.30 1.42 33.83
CA ALA D 143 -7.89 1.75 35.13
C ALA D 143 -8.20 3.24 35.20
N ASP D 144 -7.20 4.06 34.92
CA ASP D 144 -7.39 5.51 34.93
C ASP D 144 -8.47 5.95 33.95
N ALA D 145 -8.55 5.26 32.81
CA ALA D 145 -9.58 5.55 31.83
C ALA D 145 -10.97 5.26 32.39
N VAL D 146 -11.09 4.17 33.13
CA VAL D 146 -12.36 3.83 33.79
C VAL D 146 -12.70 4.89 34.83
N THR D 147 -11.72 5.23 35.66
CA THR D 147 -11.89 6.30 36.64
C THR D 147 -12.45 7.55 35.96
N TYR D 148 -11.84 7.92 34.84
CA TYR D 148 -12.27 9.08 34.08
C TYR D 148 -13.72 8.96 33.65
N LEU D 149 -14.06 7.83 33.03
CA LEU D 149 -15.41 7.60 32.51
C LEU D 149 -16.47 7.67 33.60
N SER D 150 -16.24 7.00 34.72
CA SER D 150 -17.19 7.01 35.83
C SER D 150 -17.34 8.41 36.40
N ALA D 151 -16.23 9.13 36.48
CA ALA D 151 -16.25 10.51 36.96
C ALA D 151 -17.01 11.41 36.00
N ALA D 152 -17.24 10.91 34.80
CA ALA D 152 -17.99 11.64 33.78
C ALA D 152 -19.42 11.10 33.67
N GLY D 153 -19.74 10.14 34.53
CA GLY D 153 -21.07 9.56 34.55
C GLY D 153 -21.43 8.84 33.27
N LYS D 154 -20.44 8.57 32.45
CA LYS D 154 -20.67 7.92 31.16
C LYS D 154 -20.48 6.41 31.24
N LEU D 155 -20.52 5.88 32.46
CA LEU D 155 -20.43 4.44 32.68
C LEU D 155 -21.75 3.87 33.17
N SER D 156 -22.07 2.65 32.73
CA SER D 156 -23.29 1.97 33.14
C SER D 156 -23.08 1.19 34.44
N ASP D 157 -21.85 0.74 34.66
CA ASP D 157 -21.49 0.05 35.90
C ASP D 157 -20.37 0.78 36.63
N PRO D 158 -20.59 1.09 37.92
CA PRO D 158 -19.59 1.75 38.76
C PRO D 158 -18.24 1.02 38.71
N ARG D 159 -18.28 -0.29 38.52
CA ARG D 159 -17.06 -1.09 38.46
C ARG D 159 -17.08 -2.06 37.27
N PRO D 160 -16.54 -1.61 36.12
CA PRO D 160 -16.44 -2.43 34.91
C PRO D 160 -15.30 -3.44 34.99
N LEU D 161 -14.30 -3.16 35.81
CA LEU D 161 -13.14 -4.03 35.92
C LEU D 161 -13.37 -5.16 36.91
N SER D 162 -13.26 -6.40 36.43
CA SER D 162 -13.48 -7.56 37.27
C SER D 162 -12.18 -8.16 37.80
N CYS D 163 -11.06 -7.66 37.27
CA CYS D 163 -9.74 -8.11 37.74
C CYS D 163 -8.62 -7.26 37.17
N ALA D 164 -7.41 -7.45 37.68
CA ALA D 164 -6.24 -6.74 37.21
C ALA D 164 -5.40 -7.62 36.29
N ILE D 165 -4.75 -7.00 35.32
CA ILE D 165 -3.93 -7.72 34.35
C ILE D 165 -2.46 -7.34 34.47
N ALA D 166 -1.59 -8.35 34.50
CA ALA D 166 -0.15 -8.12 34.48
C ALA D 166 0.52 -9.24 33.71
N ALA D 167 1.70 -8.95 33.16
CA ALA D 167 2.42 -9.94 32.36
C ALA D 167 3.92 -9.86 32.57
N VAL D 168 4.59 -11.01 32.46
CA VAL D 168 6.04 -11.06 32.57
C VAL D 168 6.61 -12.12 31.64
N SER D 169 7.84 -11.91 31.18
CA SER D 169 8.50 -12.90 30.34
C SER D 169 9.23 -13.92 31.19
N VAL D 170 9.32 -15.14 30.68
CA VAL D 170 10.03 -16.21 31.36
C VAL D 170 10.61 -17.16 30.32
N GLY D 171 11.77 -17.75 30.63
CA GLY D 171 12.40 -18.66 29.69
C GLY D 171 13.58 -19.41 30.27
N VAL D 172 14.25 -20.19 29.42
CA VAL D 172 15.43 -20.92 29.82
C VAL D 172 16.66 -20.30 29.19
N VAL D 173 17.51 -19.70 30.02
CA VAL D 173 18.74 -19.08 29.55
C VAL D 173 19.94 -19.68 30.27
N ASP D 174 20.87 -20.25 29.48
CA ASP D 174 22.04 -20.90 30.04
C ASP D 174 21.64 -22.11 30.87
N GLY D 175 20.62 -22.83 30.40
CA GLY D 175 20.18 -24.06 31.04
C GLY D 175 19.35 -23.87 32.30
N ARG D 176 19.05 -22.62 32.66
CA ARG D 176 18.21 -22.37 33.83
C ARG D 176 17.09 -21.36 33.60
N ILE D 177 16.01 -21.54 34.34
CA ILE D 177 14.83 -20.69 34.22
C ILE D 177 15.02 -19.32 34.86
N ARG D 178 14.70 -18.27 34.11
CA ARG D 178 14.84 -16.90 34.57
C ARG D 178 13.62 -16.07 34.16
N VAL D 179 13.29 -15.07 34.98
CA VAL D 179 12.12 -14.23 34.74
C VAL D 179 12.51 -12.82 34.28
N ASP D 180 11.66 -12.22 33.45
CA ASP D 180 11.87 -10.85 32.96
C ASP D 180 13.21 -10.70 32.24
N LEU D 181 13.30 -11.27 31.04
CA LEU D 181 14.56 -11.31 30.29
C LEU D 181 14.87 -9.99 29.58
N PRO D 182 16.07 -9.43 29.83
CA PRO D 182 16.58 -8.29 29.06
C PRO D 182 16.96 -8.75 27.66
N TYR D 183 17.31 -7.82 26.79
CA TYR D 183 17.64 -8.15 25.40
C TYR D 183 18.74 -9.20 25.28
N GLU D 184 19.83 -9.02 26.04
CA GLU D 184 20.98 -9.90 25.92
C GLU D 184 20.66 -11.35 26.27
N GLU D 185 19.74 -11.55 27.22
CA GLU D 185 19.29 -12.90 27.58
C GLU D 185 18.30 -13.43 26.54
N ASP D 186 17.33 -12.59 26.18
CA ASP D 186 16.31 -12.98 25.22
C ASP D 186 16.91 -13.49 23.91
N SER D 187 17.98 -12.84 23.46
CA SER D 187 18.59 -13.18 22.18
C SER D 187 19.38 -14.49 22.21
N ARG D 188 19.39 -15.16 23.35
CA ARG D 188 20.12 -16.42 23.48
C ARG D 188 19.38 -17.43 24.37
N ALA D 189 18.07 -17.25 24.50
CA ALA D 189 17.27 -18.17 25.30
C ALA D 189 16.87 -19.39 24.48
N GLU D 190 17.02 -20.57 25.08
CA GLU D 190 16.65 -21.82 24.42
C GLU D 190 15.14 -21.92 24.34
N VAL D 191 14.47 -21.56 25.43
CA VAL D 191 13.02 -21.50 25.47
C VAL D 191 12.62 -20.13 26.00
N ASP D 192 11.51 -19.59 25.50
CA ASP D 192 11.12 -18.24 25.88
C ASP D 192 9.63 -18.00 25.63
N MET D 193 8.99 -17.27 26.54
CA MET D 193 7.56 -17.01 26.43
C MET D 193 7.11 -15.88 27.34
N ASN D 194 5.87 -15.46 27.17
CA ASN D 194 5.28 -14.39 27.97
C ASN D 194 4.02 -14.86 28.68
N VAL D 195 3.96 -14.64 29.98
CA VAL D 195 2.85 -15.12 30.78
C VAL D 195 1.94 -13.96 31.19
N VAL D 196 0.68 -14.02 30.74
CA VAL D 196 -0.31 -13.03 31.10
C VAL D 196 -1.27 -13.63 32.12
N ALA D 197 -1.39 -12.97 33.26
CA ALA D 197 -2.19 -13.50 34.36
C ALA D 197 -3.08 -12.42 34.97
N THR D 198 -4.00 -12.85 35.82
CA THR D 198 -4.86 -11.94 36.56
C THR D 198 -4.45 -11.95 38.02
N ASP D 199 -4.97 -11.02 38.79
CA ASP D 199 -4.68 -10.98 40.22
C ASP D 199 -5.67 -11.84 41.00
N THR D 200 -6.53 -12.54 40.27
CA THR D 200 -7.55 -13.38 40.87
C THR D 200 -7.30 -14.86 40.58
N GLY D 201 -6.03 -15.26 40.62
CA GLY D 201 -5.66 -16.66 40.49
C GLY D 201 -6.05 -17.36 39.20
N THR D 202 -5.97 -16.64 38.09
CA THR D 202 -6.24 -17.25 36.78
C THR D 202 -5.22 -16.79 35.74
N LEU D 203 -5.23 -17.45 34.58
CA LEU D 203 -4.35 -17.09 33.48
C LEU D 203 -5.16 -16.50 32.33
N VAL D 204 -4.48 -15.80 31.44
CA VAL D 204 -5.12 -15.21 30.27
C VAL D 204 -4.52 -15.78 28.98
N GLU D 205 -3.20 -15.93 28.98
CA GLU D 205 -2.49 -16.39 27.79
C GLU D 205 -1.05 -16.73 28.12
N ILE D 206 -0.48 -17.67 27.38
CA ILE D 206 0.94 -17.95 27.42
C ILE D 206 1.52 -17.79 26.02
N GLN D 207 2.03 -16.61 25.70
CA GLN D 207 2.48 -16.31 24.35
C GLN D 207 3.91 -16.74 24.10
N GLY D 208 4.08 -17.72 23.21
CA GLY D 208 5.40 -18.15 22.81
C GLY D 208 6.14 -17.06 22.06
N THR D 209 7.44 -16.97 22.28
CA THR D 209 8.29 -16.02 21.57
C THR D 209 9.56 -16.70 21.12
N GLY D 210 10.40 -15.97 20.40
CA GLY D 210 11.67 -16.49 19.95
C GLY D 210 11.55 -17.24 18.63
N GLU D 211 12.55 -18.07 18.35
CA GLU D 211 12.63 -18.76 17.07
C GLU D 211 11.75 -20.00 17.06
N GLY D 212 11.46 -20.53 18.24
CA GLY D 212 10.69 -21.75 18.37
C GLY D 212 11.50 -22.86 19.01
N ALA D 213 10.94 -23.47 20.04
CA ALA D 213 11.61 -24.56 20.74
C ALA D 213 10.61 -25.36 21.56
N THR D 214 10.97 -26.59 21.89
CA THR D 214 10.11 -27.45 22.71
C THR D 214 10.47 -27.31 24.18
N PHE D 215 9.54 -27.69 25.05
CA PHE D 215 9.78 -27.69 26.50
C PHE D 215 8.90 -28.73 27.16
N ALA D 216 9.42 -29.36 28.21
CA ALA D 216 8.72 -30.44 28.89
C ALA D 216 7.55 -29.93 29.73
N ARG D 217 6.58 -30.80 29.96
CA ARG D 217 5.44 -30.49 30.81
C ARG D 217 5.90 -30.01 32.19
N SER D 218 6.83 -30.74 32.80
CA SER D 218 7.34 -30.38 34.11
C SER D 218 8.07 -29.03 34.07
N THR D 219 8.69 -28.73 32.94
CA THR D 219 9.33 -27.43 32.73
C THR D 219 8.32 -26.30 32.74
N LEU D 220 7.16 -26.56 32.13
CA LEU D 220 6.07 -25.60 32.12
C LEU D 220 5.62 -25.27 33.54
N ASP D 221 5.58 -26.29 34.40
CA ASP D 221 5.23 -26.09 35.80
C ASP D 221 6.22 -25.14 36.48
N LYS D 222 7.50 -25.33 36.20
CA LYS D 222 8.54 -24.49 36.79
C LYS D 222 8.47 -23.07 36.24
N LEU D 223 8.23 -22.97 34.93
CA LEU D 223 8.13 -21.67 34.27
C LEU D 223 6.98 -20.85 34.83
N LEU D 224 5.82 -21.50 34.97
CA LEU D 224 4.64 -20.83 35.49
C LEU D 224 4.79 -20.45 36.96
N ASP D 225 5.34 -21.36 37.76
CA ASP D 225 5.58 -21.07 39.17
C ASP D 225 6.37 -19.77 39.33
N MET D 226 7.49 -19.66 38.62
CA MET D 226 8.35 -18.49 38.72
C MET D 226 7.69 -17.25 38.13
N ALA D 227 7.03 -17.42 36.98
CA ALA D 227 6.38 -16.30 36.31
C ALA D 227 5.25 -15.72 37.15
N LEU D 228 4.45 -16.59 37.75
CA LEU D 228 3.31 -16.16 38.55
C LEU D 228 3.74 -15.49 39.86
N GLY D 229 4.93 -15.84 40.33
CA GLY D 229 5.49 -15.21 41.50
C GLY D 229 5.88 -13.78 41.20
N ALA D 230 6.47 -13.59 40.02
CA ALA D 230 6.85 -12.26 39.54
C ALA D 230 5.63 -11.36 39.35
N CYS D 231 4.57 -11.93 38.78
CA CYS D 231 3.36 -11.16 38.50
C CYS D 231 2.76 -10.58 39.78
N ASP D 232 2.85 -11.30 40.88
CA ASP D 232 2.33 -10.82 42.16
C ASP D 232 3.01 -9.50 42.55
N THR D 233 4.32 -9.44 42.33
CA THR D 233 5.07 -8.21 42.57
C THR D 233 4.56 -7.10 41.66
N LEU D 234 4.29 -7.44 40.40
CA LEU D 234 3.76 -6.48 39.44
C LEU D 234 2.38 -5.97 39.85
N PHE D 235 1.55 -6.87 40.37
CA PHE D 235 0.23 -6.49 40.85
C PHE D 235 0.34 -5.51 42.00
N ALA D 236 1.36 -5.70 42.83
CA ALA D 236 1.64 -4.79 43.93
C ALA D 236 2.00 -3.41 43.38
N ALA D 237 2.99 -3.38 42.50
CA ALA D 237 3.43 -2.14 41.86
C ALA D 237 2.27 -1.38 41.25
N GLN D 238 1.36 -2.11 40.60
CA GLN D 238 0.17 -1.51 39.99
C GLN D 238 -0.70 -0.86 41.06
N ARG D 239 -0.96 -1.60 42.14
CA ARG D 239 -1.78 -1.11 43.23
C ARG D 239 -1.21 0.17 43.85
N ASP D 240 0.06 0.13 44.21
CA ASP D 240 0.73 1.27 44.82
C ASP D 240 0.59 2.53 43.96
N ALA D 241 0.78 2.38 42.65
CA ALA D 241 0.69 3.51 41.74
C ALA D 241 -0.74 4.02 41.62
N LEU D 242 -1.70 3.10 41.58
CA LEU D 242 -3.11 3.48 41.48
C LEU D 242 -3.62 4.04 42.82
N ALA D 243 -2.88 3.78 43.88
CA ALA D 243 -3.24 4.28 45.20
C ALA D 243 -3.12 5.80 45.25
N LEU D 244 -2.18 6.33 44.48
CA LEU D 244 -1.98 7.77 44.37
C LEU D 244 -3.18 8.42 43.68
N PRO D 245 -3.41 9.71 43.98
CA PRO D 245 -4.55 10.44 43.40
C PRO D 245 -4.48 10.51 41.87
N TYR D 246 -5.63 10.70 41.23
CA TYR D 246 -5.68 10.87 39.79
C TYR D 246 -5.24 12.28 39.42
N PRO D 247 -4.22 12.38 38.55
CA PRO D 247 -3.69 13.67 38.10
C PRO D 247 -4.53 14.30 37.00
N GLY D 248 -5.30 15.34 37.33
CA GLY D 248 -6.12 16.01 36.34
C GLY D 248 -7.53 16.33 36.82
N VAL D 249 -8.23 15.30 37.31
CA VAL D 249 -9.57 15.45 37.86
C VAL D 249 -10.62 15.80 36.79
N LEU D 250 -11.87 15.46 37.08
CA LEU D 250 -13.00 15.76 36.19
C LEU D 250 -14.30 15.65 36.97
N PRO D 251 -14.95 16.79 37.23
CA PRO D 251 -16.28 16.79 37.87
C PRO D 251 -17.35 16.30 36.92
N SER E 5 -4.64 41.80 26.94
CA SER E 5 -3.40 41.99 27.67
C SER E 5 -2.78 40.66 28.08
N LYS E 6 -3.62 39.70 28.44
CA LYS E 6 -3.16 38.42 28.94
C LYS E 6 -3.76 37.26 28.13
N ARG E 7 -2.96 36.24 27.89
CA ARG E 7 -3.40 35.07 27.13
C ARG E 7 -3.92 33.99 28.09
N GLU E 8 -4.61 33.00 27.54
CA GLU E 8 -5.21 31.94 28.35
C GLU E 8 -4.27 31.35 29.40
N ASP E 9 -3.01 31.13 29.02
CA ASP E 9 -2.03 30.56 29.95
C ASP E 9 -1.25 31.64 30.71
N GLY E 10 -1.80 32.85 30.72
CA GLY E 10 -1.24 33.95 31.49
C GLY E 10 0.01 34.59 30.88
N ARG E 11 0.27 34.27 29.62
CA ARG E 11 1.46 34.80 28.95
C ARG E 11 1.24 36.16 28.30
N LEU E 12 2.32 36.89 28.09
CA LEU E 12 2.30 38.09 27.28
C LEU E 12 2.47 37.69 25.83
N ASP E 13 2.15 38.61 24.92
CA ASP E 13 2.19 38.30 23.48
C ASP E 13 3.54 37.78 23.03
N HIS E 14 4.61 38.28 23.65
CA HIS E 14 5.96 37.99 23.18
C HIS E 14 6.65 36.88 23.98
N GLU E 15 5.96 36.33 24.98
CA GLU E 15 6.58 35.32 25.83
C GLU E 15 6.41 33.90 25.32
N LEU E 16 7.48 33.11 25.40
CA LEU E 16 7.44 31.69 25.09
C LEU E 16 6.86 30.94 26.28
N ARG E 17 6.29 29.76 26.01
CA ARG E 17 5.90 28.87 27.09
C ARG E 17 7.17 28.35 27.76
N PRO E 18 7.05 27.85 28.99
CA PRO E 18 8.23 27.27 29.66
C PRO E 18 8.87 26.20 28.78
N VAL E 19 10.18 26.31 28.54
CA VAL E 19 10.89 25.38 27.67
C VAL E 19 11.76 24.43 28.47
N ILE E 20 11.51 23.12 28.31
CA ILE E 20 12.29 22.10 29.00
C ILE E 20 12.99 21.17 28.03
N ILE E 21 14.30 21.02 28.19
CA ILE E 21 15.09 20.15 27.33
C ILE E 21 15.81 19.08 28.15
N THR E 22 15.42 17.83 27.95
CA THR E 22 16.02 16.71 28.66
C THR E 22 16.79 15.80 27.72
N ARG E 23 18.12 15.86 27.79
CA ARG E 23 18.98 15.02 26.97
C ARG E 23 19.08 13.63 27.57
N GLY E 24 19.50 12.67 26.75
CA GLY E 24 19.62 11.29 27.17
C GLY E 24 18.34 10.71 27.73
N PHE E 25 17.20 11.07 27.14
CA PHE E 25 15.91 10.57 27.61
C PHE E 25 15.80 9.06 27.41
N THR E 26 16.34 8.58 26.30
CA THR E 26 16.52 7.14 26.09
C THR E 26 18.00 6.92 25.83
N GLU E 27 18.45 5.67 25.89
CA GLU E 27 19.89 5.39 25.90
C GLU E 27 20.41 4.81 24.59
N ASN E 28 19.54 4.16 23.82
CA ASN E 28 19.95 3.51 22.59
C ASN E 28 20.47 4.47 21.50
N PRO E 29 19.74 5.57 21.26
CA PRO E 29 20.18 6.50 20.21
C PRO E 29 21.37 7.34 20.68
N ALA E 30 22.21 7.76 19.73
CA ALA E 30 23.32 8.64 20.06
C ALA E 30 22.81 9.95 20.62
N GLY E 31 21.68 10.41 20.08
CA GLY E 31 21.03 11.60 20.58
C GLY E 31 19.59 11.29 20.94
N SER E 32 19.19 11.65 22.15
CA SER E 32 17.82 11.41 22.60
C SER E 32 17.35 12.56 23.46
N VAL E 33 16.49 13.40 22.89
CA VAL E 33 16.09 14.63 23.54
C VAL E 33 14.58 14.78 23.69
N LEU E 34 14.10 14.83 24.92
CA LEU E 34 12.71 15.21 25.18
C LEU E 34 12.62 16.72 25.34
N ILE E 35 11.98 17.37 24.39
CA ILE E 35 11.78 18.81 24.47
C ILE E 35 10.33 19.12 24.76
N GLU E 36 10.10 20.15 25.56
CA GLU E 36 8.73 20.53 25.94
C GLU E 36 8.52 22.03 25.75
N PHE E 37 7.49 22.37 24.97
CA PHE E 37 7.03 23.74 24.83
C PHE E 37 5.72 23.82 25.58
N GLY E 38 5.78 24.19 26.86
CA GLY E 38 4.62 24.10 27.71
C GLY E 38 4.14 22.66 27.75
N HIS E 39 2.90 22.44 27.32
CA HIS E 39 2.30 21.10 27.36
C HIS E 39 2.71 20.24 26.17
N THR E 40 3.23 20.86 25.13
CA THR E 40 3.70 20.12 23.96
C THR E 40 4.98 19.35 24.27
N LYS E 41 4.94 18.03 24.13
CA LYS E 41 6.10 17.18 24.38
C LYS E 41 6.51 16.42 23.12
N VAL E 42 7.76 16.56 22.71
CA VAL E 42 8.25 15.85 21.54
C VAL E 42 9.54 15.11 21.86
N LEU E 43 9.58 13.81 21.57
CA LEU E 43 10.81 13.04 21.72
C LEU E 43 11.57 13.08 20.40
N CYS E 44 12.76 13.69 20.43
CA CYS E 44 13.58 13.81 19.24
C CYS E 44 14.85 12.99 19.41
N THR E 45 15.13 12.12 18.44
CA THR E 45 16.30 11.27 18.53
C THR E 45 17.18 11.36 17.29
N ALA E 46 18.47 11.07 17.48
CA ALA E 46 19.42 11.05 16.38
C ALA E 46 20.17 9.72 16.34
N SER E 47 19.98 8.97 15.27
CA SER E 47 20.61 7.66 15.11
C SER E 47 21.77 7.72 14.13
N VAL E 48 22.91 7.18 14.53
CA VAL E 48 24.12 7.21 13.72
C VAL E 48 24.40 5.88 13.02
N THR E 49 24.72 5.92 11.72
CA THR E 49 25.05 4.68 11.00
C THR E 49 26.19 4.74 9.97
N GLU E 50 26.53 3.56 9.44
CA GLU E 50 27.72 3.38 8.59
C GLU E 50 27.88 4.38 7.44
N GLY E 51 27.06 4.24 6.39
CA GLY E 51 27.23 5.05 5.19
C GLY E 51 25.97 5.47 4.45
N VAL E 52 26.16 6.38 3.50
CA VAL E 52 25.06 7.03 2.79
C VAL E 52 24.30 6.09 1.86
N PRO E 53 23.02 6.40 1.62
CA PRO E 53 22.13 5.70 0.69
C PRO E 53 22.04 6.42 -0.65
N LEU E 61 30.84 12.28 1.72
CA LEU E 61 29.88 13.19 2.32
C LEU E 61 28.72 12.42 2.96
N GLY E 62 28.50 12.65 4.24
CA GLY E 62 27.44 12.00 4.97
C GLY E 62 26.06 12.50 4.57
N TRP E 63 25.03 11.89 5.13
CA TRP E 63 23.65 12.29 4.85
C TRP E 63 22.80 12.31 6.11
N LEU E 64 21.78 13.17 6.12
CA LEU E 64 20.84 13.24 7.23
C LEU E 64 19.42 13.18 6.69
N THR E 65 18.58 12.38 7.34
CA THR E 65 17.17 12.33 7.00
C THR E 65 16.34 12.55 8.26
N ALA E 66 15.12 13.03 8.10
CA ALA E 66 14.27 13.35 9.25
C ALA E 66 12.86 12.86 9.05
N GLU E 67 12.27 12.32 10.12
CA GLU E 67 10.89 11.84 10.06
C GLU E 67 10.13 12.33 11.28
N TYR E 68 8.95 12.90 11.04
CA TYR E 68 8.12 13.41 12.10
C TYR E 68 6.83 12.59 12.15
N ALA E 69 6.30 12.39 13.36
CA ALA E 69 5.08 11.62 13.52
C ALA E 69 4.45 11.94 14.85
N MET E 70 3.13 11.81 14.91
CA MET E 70 2.39 12.05 16.14
C MET E 70 1.86 10.74 16.68
N LEU E 71 2.12 10.49 17.95
CA LEU E 71 1.48 9.37 18.62
C LEU E 71 -0.01 9.60 18.56
N PRO E 72 -0.79 8.53 18.36
CA PRO E 72 -2.25 8.65 18.21
C PRO E 72 -2.90 9.42 19.35
N SER E 73 -2.38 9.26 20.56
CA SER E 73 -2.99 9.87 21.73
C SER E 73 -2.48 11.29 22.00
N ALA E 74 -1.50 11.72 21.21
CA ALA E 74 -0.91 13.05 21.40
C ALA E 74 -1.94 14.16 21.22
N THR E 75 -2.80 14.02 20.22
CA THR E 75 -3.82 15.03 19.94
C THR E 75 -5.03 14.89 20.88
N HIS E 76 -5.69 16.02 21.12
CA HIS E 76 -6.82 16.07 22.06
C HIS E 76 -7.86 14.98 21.80
N SER E 77 -8.15 14.75 20.52
CA SER E 77 -8.93 13.59 20.12
C SER E 77 -7.99 12.63 19.42
N ARG E 78 -7.99 11.37 19.85
CA ARG E 78 -7.08 10.39 19.28
C ARG E 78 -7.11 10.41 17.76
N SER E 79 -5.94 10.52 17.15
CA SER E 79 -5.85 10.45 15.70
C SER E 79 -5.51 9.02 15.30
N ASP E 80 -5.75 8.69 14.04
CA ASP E 80 -5.50 7.34 13.56
C ASP E 80 -4.02 7.11 13.26
N ARG E 81 -3.55 5.92 13.65
CA ARG E 81 -2.16 5.54 13.43
C ARG E 81 -1.93 5.38 11.93
N GLU E 82 -0.89 6.04 11.41
CA GLU E 82 -0.62 6.05 9.98
C GLU E 82 -0.31 4.67 9.41
N SER E 83 0.42 3.86 10.18
CA SER E 83 0.73 2.50 9.77
C SER E 83 -0.55 1.68 9.59
N VAL E 84 -1.51 1.90 10.48
CA VAL E 84 -2.78 1.19 10.41
C VAL E 84 -3.63 1.71 9.25
N ARG E 85 -3.57 3.01 9.00
CA ARG E 85 -4.26 3.60 7.87
C ARG E 85 -3.69 3.09 6.54
N GLY E 86 -2.38 2.88 6.51
CA GLY E 86 -1.71 2.39 5.32
C GLY E 86 -1.10 3.49 4.47
N ARG E 87 -1.02 4.70 5.01
CA ARG E 87 -0.44 5.82 4.27
C ARG E 87 -0.04 6.98 5.19
N LEU E 88 1.01 7.70 4.79
CA LEU E 88 1.43 8.90 5.50
C LEU E 88 0.54 10.08 5.14
N SER E 89 0.12 10.84 6.15
CA SER E 89 -0.64 12.05 5.89
C SER E 89 0.26 13.07 5.22
N GLY E 90 -0.32 13.98 4.45
CA GLY E 90 0.45 15.00 3.75
C GLY E 90 1.21 15.90 4.70
N ARG E 91 0.55 16.24 5.81
CA ARG E 91 1.14 17.07 6.83
C ARG E 91 2.44 16.45 7.36
N THR E 92 2.44 15.13 7.49
CA THR E 92 3.61 14.40 8.00
C THR E 92 4.83 14.53 7.08
N GLN E 93 4.65 14.26 5.80
CA GLN E 93 5.76 14.34 4.85
C GLN E 93 6.26 15.77 4.73
N GLU E 94 5.34 16.71 4.71
CA GLU E 94 5.67 18.13 4.64
C GLU E 94 6.59 18.53 5.80
N ILE E 95 6.17 18.23 7.03
CA ILE E 95 6.98 18.54 8.21
C ILE E 95 8.29 17.78 8.25
N SER E 96 8.24 16.49 7.91
CA SER E 96 9.44 15.65 7.87
C SER E 96 10.52 16.25 6.97
N ARG E 97 10.13 16.70 5.79
CA ARG E 97 11.06 17.31 4.85
C ARG E 97 11.66 18.60 5.41
N LEU E 98 10.80 19.45 5.98
CA LEU E 98 11.24 20.70 6.58
C LEU E 98 12.30 20.47 7.66
N ILE E 99 12.08 19.48 8.52
CA ILE E 99 13.02 19.18 9.59
C ILE E 99 14.37 18.77 9.02
N GLY E 100 14.35 17.88 8.03
CA GLY E 100 15.56 17.40 7.40
C GLY E 100 16.37 18.52 6.77
N ARG E 101 15.69 19.37 6.00
CA ARG E 101 16.37 20.46 5.31
C ARG E 101 16.97 21.44 6.31
N SER E 102 16.16 21.87 7.28
CA SER E 102 16.59 22.82 8.29
C SER E 102 17.90 22.41 8.94
N LEU E 103 17.95 21.16 9.41
CA LEU E 103 19.14 20.65 10.10
C LEU E 103 20.35 20.58 9.19
N ARG E 104 20.14 20.14 7.95
CA ARG E 104 21.22 20.03 6.98
C ARG E 104 21.81 21.39 6.62
N ALA E 105 21.07 22.45 6.94
CA ALA E 105 21.52 23.81 6.63
C ALA E 105 22.62 24.27 7.58
N CYS E 106 22.76 23.59 8.71
CA CYS E 106 23.80 23.95 9.67
C CYS E 106 24.78 22.81 9.92
N ILE E 107 24.89 21.90 8.95
CA ILE E 107 25.88 20.84 9.01
C ILE E 107 26.72 20.82 7.74
N ASP E 108 28.02 20.63 7.89
CA ASP E 108 28.89 20.38 6.74
C ASP E 108 29.05 18.87 6.61
N LEU E 109 28.23 18.27 5.75
CA LEU E 109 28.21 16.81 5.60
C LEU E 109 29.59 16.24 5.27
N ALA E 110 30.42 17.03 4.60
CA ALA E 110 31.77 16.63 4.29
C ALA E 110 32.57 16.44 5.58
N ALA E 111 32.43 17.40 6.48
CA ALA E 111 33.07 17.35 7.80
C ALA E 111 32.59 16.13 8.59
N LEU E 112 31.58 15.45 8.07
CA LEU E 112 30.99 14.30 8.76
C LEU E 112 31.47 12.97 8.19
N GLY E 113 32.00 13.01 6.97
CA GLY E 113 32.40 11.79 6.28
C GLY E 113 31.24 10.87 6.00
N GLU E 114 31.33 10.06 4.93
CA GLU E 114 30.29 9.10 4.64
C GLU E 114 29.77 8.52 5.95
N ASN E 115 28.51 8.79 6.25
CA ASN E 115 27.89 8.48 7.53
C ASN E 115 26.47 8.99 7.45
N THR E 116 25.57 8.41 8.24
CA THR E 116 24.18 8.83 8.21
C THR E 116 23.55 9.06 9.58
N ILE E 117 22.93 10.22 9.75
CA ILE E 117 22.21 10.54 10.99
C ILE E 117 20.71 10.55 10.73
N ALA E 118 19.99 9.61 11.34
CA ALA E 118 18.54 9.53 11.18
C ALA E 118 17.84 10.27 12.31
N ILE E 119 17.15 11.36 11.95
CA ILE E 119 16.41 12.16 12.92
C ILE E 119 14.97 11.69 13.02
N ASP E 120 14.52 11.38 14.23
CA ASP E 120 13.15 10.98 14.47
C ASP E 120 12.51 11.91 15.49
N CYS E 121 11.39 12.53 15.11
CA CYS E 121 10.67 13.41 16.02
C CYS E 121 9.25 12.90 16.22
N ASP E 122 9.01 12.30 17.38
CA ASP E 122 7.71 11.73 17.68
C ASP E 122 6.99 12.50 18.78
N VAL E 123 5.84 13.05 18.43
CA VAL E 123 5.07 13.89 19.35
C VAL E 123 4.36 13.05 20.39
N LEU E 124 4.67 13.29 21.65
CA LEU E 124 4.05 12.55 22.76
C LEU E 124 2.78 13.25 23.21
N GLN E 125 2.79 14.57 23.15
CA GLN E 125 1.60 15.36 23.45
C GLN E 125 1.57 16.64 22.60
N ALA E 126 0.46 16.86 21.92
CA ALA E 126 0.34 18.02 21.03
C ALA E 126 -0.51 19.12 21.63
N ASP E 127 0.09 20.28 21.85
CA ASP E 127 -0.65 21.45 22.28
C ASP E 127 -0.15 22.67 21.51
N GLY E 128 -0.08 22.55 20.19
CA GLY E 128 0.42 23.61 19.34
C GLY E 128 1.94 23.67 19.31
N GLY E 129 2.48 24.09 18.17
CA GLY E 129 3.90 24.25 18.01
C GLY E 129 4.71 22.96 18.13
N THR E 130 4.12 21.86 17.70
CA THR E 130 4.81 20.56 17.78
C THR E 130 5.96 20.46 16.79
N ARG E 131 5.81 21.09 15.63
CA ARG E 131 6.85 20.99 14.59
C ARG E 131 8.03 21.91 14.87
N THR E 132 7.77 23.06 15.50
CA THR E 132 8.84 23.98 15.87
C THR E 132 9.59 23.45 17.09
N ALA E 133 8.87 22.83 18.00
CA ALA E 133 9.49 22.15 19.14
C ALA E 133 10.36 21.01 18.61
N ALA E 134 9.83 20.28 17.61
CA ALA E 134 10.53 19.14 17.05
C ALA E 134 11.84 19.55 16.41
N ILE E 135 11.82 20.67 15.69
CA ILE E 135 13.04 21.20 15.08
C ILE E 135 14.04 21.64 16.14
N THR E 136 13.58 22.40 17.11
CA THR E 136 14.43 22.92 18.17
C THR E 136 15.09 21.76 18.95
N GLY E 137 14.30 20.74 19.27
CA GLY E 137 14.81 19.58 19.98
C GLY E 137 15.70 18.71 19.11
N ALA E 138 15.31 18.55 17.86
CA ALA E 138 16.08 17.74 16.92
C ALA E 138 17.52 18.22 16.82
N TYR E 139 17.72 19.53 16.85
CA TYR E 139 19.06 20.08 16.75
C TYR E 139 19.93 19.65 17.93
N VAL E 140 19.36 19.69 19.14
CA VAL E 140 20.08 19.27 20.32
C VAL E 140 20.47 17.79 20.23
N ALA E 141 19.57 16.98 19.67
CA ALA E 141 19.82 15.56 19.48
C ALA E 141 20.93 15.35 18.45
N LEU E 142 20.90 16.19 17.41
CA LEU E 142 21.92 16.15 16.37
C LEU E 142 23.30 16.49 16.94
N ALA E 143 23.35 17.47 17.83
CA ALA E 143 24.60 17.85 18.47
C ALA E 143 25.17 16.68 19.25
N ASP E 144 24.30 16.01 20.00
CA ASP E 144 24.71 14.83 20.76
C ASP E 144 25.14 13.69 19.84
N ALA E 145 24.57 13.64 18.65
CA ALA E 145 24.96 12.65 17.66
C ALA E 145 26.37 12.94 17.14
N VAL E 146 26.66 14.21 16.93
CA VAL E 146 27.99 14.63 16.53
C VAL E 146 28.99 14.35 17.64
N THR E 147 28.64 14.76 18.86
CA THR E 147 29.46 14.46 20.03
C THR E 147 29.80 12.98 20.10
N TYR E 148 28.81 12.15 19.83
CA TYR E 148 29.00 10.70 19.83
C TYR E 148 29.98 10.28 18.76
N LEU E 149 29.76 10.74 17.53
CA LEU E 149 30.62 10.40 16.40
C LEU E 149 32.06 10.84 16.61
N SER E 150 32.23 11.98 17.29
CA SER E 150 33.57 12.49 17.57
C SER E 150 34.30 11.54 18.52
N ALA E 151 33.62 11.12 19.57
CA ALA E 151 34.20 10.21 20.55
C ALA E 151 34.55 8.86 19.92
N ALA E 152 33.81 8.50 18.87
CA ALA E 152 34.08 7.26 18.15
C ALA E 152 35.10 7.49 17.04
N GLY E 153 35.55 8.75 16.93
CA GLY E 153 36.54 9.12 15.93
C GLY E 153 36.14 8.76 14.52
N LYS E 154 34.89 9.08 14.16
CA LYS E 154 34.37 8.75 12.84
C LYS E 154 34.13 10.01 12.02
N LEU E 155 34.52 11.15 12.57
CA LEU E 155 34.33 12.44 11.91
C LEU E 155 35.57 12.87 11.14
N SER E 156 35.38 13.15 9.85
CA SER E 156 36.47 13.68 9.03
C SER E 156 36.97 14.98 9.64
N ASP E 157 36.02 15.84 10.00
CA ASP E 157 36.33 17.11 10.65
C ASP E 157 35.69 17.15 12.04
N PRO E 158 36.40 17.71 13.02
CA PRO E 158 35.93 17.81 14.41
C PRO E 158 34.76 18.77 14.59
N ARG E 159 34.51 19.63 13.62
CA ARG E 159 33.47 20.66 13.76
C ARG E 159 32.48 20.70 12.61
N PRO E 160 31.70 19.61 12.43
CA PRO E 160 30.71 19.53 11.35
C PRO E 160 29.61 20.58 11.48
N LEU E 161 29.28 20.98 12.70
CA LEU E 161 28.21 21.94 12.95
C LEU E 161 28.68 23.37 12.73
N SER E 162 28.05 24.06 11.78
CA SER E 162 28.43 25.43 11.43
C SER E 162 27.53 26.47 12.06
N CYS E 163 26.40 26.03 12.61
CA CYS E 163 25.48 26.92 13.29
C CYS E 163 24.38 26.14 14.02
N ALA E 164 23.62 26.84 14.86
CA ALA E 164 22.52 26.22 15.59
C ALA E 164 21.19 26.52 14.92
N ILE E 165 20.25 25.58 15.03
CA ILE E 165 18.93 25.74 14.44
C ILE E 165 17.85 25.69 15.51
N ALA E 166 16.93 26.65 15.45
CA ALA E 166 15.75 26.62 16.30
C ALA E 166 14.56 27.14 15.50
N ALA E 167 13.36 26.93 16.04
CA ALA E 167 12.15 27.35 15.34
C ALA E 167 11.03 27.66 16.32
N VAL E 168 10.15 28.57 15.92
CA VAL E 168 9.05 28.97 16.77
C VAL E 168 7.84 29.31 15.91
N SER E 169 6.65 29.11 16.45
CA SER E 169 5.44 29.51 15.72
C SER E 169 5.07 30.94 16.10
N VAL E 170 4.51 31.66 15.13
CA VAL E 170 4.06 33.03 15.37
C VAL E 170 2.83 33.30 14.51
N GLY E 171 1.96 34.19 14.96
CA GLY E 171 0.76 34.50 14.21
C GLY E 171 -0.01 35.70 14.68
N VAL E 172 -1.08 36.02 13.96
CA VAL E 172 -2.01 37.06 14.38
C VAL E 172 -3.21 36.37 15.03
N VAL E 173 -3.33 36.52 16.35
CA VAL E 173 -4.42 35.91 17.10
C VAL E 173 -5.16 36.98 17.89
N ASP E 174 -6.48 37.01 17.74
CA ASP E 174 -7.30 38.04 18.38
C ASP E 174 -6.78 39.43 18.05
N GLY E 175 -6.26 39.59 16.83
CA GLY E 175 -5.79 40.88 16.36
C GLY E 175 -4.43 41.29 16.89
N ARG E 176 -3.69 40.33 17.42
CA ARG E 176 -2.39 40.64 18.01
C ARG E 176 -1.30 39.70 17.52
N ILE E 177 -0.08 40.24 17.41
CA ILE E 177 1.10 39.45 17.07
C ILE E 177 1.53 38.66 18.31
N ARG E 178 1.51 37.35 18.21
CA ARG E 178 1.84 36.49 19.33
C ARG E 178 2.79 35.37 18.92
N VAL E 179 3.60 34.91 19.87
CA VAL E 179 4.59 33.88 19.58
C VAL E 179 4.29 32.58 20.33
N ASP E 180 4.70 31.46 19.74
CA ASP E 180 4.54 30.14 20.34
C ASP E 180 3.07 29.86 20.69
N LEU E 181 2.26 29.65 19.66
CA LEU E 181 0.83 29.48 19.82
C LEU E 181 0.46 28.09 20.29
N PRO E 182 -0.36 27.99 21.35
CA PRO E 182 -0.93 26.70 21.78
C PRO E 182 -2.02 26.25 20.81
N TYR E 183 -2.63 25.11 21.10
CA TYR E 183 -3.65 24.54 20.22
C TYR E 183 -4.82 25.49 20.00
N GLU E 184 -5.28 26.13 21.08
CA GLU E 184 -6.47 26.98 21.02
C GLU E 184 -6.21 28.23 20.17
N GLU E 185 -5.09 28.90 20.43
CA GLU E 185 -4.73 30.10 19.69
C GLU E 185 -4.50 29.80 18.21
N ASP E 186 -3.89 28.66 17.94
CA ASP E 186 -3.58 28.25 16.58
C ASP E 186 -4.85 28.10 15.75
N SER E 187 -5.91 27.60 16.39
CA SER E 187 -7.17 27.35 15.70
C SER E 187 -7.93 28.63 15.36
N ARG E 188 -7.61 29.72 16.07
CA ARG E 188 -8.27 31.00 15.82
C ARG E 188 -7.41 31.90 14.94
N ALA E 189 -6.15 31.51 14.74
CA ALA E 189 -5.18 32.36 14.06
C ALA E 189 -5.69 32.85 12.70
N GLU E 190 -5.83 34.17 12.60
CA GLU E 190 -6.12 34.81 11.32
C GLU E 190 -4.99 34.50 10.36
N VAL E 191 -3.77 34.57 10.87
CA VAL E 191 -2.56 34.23 10.12
C VAL E 191 -1.57 33.59 11.09
N ASP E 192 -0.79 32.61 10.62
CA ASP E 192 0.23 32.02 11.46
C ASP E 192 1.23 31.23 10.64
N MET E 193 2.44 31.10 11.17
CA MET E 193 3.50 30.42 10.46
C MET E 193 4.60 29.91 11.39
N ASN E 194 5.49 29.11 10.83
CA ASN E 194 6.62 28.58 11.56
C ASN E 194 7.91 29.17 11.04
N VAL E 195 8.64 29.85 11.91
CA VAL E 195 9.89 30.50 11.52
C VAL E 195 11.07 29.63 11.95
N VAL E 196 11.89 29.25 10.99
CA VAL E 196 13.08 28.47 11.28
C VAL E 196 14.31 29.35 11.10
N ALA E 197 15.06 29.56 12.17
CA ALA E 197 16.18 30.49 12.14
C ALA E 197 17.47 29.85 12.61
N THR E 198 18.59 30.49 12.31
CA THR E 198 19.88 30.06 12.81
C THR E 198 20.35 31.03 13.89
N ASP E 199 21.29 30.59 14.71
CA ASP E 199 21.82 31.42 15.79
C ASP E 199 22.83 32.43 15.26
N THR E 200 23.18 32.30 13.99
CA THR E 200 24.12 33.22 13.36
C THR E 200 23.43 34.53 13.02
N GLY E 201 22.23 34.44 12.47
CA GLY E 201 21.45 35.62 12.12
C GLY E 201 20.82 35.48 10.76
N THR E 202 20.54 34.25 10.36
CA THR E 202 19.93 33.99 9.06
C THR E 202 18.63 33.18 9.22
N LEU E 203 17.83 33.16 8.17
CA LEU E 203 16.59 32.42 8.16
C LEU E 203 16.72 31.17 7.29
N VAL E 204 16.03 30.11 7.69
CA VAL E 204 16.04 28.88 6.91
C VAL E 204 14.72 28.69 6.15
N GLU E 205 13.62 29.05 6.79
CA GLU E 205 12.31 28.84 6.21
C GLU E 205 11.23 29.60 6.97
N ILE E 206 10.21 30.04 6.25
CA ILE E 206 9.01 30.61 6.85
C ILE E 206 7.79 29.83 6.37
N GLN E 207 7.41 28.79 7.10
CA GLN E 207 6.41 27.84 6.63
C GLN E 207 4.97 28.27 6.91
N GLY E 208 4.19 28.47 5.85
CA GLY E 208 2.77 28.73 5.97
C GLY E 208 2.08 27.45 6.42
N THR E 209 0.94 27.57 7.08
CA THR E 209 0.33 26.40 7.73
C THR E 209 -1.20 26.33 7.64
N GLY E 210 -1.87 27.47 7.74
CA GLY E 210 -3.32 27.49 7.81
C GLY E 210 -4.05 26.86 6.64
N GLU E 211 -5.34 27.17 6.52
CA GLU E 211 -6.14 26.73 5.39
C GLU E 211 -5.80 27.58 4.16
N GLY E 212 -5.15 28.71 4.42
CA GLY E 212 -4.82 29.66 3.36
C GLY E 212 -5.29 31.05 3.72
N ALA E 213 -4.33 31.98 3.84
CA ALA E 213 -4.66 33.34 4.26
C ALA E 213 -3.75 34.37 3.59
N THR E 214 -4.14 35.63 3.67
CA THR E 214 -3.36 36.73 3.09
C THR E 214 -2.95 37.72 4.17
N PHE E 215 -1.73 38.22 4.08
CA PHE E 215 -1.23 39.18 5.05
C PHE E 215 -0.39 40.27 4.38
N ALA E 216 -0.39 41.46 4.98
CA ALA E 216 0.41 42.57 4.47
C ALA E 216 1.88 42.31 4.76
N ARG E 217 2.74 42.92 3.96
CA ARG E 217 4.18 42.76 4.14
C ARG E 217 4.64 43.32 5.48
N SER E 218 4.01 44.41 5.91
CA SER E 218 4.34 45.03 7.19
C SER E 218 4.00 44.07 8.32
N THR E 219 2.90 43.33 8.17
CA THR E 219 2.53 42.32 9.14
C THR E 219 3.61 41.24 9.19
N LEU E 220 4.10 40.86 8.01
CA LEU E 220 5.16 39.86 7.93
C LEU E 220 6.39 40.28 8.73
N ASP E 221 6.78 41.54 8.57
CA ASP E 221 7.96 42.06 9.28
C ASP E 221 7.77 42.01 10.79
N LYS E 222 6.57 42.35 11.27
CA LYS E 222 6.26 42.23 12.69
C LYS E 222 6.39 40.78 13.16
N LEU E 223 5.75 39.88 12.43
CA LEU E 223 5.78 38.46 12.78
C LEU E 223 7.21 37.95 12.86
N LEU E 224 8.03 38.33 11.88
CA LEU E 224 9.44 37.93 11.87
C LEU E 224 10.22 38.54 13.04
N ASP E 225 9.96 39.81 13.33
CA ASP E 225 10.63 40.49 14.43
C ASP E 225 10.44 39.73 15.74
N MET E 226 9.19 39.46 16.11
CA MET E 226 8.90 38.76 17.36
C MET E 226 9.41 37.32 17.33
N ALA E 227 9.20 36.62 16.22
CA ALA E 227 9.63 35.24 16.10
C ALA E 227 11.14 35.10 16.29
N LEU E 228 11.91 36.01 15.69
CA LEU E 228 13.36 35.96 15.78
C LEU E 228 13.86 36.27 17.19
N GLY E 229 13.09 37.06 17.92
CA GLY E 229 13.41 37.37 19.30
C GLY E 229 13.24 36.13 20.18
N ALA E 230 12.12 35.46 20.01
CA ALA E 230 11.83 34.23 20.76
C ALA E 230 12.87 33.14 20.50
N CYS E 231 13.36 33.09 19.26
CA CYS E 231 14.38 32.11 18.90
C CYS E 231 15.66 32.31 19.70
N ASP E 232 15.99 33.56 19.99
CA ASP E 232 17.17 33.87 20.80
C ASP E 232 17.06 33.15 22.13
N THR E 233 15.88 33.18 22.73
CA THR E 233 15.62 32.47 23.98
C THR E 233 15.82 30.97 23.79
N LEU E 234 15.44 30.47 22.61
CA LEU E 234 15.55 29.05 22.32
C LEU E 234 17.00 28.61 22.18
N PHE E 235 17.80 29.43 21.50
CA PHE E 235 19.23 29.13 21.35
C PHE E 235 19.92 29.05 22.71
N ALA E 236 19.48 29.89 23.64
CA ALA E 236 20.04 29.89 24.99
C ALA E 236 19.70 28.60 25.71
N ALA E 237 18.43 28.20 25.64
CA ALA E 237 17.97 26.96 26.25
C ALA E 237 18.75 25.77 25.69
N GLN E 238 19.07 25.81 24.40
CA GLN E 238 19.86 24.77 23.77
C GLN E 238 21.26 24.70 24.34
N ARG E 239 21.89 25.87 24.53
CA ARG E 239 23.24 25.93 25.07
C ARG E 239 23.27 25.42 26.51
N ASP E 240 22.32 25.88 27.32
CA ASP E 240 22.24 25.45 28.71
C ASP E 240 22.16 23.93 28.80
N ALA E 241 21.29 23.34 28.00
CA ALA E 241 21.13 21.89 27.98
C ALA E 241 22.40 21.20 27.52
N LEU E 242 23.01 21.76 26.46
CA LEU E 242 24.21 21.17 25.87
C LEU E 242 25.48 21.46 26.68
N ALA E 243 25.37 22.34 27.66
CA ALA E 243 26.50 22.68 28.50
C ALA E 243 26.75 21.59 29.55
N LEU E 244 25.78 20.70 29.68
CA LEU E 244 25.90 19.58 30.61
C LEU E 244 26.71 18.45 29.98
N PRO E 245 27.13 17.47 30.80
CA PRO E 245 27.89 16.33 30.28
C PRO E 245 27.01 15.38 29.49
N TYR E 246 27.59 14.75 28.48
CA TYR E 246 26.89 13.78 27.66
C TYR E 246 26.30 12.67 28.53
N PRO E 247 24.96 12.51 28.50
CA PRO E 247 24.25 11.52 29.32
C PRO E 247 24.52 10.08 28.89
N GLY E 248 25.48 9.89 27.99
CA GLY E 248 25.85 8.57 27.51
C GLY E 248 26.31 7.65 28.63
N VAL E 249 26.55 6.38 28.33
CA VAL E 249 26.45 5.79 26.98
C VAL E 249 27.55 6.31 26.04
N LEU E 250 28.62 6.84 26.64
CA LEU E 250 29.80 7.24 25.87
C LEU E 250 30.42 6.03 25.18
N PRO E 251 30.80 6.17 23.90
CA PRO E 251 31.38 5.08 23.12
C PRO E 251 32.64 4.51 23.78
N SER F 5 26.14 40.05 -16.92
CA SER F 5 25.48 40.94 -17.86
C SER F 5 24.11 40.41 -18.27
N LYS F 6 24.06 39.14 -18.64
CA LYS F 6 22.80 38.49 -19.01
C LYS F 6 22.75 37.03 -18.58
N ARG F 7 21.55 36.52 -18.37
CA ARG F 7 21.35 35.13 -17.98
C ARG F 7 21.51 34.21 -19.18
N GLU F 8 21.66 32.91 -18.92
CA GLU F 8 21.99 31.95 -19.98
C GLU F 8 20.99 32.00 -21.14
N ASP F 9 19.74 32.32 -20.84
CA ASP F 9 18.72 32.41 -21.87
C ASP F 9 18.57 33.85 -22.40
N GLY F 10 19.49 34.72 -22.01
CA GLY F 10 19.51 36.09 -22.48
C GLY F 10 18.61 37.04 -21.71
N ARG F 11 18.00 36.54 -20.63
CA ARG F 11 17.09 37.34 -19.83
C ARG F 11 17.80 38.33 -18.93
N LEU F 12 17.07 39.36 -18.51
CA LEU F 12 17.52 40.26 -17.45
C LEU F 12 17.06 39.69 -16.10
N ASP F 13 17.63 40.19 -15.02
CA ASP F 13 17.34 39.65 -13.69
C ASP F 13 15.88 39.76 -13.26
N HIS F 14 15.15 40.72 -13.85
CA HIS F 14 13.78 40.97 -13.43
C HIS F 14 12.76 40.39 -14.40
N GLU F 15 13.24 39.74 -15.45
CA GLU F 15 12.36 39.27 -16.51
C GLU F 15 11.87 37.84 -16.32
N LEU F 16 10.57 37.66 -16.47
CA LEU F 16 9.99 36.32 -16.50
C LEU F 16 10.31 35.68 -17.84
N ARG F 17 10.43 34.36 -17.86
CA ARG F 17 10.46 33.61 -19.11
C ARG F 17 9.15 33.91 -19.84
N PRO F 18 9.12 33.67 -21.15
CA PRO F 18 7.86 33.88 -21.88
C PRO F 18 6.71 33.10 -21.23
N VAL F 19 5.59 33.78 -21.01
CA VAL F 19 4.43 33.16 -20.35
C VAL F 19 3.29 32.96 -21.33
N ILE F 20 2.83 31.72 -21.46
CA ILE F 20 1.72 31.39 -22.34
C ILE F 20 0.60 30.74 -21.54
N ILE F 21 -0.61 31.29 -21.68
CA ILE F 21 -1.77 30.79 -20.95
C ILE F 21 -2.88 30.42 -21.93
N THR F 22 -3.19 29.12 -21.99
CA THR F 22 -4.20 28.63 -22.91
C THR F 22 -5.38 28.03 -22.16
N ARG F 23 -6.52 28.71 -22.20
CA ARG F 23 -7.73 28.23 -21.56
C ARG F 23 -8.45 27.22 -22.47
N GLY F 24 -9.33 26.42 -21.87
CA GLY F 24 -10.06 25.40 -22.60
C GLY F 24 -9.16 24.43 -23.35
N PHE F 25 -8.04 24.07 -22.75
CA PHE F 25 -7.13 23.12 -23.38
C PHE F 25 -7.77 21.74 -23.49
N THR F 26 -8.64 21.41 -22.54
CA THR F 26 -9.50 20.23 -22.62
C THR F 26 -10.93 20.63 -22.28
N GLU F 27 -11.90 19.82 -22.71
CA GLU F 27 -13.32 20.21 -22.67
C GLU F 27 -14.06 19.80 -21.41
N ASN F 28 -13.75 18.62 -20.88
CA ASN F 28 -14.52 18.07 -19.77
C ASN F 28 -14.51 18.90 -18.48
N PRO F 29 -13.32 19.37 -18.05
CA PRO F 29 -13.27 20.17 -16.82
C PRO F 29 -13.94 21.52 -17.00
N ALA F 30 -14.62 22.01 -15.96
CA ALA F 30 -15.21 23.34 -16.00
C ALA F 30 -14.13 24.38 -16.28
N GLY F 31 -12.90 24.07 -15.86
CA GLY F 31 -11.75 24.89 -16.16
C GLY F 31 -10.57 24.04 -16.57
N SER F 32 -9.95 24.36 -17.70
CA SER F 32 -8.79 23.61 -18.18
C SER F 32 -7.77 24.54 -18.79
N VAL F 33 -6.65 24.71 -18.11
CA VAL F 33 -5.66 25.70 -18.51
C VAL F 33 -4.26 25.12 -18.64
N LEU F 34 -3.70 25.24 -19.84
CA LEU F 34 -2.31 24.89 -20.04
C LEU F 34 -1.48 26.16 -19.88
N ILE F 35 -0.60 26.16 -18.89
CA ILE F 35 0.26 27.32 -18.65
C ILE F 35 1.72 26.94 -18.89
N GLU F 36 2.45 27.86 -19.51
CA GLU F 36 3.85 27.63 -19.81
C GLU F 36 4.72 28.78 -19.29
N PHE F 37 5.73 28.42 -18.50
CA PHE F 37 6.76 29.36 -18.07
C PHE F 37 8.04 28.92 -18.74
N GLY F 38 8.34 29.49 -19.91
CA GLY F 38 9.44 29.00 -20.70
C GLY F 38 9.16 27.56 -21.11
N HIS F 39 10.09 26.66 -20.81
CA HIS F 39 9.95 25.25 -21.18
C HIS F 39 9.13 24.46 -20.17
N THR F 40 8.85 25.06 -19.01
CA THR F 40 8.00 24.43 -18.02
C THR F 40 6.53 24.47 -18.47
N LYS F 41 5.90 23.31 -18.51
CA LYS F 41 4.49 23.20 -18.93
C LYS F 41 3.66 22.47 -17.89
N VAL F 42 2.55 23.09 -17.49
CA VAL F 42 1.67 22.47 -16.51
C VAL F 42 0.21 22.57 -16.93
N LEU F 43 -0.48 21.43 -17.01
CA LEU F 43 -1.91 21.42 -17.29
C LEU F 43 -2.69 21.58 -15.98
N CYS F 44 -3.46 22.66 -15.89
CA CYS F 44 -4.18 22.97 -14.66
C CYS F 44 -5.68 22.91 -14.89
N THR F 45 -6.34 21.98 -14.20
CA THR F 45 -7.77 21.78 -14.39
C THR F 45 -8.58 22.04 -13.13
N ALA F 46 -9.83 22.44 -13.32
CA ALA F 46 -10.74 22.70 -12.21
C ALA F 46 -12.05 21.96 -12.45
N SER F 47 -12.25 20.88 -11.68
CA SER F 47 -13.44 20.07 -11.83
C SER F 47 -14.46 20.44 -10.77
N VAL F 48 -15.72 20.50 -11.17
CA VAL F 48 -16.78 20.93 -10.27
C VAL F 48 -17.73 19.79 -9.90
N THR F 49 -18.05 19.68 -8.61
CA THR F 49 -19.02 18.71 -8.14
C THR F 49 -19.93 19.33 -7.10
N GLU F 50 -21.04 18.66 -6.80
CA GLU F 50 -21.97 19.12 -5.79
C GLU F 50 -21.69 18.46 -4.45
N GLY F 51 -22.00 19.16 -3.36
CA GLY F 51 -21.79 18.63 -2.03
C GLY F 51 -20.36 18.79 -1.55
N VAL F 52 -20.12 18.42 -0.30
CA VAL F 52 -18.79 18.50 0.31
C VAL F 52 -18.58 17.29 1.21
N PRO F 53 -17.34 17.11 1.70
CA PRO F 53 -17.08 16.02 2.65
C PRO F 53 -17.91 16.17 3.94
N LEU F 61 -20.93 26.13 3.61
CA LEU F 61 -19.75 26.51 2.85
C LEU F 61 -19.29 25.37 1.95
N GLY F 62 -18.64 25.72 0.84
CA GLY F 62 -18.10 24.73 -0.08
C GLY F 62 -16.64 24.45 0.21
N TRP F 63 -16.03 23.60 -0.60
CA TRP F 63 -14.62 23.24 -0.39
C TRP F 63 -13.81 23.28 -1.68
N LEU F 64 -12.50 23.45 -1.52
CA LEU F 64 -11.57 23.35 -2.64
C LEU F 64 -10.40 22.47 -2.25
N THR F 65 -10.06 21.52 -3.13
CA THR F 65 -8.94 20.62 -2.90
C THR F 65 -7.99 20.72 -4.07
N ALA F 66 -6.72 20.43 -3.84
CA ALA F 66 -5.72 20.54 -4.90
C ALA F 66 -4.74 19.38 -4.87
N GLU F 67 -4.43 18.86 -6.05
CA GLU F 67 -3.45 17.80 -6.19
C GLU F 67 -2.44 18.14 -7.28
N TYR F 68 -1.17 17.97 -6.97
CA TYR F 68 -0.10 18.26 -7.91
C TYR F 68 0.63 16.96 -8.23
N ALA F 69 1.02 16.80 -9.49
CA ALA F 69 1.73 15.61 -9.92
C ALA F 69 2.58 15.90 -11.14
N MET F 70 3.61 15.09 -11.34
CA MET F 70 4.46 15.21 -12.52
C MET F 70 4.43 13.93 -13.32
N LEU F 71 4.17 14.05 -14.62
CA LEU F 71 4.29 12.90 -15.51
C LEU F 71 5.72 12.38 -15.38
N PRO F 72 5.89 11.06 -15.48
CA PRO F 72 7.20 10.43 -15.33
C PRO F 72 8.28 11.05 -16.23
N SER F 73 7.88 11.48 -17.42
CA SER F 73 8.86 11.98 -18.40
C SER F 73 9.10 13.48 -18.26
N ALA F 74 8.35 14.14 -17.39
CA ALA F 74 8.46 15.59 -17.22
C ALA F 74 9.88 16.01 -16.81
N THR F 75 10.52 15.18 -16.00
CA THR F 75 11.87 15.47 -15.51
C THR F 75 12.94 15.08 -16.52
N HIS F 76 14.16 15.61 -16.34
CA HIS F 76 15.26 15.32 -17.26
C HIS F 76 15.46 13.82 -17.46
N SER F 77 15.39 13.07 -16.37
CA SER F 77 15.40 11.62 -16.44
C SER F 77 14.11 11.08 -15.84
N ARG F 78 13.48 10.15 -16.55
CA ARG F 78 12.18 9.62 -16.13
C ARG F 78 12.14 9.27 -14.65
N SER F 79 11.07 9.67 -13.97
CA SER F 79 10.86 9.30 -12.58
C SER F 79 9.72 8.29 -12.45
N ASP F 80 9.84 7.41 -11.47
CA ASP F 80 8.84 6.36 -11.26
C ASP F 80 7.45 6.92 -10.99
N ARG F 81 6.46 6.32 -11.62
CA ARG F 81 5.07 6.72 -11.45
C ARG F 81 4.61 6.39 -10.02
N GLU F 82 4.03 7.37 -9.35
CA GLU F 82 3.62 7.21 -7.95
C GLU F 82 2.56 6.14 -7.74
N SER F 83 1.66 5.99 -8.71
CA SER F 83 0.60 4.99 -8.62
C SER F 83 1.22 3.59 -8.66
N VAL F 84 2.28 3.45 -9.44
CA VAL F 84 2.97 2.18 -9.57
C VAL F 84 3.79 1.91 -8.31
N ARG F 85 4.44 2.96 -7.79
CA ARG F 85 5.27 2.86 -6.61
C ARG F 85 4.41 2.57 -5.36
N GLY F 86 3.14 2.96 -5.42
CA GLY F 86 2.20 2.68 -4.36
C GLY F 86 2.07 3.76 -3.30
N ARG F 87 2.74 4.89 -3.49
CA ARG F 87 2.65 5.99 -2.54
C ARG F 87 3.01 7.34 -3.17
N LEU F 88 2.55 8.42 -2.53
CA LEU F 88 2.91 9.76 -2.95
C LEU F 88 4.27 10.13 -2.39
N SER F 89 5.08 10.82 -3.20
CA SER F 89 6.37 11.32 -2.74
C SER F 89 6.17 12.54 -1.83
N GLY F 90 7.15 12.79 -0.97
CA GLY F 90 7.08 13.92 -0.05
C GLY F 90 6.95 15.24 -0.78
N ARG F 91 7.67 15.37 -1.88
CA ARG F 91 7.60 16.58 -2.71
C ARG F 91 6.16 16.83 -3.17
N THR F 92 5.48 15.76 -3.54
CA THR F 92 4.11 15.85 -4.06
C THR F 92 3.11 16.36 -3.02
N GLN F 93 3.23 15.86 -1.80
CA GLN F 93 2.33 16.29 -0.73
C GLN F 93 2.61 17.73 -0.32
N GLU F 94 3.89 18.08 -0.30
CA GLU F 94 4.31 19.44 0.03
C GLU F 94 3.67 20.44 -0.95
N ILE F 95 3.93 20.23 -2.24
CA ILE F 95 3.42 21.13 -3.27
C ILE F 95 1.90 21.11 -3.40
N SER F 96 1.30 19.92 -3.28
CA SER F 96 -0.15 19.79 -3.36
C SER F 96 -0.84 20.66 -2.31
N ARG F 97 -0.35 20.57 -1.08
CA ARG F 97 -0.90 21.35 0.02
C ARG F 97 -0.70 22.85 -0.20
N LEU F 98 0.48 23.22 -0.70
CA LEU F 98 0.76 24.61 -1.03
C LEU F 98 -0.28 25.21 -1.97
N ILE F 99 -0.57 24.50 -3.06
CA ILE F 99 -1.55 24.96 -4.04
C ILE F 99 -2.94 25.13 -3.42
N GLY F 100 -3.33 24.18 -2.58
CA GLY F 100 -4.61 24.24 -1.90
C GLY F 100 -4.72 25.47 -1.01
N ARG F 101 -3.71 25.70 -0.18
CA ARG F 101 -3.66 26.89 0.67
C ARG F 101 -3.73 28.15 -0.17
N SER F 102 -2.87 28.24 -1.18
CA SER F 102 -2.78 29.43 -2.02
C SER F 102 -4.11 29.81 -2.66
N LEU F 103 -4.79 28.84 -3.26
CA LEU F 103 -6.05 29.11 -3.96
C LEU F 103 -7.20 29.46 -3.02
N ARG F 104 -7.31 28.72 -1.91
CA ARG F 104 -8.36 28.99 -0.93
C ARG F 104 -8.24 30.39 -0.35
N ALA F 105 -7.07 31.01 -0.51
CA ALA F 105 -6.82 32.33 0.05
C ALA F 105 -7.67 33.43 -0.59
N CYS F 106 -8.11 33.19 -1.81
CA CYS F 106 -8.85 34.21 -2.56
C CYS F 106 -10.26 33.79 -2.96
N ILE F 107 -10.79 32.76 -2.32
CA ILE F 107 -12.15 32.32 -2.61
C ILE F 107 -13.04 32.45 -1.39
N ASP F 108 -14.28 32.89 -1.61
CA ASP F 108 -15.27 32.93 -0.56
C ASP F 108 -16.09 31.65 -0.62
N LEU F 109 -15.61 30.61 0.06
CA LEU F 109 -16.29 29.31 0.04
C LEU F 109 -17.73 29.41 0.52
N ALA F 110 -18.01 30.45 1.30
CA ALA F 110 -19.36 30.71 1.78
C ALA F 110 -20.20 31.31 0.66
N ALA F 111 -19.53 31.90 -0.31
CA ALA F 111 -20.19 32.58 -1.42
C ALA F 111 -20.14 31.73 -2.68
N LEU F 112 -19.96 30.42 -2.50
CA LEU F 112 -19.84 29.51 -3.63
C LEU F 112 -20.95 28.48 -3.61
N GLY F 113 -21.43 28.15 -2.41
CA GLY F 113 -22.41 27.12 -2.23
C GLY F 113 -21.76 25.87 -1.66
N GLU F 114 -22.56 24.84 -1.41
CA GLU F 114 -22.03 23.58 -0.88
C GLU F 114 -21.36 22.79 -2.00
N ASN F 115 -20.64 23.51 -2.87
CA ASN F 115 -19.99 22.90 -4.01
C ASN F 115 -18.52 22.58 -3.73
N THR F 116 -17.93 21.72 -4.54
CA THR F 116 -16.53 21.35 -4.41
C THR F 116 -15.76 21.53 -5.71
N ILE F 117 -14.66 22.26 -5.65
CA ILE F 117 -13.80 22.42 -6.81
C ILE F 117 -12.50 21.66 -6.61
N ALA F 118 -12.27 20.66 -7.45
CA ALA F 118 -11.05 19.88 -7.38
C ALA F 118 -10.04 20.43 -8.37
N ILE F 119 -8.92 20.94 -7.84
CA ILE F 119 -7.86 21.48 -8.66
C ILE F 119 -6.81 20.41 -8.93
N ASP F 120 -6.53 20.16 -10.19
CA ASP F 120 -5.48 19.23 -10.57
C ASP F 120 -4.41 19.95 -11.35
N CYS F 121 -3.17 19.78 -10.92
CA CYS F 121 -2.03 20.38 -11.62
C CYS F 121 -1.05 19.29 -12.02
N ASP F 122 -1.00 19.01 -13.31
CA ASP F 122 -0.13 17.96 -13.80
C ASP F 122 0.98 18.51 -14.71
N VAL F 123 2.21 18.33 -14.26
CA VAL F 123 3.37 18.86 -14.97
C VAL F 123 3.71 18.00 -16.17
N LEU F 124 3.64 18.59 -17.35
CA LEU F 124 3.98 17.89 -18.59
C LEU F 124 5.49 17.98 -18.85
N GLN F 125 6.07 19.12 -18.50
CA GLN F 125 7.52 19.28 -18.60
C GLN F 125 8.04 20.16 -17.46
N ALA F 126 9.06 19.67 -16.76
CA ALA F 126 9.63 20.39 -15.64
C ALA F 126 10.96 21.04 -16.00
N ASP F 127 11.00 22.37 -15.94
CA ASP F 127 12.22 23.11 -16.16
C ASP F 127 12.31 24.23 -15.13
N GLY F 128 12.06 23.87 -13.87
CA GLY F 128 12.08 24.83 -12.78
C GLY F 128 10.81 25.64 -12.72
N GLY F 129 10.37 25.95 -11.50
CA GLY F 129 9.23 26.81 -11.29
C GLY F 129 7.88 26.16 -11.59
N THR F 130 7.83 24.83 -11.50
CA THR F 130 6.61 24.10 -11.83
C THR F 130 5.48 24.41 -10.84
N ARG F 131 5.81 24.53 -9.56
CA ARG F 131 4.79 24.78 -8.55
C ARG F 131 4.22 26.20 -8.62
N THR F 132 5.06 27.16 -9.01
CA THR F 132 4.59 28.54 -9.18
C THR F 132 3.80 28.71 -10.47
N ALA F 133 4.25 28.08 -11.55
CA ALA F 133 3.47 28.04 -12.78
C ALA F 133 2.14 27.37 -12.48
N ALA F 134 2.19 26.28 -11.72
CA ALA F 134 1.00 25.51 -11.36
C ALA F 134 -0.04 26.38 -10.65
N ILE F 135 0.42 27.17 -9.69
CA ILE F 135 -0.46 28.04 -8.95
C ILE F 135 -1.06 29.12 -9.84
N THR F 136 -0.21 29.76 -10.64
CA THR F 136 -0.65 30.82 -11.54
C THR F 136 -1.70 30.30 -12.51
N GLY F 137 -1.43 29.13 -13.08
CA GLY F 137 -2.36 28.52 -14.02
C GLY F 137 -3.62 28.02 -13.35
N ALA F 138 -3.48 27.49 -12.13
CA ALA F 138 -4.62 26.97 -11.39
C ALA F 138 -5.64 28.07 -11.07
N TYR F 139 -5.16 29.30 -10.88
CA TYR F 139 -6.08 30.39 -10.60
C TYR F 139 -6.99 30.67 -11.79
N VAL F 140 -6.41 30.67 -12.99
CA VAL F 140 -7.19 30.87 -14.21
C VAL F 140 -8.21 29.75 -14.38
N ALA F 141 -7.81 28.53 -14.05
CA ALA F 141 -8.73 27.39 -14.13
C ALA F 141 -9.87 27.59 -13.14
N LEU F 142 -9.51 28.00 -11.92
CA LEU F 142 -10.50 28.29 -10.90
C LEU F 142 -11.47 29.36 -11.36
N ALA F 143 -10.95 30.40 -11.98
CA ALA F 143 -11.78 31.50 -12.48
C ALA F 143 -12.80 30.99 -13.49
N ASP F 144 -12.38 30.06 -14.34
CA ASP F 144 -13.28 29.48 -15.34
C ASP F 144 -14.30 28.54 -14.69
N ALA F 145 -13.88 27.85 -13.63
CA ALA F 145 -14.79 26.99 -12.88
C ALA F 145 -15.87 27.84 -12.19
N VAL F 146 -15.48 29.02 -11.73
CA VAL F 146 -16.42 29.95 -11.11
C VAL F 146 -17.40 30.52 -12.14
N THR F 147 -16.90 30.76 -13.35
CA THR F 147 -17.75 31.24 -14.44
C THR F 147 -18.77 30.18 -14.83
N TYR F 148 -18.31 28.93 -14.91
CA TYR F 148 -19.17 27.81 -15.24
C TYR F 148 -20.28 27.67 -14.20
N LEU F 149 -19.89 27.64 -12.93
CA LEU F 149 -20.83 27.53 -11.83
C LEU F 149 -21.86 28.67 -11.86
N SER F 150 -21.41 29.85 -12.25
CA SER F 150 -22.27 31.03 -12.32
C SER F 150 -23.37 30.85 -13.35
N ALA F 151 -22.99 30.36 -14.52
CA ALA F 151 -23.94 30.15 -15.61
C ALA F 151 -24.98 29.10 -15.25
N ALA F 152 -24.56 28.12 -14.46
CA ALA F 152 -25.47 27.05 -14.02
C ALA F 152 -26.28 27.48 -12.81
N GLY F 153 -26.14 28.74 -12.41
CA GLY F 153 -26.84 29.26 -11.26
C GLY F 153 -26.60 28.43 -10.01
N LYS F 154 -25.32 28.27 -9.66
CA LYS F 154 -24.94 27.44 -8.52
C LYS F 154 -24.30 28.24 -7.40
N LEU F 155 -24.10 29.53 -7.64
CA LEU F 155 -23.41 30.38 -6.67
C LEU F 155 -24.37 31.01 -5.66
N SER F 156 -23.96 31.00 -4.40
CA SER F 156 -24.71 31.68 -3.35
C SER F 156 -24.50 33.18 -3.48
N ASP F 157 -23.29 33.55 -3.92
CA ASP F 157 -22.96 34.94 -4.20
C ASP F 157 -22.35 35.03 -5.59
N PRO F 158 -22.68 36.09 -6.34
CA PRO F 158 -22.25 36.28 -7.72
C PRO F 158 -20.72 36.30 -7.88
N ARG F 159 -20.03 36.82 -6.88
CA ARG F 159 -18.58 37.00 -6.97
C ARG F 159 -17.85 36.27 -5.86
N PRO F 160 -17.61 34.96 -6.03
CA PRO F 160 -16.89 34.17 -5.03
C PRO F 160 -15.45 34.63 -4.86
N LEU F 161 -14.77 34.92 -5.97
CA LEU F 161 -13.37 35.30 -5.91
C LEU F 161 -13.18 36.72 -5.37
N SER F 162 -12.33 36.85 -4.35
CA SER F 162 -12.09 38.13 -3.70
C SER F 162 -10.77 38.75 -4.13
N CYS F 163 -9.96 37.97 -4.82
CA CYS F 163 -8.69 38.45 -5.34
C CYS F 163 -8.06 37.45 -6.31
N ALA F 164 -7.00 37.88 -7.00
CA ALA F 164 -6.30 37.03 -7.94
C ALA F 164 -5.02 36.50 -7.30
N ILE F 165 -4.70 35.24 -7.59
CA ILE F 165 -3.51 34.60 -7.06
C ILE F 165 -2.50 34.34 -8.17
N ALA F 166 -1.24 34.63 -7.89
CA ALA F 166 -0.15 34.28 -8.80
C ALA F 166 1.08 33.98 -7.97
N ALA F 167 2.08 33.36 -8.60
CA ALA F 167 3.26 32.95 -7.86
C ALA F 167 4.47 32.84 -8.76
N VAL F 168 5.65 33.08 -8.19
CA VAL F 168 6.87 33.04 -8.96
C VAL F 168 8.03 32.60 -8.08
N SER F 169 9.05 32.01 -8.68
CA SER F 169 10.24 31.63 -7.94
C SER F 169 11.27 32.75 -7.99
N VAL F 170 12.01 32.93 -6.91
CA VAL F 170 13.08 33.91 -6.84
C VAL F 170 14.26 33.34 -6.08
N GLY F 171 15.45 33.84 -6.37
CA GLY F 171 16.64 33.38 -5.67
C GLY F 171 17.87 34.19 -5.97
N VAL F 172 18.97 33.81 -5.34
CA VAL F 172 20.25 34.44 -5.60
C VAL F 172 21.14 33.48 -6.40
N VAL F 173 21.28 33.76 -7.69
CA VAL F 173 22.13 32.97 -8.55
C VAL F 173 23.23 33.86 -9.09
N ASP F 174 24.47 33.40 -8.98
CA ASP F 174 25.62 34.20 -9.41
C ASP F 174 25.67 35.52 -8.64
N GLY F 175 25.30 35.47 -7.37
CA GLY F 175 25.34 36.65 -6.51
C GLY F 175 24.34 37.72 -6.91
N ARG F 176 23.45 37.37 -7.85
CA ARG F 176 22.44 38.31 -8.33
C ARG F 176 21.05 37.83 -7.97
N ILE F 177 20.15 38.77 -7.68
CA ILE F 177 18.78 38.41 -7.37
C ILE F 177 17.95 38.33 -8.65
N ARG F 178 17.48 37.12 -8.95
CA ARG F 178 16.78 36.87 -10.20
C ARG F 178 15.42 36.23 -9.97
N VAL F 179 14.52 36.42 -10.92
CA VAL F 179 13.16 35.89 -10.80
C VAL F 179 12.89 34.80 -11.83
N ASP F 180 12.06 33.82 -11.46
CA ASP F 180 11.67 32.74 -12.36
C ASP F 180 12.86 31.93 -12.85
N LEU F 181 13.38 31.07 -11.98
CA LEU F 181 14.60 30.31 -12.28
C LEU F 181 14.31 29.02 -13.04
N PRO F 182 15.01 28.80 -14.16
CA PRO F 182 14.93 27.51 -14.86
C PRO F 182 15.72 26.47 -14.07
N TYR F 183 15.80 25.25 -14.59
CA TYR F 183 16.56 24.20 -13.91
C TYR F 183 18.05 24.55 -13.84
N GLU F 184 18.57 25.13 -14.92
CA GLU F 184 19.97 25.51 -14.98
C GLU F 184 20.37 26.40 -13.80
N GLU F 185 19.64 27.49 -13.62
CA GLU F 185 19.92 28.44 -12.55
C GLU F 185 19.55 27.88 -11.19
N ASP F 186 18.39 27.24 -11.12
CA ASP F 186 17.87 26.72 -9.86
C ASP F 186 18.81 25.69 -9.22
N SER F 187 19.66 25.08 -10.04
CA SER F 187 20.59 24.06 -9.55
C SER F 187 21.87 24.66 -8.99
N ARG F 188 22.08 25.95 -9.21
CA ARG F 188 23.27 26.63 -8.72
C ARG F 188 22.91 27.73 -7.73
N ALA F 189 21.61 27.92 -7.51
CA ALA F 189 21.12 29.01 -6.67
C ALA F 189 21.70 28.95 -5.27
N GLU F 190 22.25 30.08 -4.82
CA GLU F 190 22.74 30.22 -3.45
C GLU F 190 21.58 30.08 -2.48
N VAL F 191 20.43 30.62 -2.87
CA VAL F 191 19.21 30.49 -2.09
C VAL F 191 17.98 30.51 -2.99
N ASP F 192 17.02 29.64 -2.70
CA ASP F 192 15.82 29.49 -3.52
C ASP F 192 14.57 29.70 -2.69
N MET F 193 13.48 30.05 -3.37
CA MET F 193 12.17 30.03 -2.74
C MET F 193 11.04 30.44 -3.68
N ASN F 194 9.81 30.21 -3.22
CA ASN F 194 8.62 30.48 -4.01
C ASN F 194 7.69 31.44 -3.28
N VAL F 195 7.26 32.47 -3.99
CA VAL F 195 6.40 33.50 -3.40
C VAL F 195 5.02 33.49 -4.02
N VAL F 196 4.00 33.47 -3.19
CA VAL F 196 2.63 33.54 -3.65
C VAL F 196 2.00 34.83 -3.15
N ALA F 197 1.34 35.55 -4.05
CA ALA F 197 0.80 36.86 -3.71
C ALA F 197 -0.55 37.11 -4.37
N THR F 198 -1.24 38.15 -3.92
CA THR F 198 -2.51 38.54 -4.51
C THR F 198 -2.33 39.79 -5.36
N ASP F 199 -3.34 40.12 -6.15
CA ASP F 199 -3.32 41.33 -6.97
C ASP F 199 -3.84 42.50 -6.15
N THR F 200 -4.15 42.24 -4.89
CA THR F 200 -4.62 43.29 -3.98
C THR F 200 -3.51 43.67 -2.99
N GLY F 201 -2.27 43.49 -3.40
CA GLY F 201 -1.12 43.96 -2.65
C GLY F 201 -0.70 43.11 -1.45
N THR F 202 -1.43 42.03 -1.18
CA THR F 202 -1.14 41.21 -0.02
C THR F 202 -0.35 39.95 -0.37
N LEU F 203 0.28 39.35 0.64
CA LEU F 203 1.05 38.12 0.46
C LEU F 203 0.22 36.91 0.84
N VAL F 204 0.62 35.74 0.35
CA VAL F 204 -0.08 34.51 0.66
C VAL F 204 0.84 33.48 1.33
N GLU F 205 2.02 33.29 0.75
CA GLU F 205 2.97 32.35 1.33
C GLU F 205 4.37 32.47 0.72
N ILE F 206 5.37 32.19 1.55
CA ILE F 206 6.75 32.08 1.10
C ILE F 206 7.18 30.66 1.45
N GLN F 207 7.75 29.94 0.49
CA GLN F 207 7.88 28.49 0.64
C GLN F 207 9.09 27.89 -0.06
N GLY F 208 9.59 26.80 0.50
CA GLY F 208 10.57 25.96 -0.16
C GLY F 208 11.91 26.61 -0.44
N THR F 209 12.68 26.85 0.63
CA THR F 209 14.04 27.36 0.48
C THR F 209 14.93 26.27 -0.09
N GLY F 210 15.85 26.66 -0.98
CA GLY F 210 16.73 25.71 -1.62
C GLY F 210 17.53 24.85 -0.66
N GLU F 211 17.82 23.63 -1.06
CA GLU F 211 18.56 22.69 -0.23
C GLU F 211 19.87 23.31 0.29
N GLY F 212 19.97 23.39 1.62
CA GLY F 212 21.18 23.86 2.26
C GLY F 212 21.31 25.37 2.30
N ALA F 213 20.27 26.08 1.87
CA ALA F 213 20.33 27.53 1.76
C ALA F 213 19.74 28.26 2.97
N THR F 214 20.45 29.27 3.44
CA THR F 214 19.93 30.21 4.43
C THR F 214 20.05 31.63 3.88
N PHE F 215 19.30 32.56 4.47
CA PHE F 215 19.28 33.92 3.94
C PHE F 215 19.02 34.98 5.01
N ALA F 216 19.71 36.11 4.88
CA ALA F 216 19.53 37.23 5.80
C ALA F 216 18.19 37.93 5.58
N ARG F 217 17.75 38.65 6.61
CA ARG F 217 16.52 39.41 6.56
C ARG F 217 16.50 40.37 5.37
N SER F 218 17.64 41.02 5.14
CA SER F 218 17.77 42.00 4.05
C SER F 218 17.65 41.33 2.69
N THR F 219 18.17 40.12 2.58
CA THR F 219 18.06 39.35 1.35
C THR F 219 16.60 39.00 1.08
N LEU F 220 15.88 38.60 2.12
CA LEU F 220 14.47 38.28 2.01
C LEU F 220 13.69 39.45 1.41
N ASP F 221 13.98 40.65 1.88
CA ASP F 221 13.27 41.84 1.42
C ASP F 221 13.53 42.14 -0.04
N LYS F 222 14.75 41.90 -0.51
CA LYS F 222 15.07 42.09 -1.92
C LYS F 222 14.42 41.01 -2.78
N LEU F 223 14.43 39.78 -2.30
CA LEU F 223 13.76 38.69 -2.99
C LEU F 223 12.27 38.99 -3.10
N LEU F 224 11.68 39.46 -2.01
CA LEU F 224 10.26 39.80 -2.00
C LEU F 224 9.96 40.93 -2.98
N ASP F 225 10.78 41.98 -2.97
CA ASP F 225 10.63 43.09 -3.91
C ASP F 225 10.56 42.57 -5.34
N MET F 226 11.55 41.77 -5.71
CA MET F 226 11.65 41.24 -7.06
C MET F 226 10.45 40.35 -7.41
N ALA F 227 10.17 39.37 -6.54
CA ALA F 227 9.06 38.46 -6.77
C ALA F 227 7.76 39.21 -7.00
N LEU F 228 7.46 40.16 -6.13
CA LEU F 228 6.22 40.93 -6.22
C LEU F 228 6.12 41.74 -7.51
N GLY F 229 7.28 42.13 -8.03
CA GLY F 229 7.32 42.83 -9.31
C GLY F 229 6.87 41.93 -10.45
N ALA F 230 7.41 40.72 -10.47
CA ALA F 230 7.08 39.75 -11.51
C ALA F 230 5.62 39.33 -11.44
N CYS F 231 5.10 39.19 -10.23
CA CYS F 231 3.71 38.78 -10.05
C CYS F 231 2.75 39.76 -10.74
N ASP F 232 3.10 41.03 -10.73
CA ASP F 232 2.30 42.05 -11.42
C ASP F 232 2.19 41.74 -12.91
N THR F 233 3.30 41.30 -13.50
CA THR F 233 3.30 40.87 -14.89
C THR F 233 2.39 39.66 -15.07
N LEU F 234 2.41 38.77 -14.09
CA LEU F 234 1.59 37.56 -14.14
C LEU F 234 0.10 37.89 -14.08
N PHE F 235 -0.27 38.79 -13.17
CA PHE F 235 -1.67 39.17 -13.02
C PHE F 235 -2.20 39.75 -14.33
N ALA F 236 -1.35 40.49 -15.04
CA ALA F 236 -1.71 41.05 -16.33
C ALA F 236 -1.95 39.94 -17.35
N ALA F 237 -1.05 38.97 -17.38
CA ALA F 237 -1.20 37.83 -18.30
C ALA F 237 -2.49 37.09 -18.02
N GLN F 238 -2.80 36.88 -16.74
CA GLN F 238 -4.03 36.22 -16.34
C GLN F 238 -5.24 37.00 -16.85
N ARG F 239 -5.24 38.31 -16.62
CA ARG F 239 -6.31 39.19 -17.07
C ARG F 239 -6.48 39.13 -18.59
N ASP F 240 -5.37 39.14 -19.31
CA ASP F 240 -5.41 39.08 -20.77
C ASP F 240 -6.07 37.78 -21.24
N ALA F 241 -5.70 36.68 -20.58
CA ALA F 241 -6.26 35.38 -20.93
C ALA F 241 -7.74 35.31 -20.55
N LEU F 242 -8.09 35.83 -19.38
CA LEU F 242 -9.46 35.77 -18.90
C LEU F 242 -10.38 36.76 -19.62
N ALA F 243 -9.78 37.66 -20.41
CA ALA F 243 -10.55 38.63 -21.19
C ALA F 243 -11.29 37.94 -22.34
N LEU F 244 -10.68 36.91 -22.90
CA LEU F 244 -11.29 36.14 -23.97
C LEU F 244 -12.56 35.46 -23.47
N PRO F 245 -13.48 35.15 -24.40
CA PRO F 245 -14.73 34.45 -24.05
C PRO F 245 -14.47 33.06 -23.50
N TYR F 246 -15.39 32.55 -22.68
CA TYR F 246 -15.31 31.19 -22.19
C TYR F 246 -15.10 30.23 -23.36
N PRO F 247 -14.01 29.45 -23.32
CA PRO F 247 -13.53 28.64 -24.45
C PRO F 247 -14.37 27.40 -24.76
N GLY F 248 -15.55 27.30 -24.17
CA GLY F 248 -16.39 26.13 -24.40
C GLY F 248 -17.88 26.38 -24.25
N VAL F 249 -18.65 25.30 -24.33
CA VAL F 249 -20.09 25.38 -24.14
C VAL F 249 -20.40 25.67 -22.67
N LEU F 250 -21.25 26.65 -22.44
CA LEU F 250 -21.57 27.07 -21.08
C LEU F 250 -23.00 26.66 -20.70
N PRO F 251 -23.17 26.14 -19.48
CA PRO F 251 -24.48 25.70 -18.97
C PRO F 251 -25.58 26.72 -19.27
#